data_7Y22
#
_entry.id   7Y22
#
_cell.length_a   1.00
_cell.length_b   1.00
_cell.length_c   1.00
_cell.angle_alpha   90.00
_cell.angle_beta   90.00
_cell.angle_gamma   90.00
#
_symmetry.space_group_name_H-M   'P 1'
#
loop_
_entity.id
_entity.type
_entity.pdbx_description
1 polymer 'phage connector protein'
2 polymer 'phage tail tubular protein A'
3 polymer 'phage tail tubular protein B'
4 polymer 'tail adaptor protein'
#
loop_
_entity_poly.entity_id
_entity_poly.type
_entity_poly.pdbx_seq_one_letter_code
_entity_poly.pdbx_strand_id
1 'polypeptide(L)'
;MDIRGGASYSGKKSKIPELWEKLSRKRNEFLDRAKHYARLTLPYLLNEPGNNESAQNGWQGTGAQATNHLANKLAQVLFP
AQRSFFRVDLTVKGEKALLERGYQKTKLATVFAKIETQAMKALDARQFRPAVVEAFKHLLVAGNCMLYKPVKSANDPAGP
ISCIPMHHYAVQRDTNGQLMDIILLQEKALRTFEPALRAVIQAARKGKQLKDSDNVKLYTHACYEGDGFWKVQQSADDLP
VGKSSRVKADKLPFMVLTWKRSYGEDWGRPLCEDYSGDLFVVQFLSEAVARGAALMADIKYLIRPGAQTDVEHFVNSGTG
EVITGVEEDIHIVQLGKYADLTPIDAVLEKYVRRIGVVFMMESLVRRDAERVTALEIQRDAMEVEQSLGGAYSLFSVTMQ
QPMAIWGLQENAGSFGSEFIDPVIITGIEALGRMAELDKLAQFSNYMNLPTTWPEWAQDAIKPTEYMDWVRGQISADFPF
LMSEEEAAAAAEQAQEQQADQTLNEGVAQAIPQVINQGLQEL
;
A,B
2 'polypeptide(L)'
;MPIQSDTPSIMAESQFNSLSTKLDAVNLCMRAIGRSGVDNLTSGDLDAEDADTMIDIVSQRLQYNDGKGWWFNREPRWSF
APDSNGEVVLPNNTLQVLQAYTLNTRKIDITIRAGRLYSTTLHSFDVSPLVGPDGFIWLDLMLMLPFEHMPLNVLQAIAY
QAAAEFIVSKDADQTKLQMHMQMAANLHTGMQVEESKQNRLNMLVHNPTQRNFGIMAGGPNNTAGFDHSPYDRYPVRPWR
W
;
M,X
3 'polypeptide(L)'
;MEVQGSLGRQIQGISQQPASVRLPGQCTDAINCSMDVVEGTKSRPGTVHIARLGDLGLIQDNTNIHHYRRGDDVEEYWMI
TNPLGIPDIFDKQGRKCTVTETEGAASYFNSNNPRVDYKFFTVGDTTFVVNRTKIVRARADKTPAVGGTALVFSAYGQYG
TNYQIIINGVKAAEYKTASGGSASDVETIRTEVIAEQLYTNLLTWAGASDYSISRMGTTIVISSLSGASFTVDTEDGSKG
KDLVAIQYKVTSTDLLPSKAPVGYLVQVWPTGSKPESRYWLKAEAADGNLVTWQETLGADEVLGFDGSTMPYIIERTNIV
GGIAQFTIKQGYWDDRAVGDELTNPMPSFVDQSLSDIFMVQNRLCLAAGESCIMSRTSYFFQFFRQTVLSAVDTDPIDVF
ADASEVYALKHAKVLDGDTVLFSDNAQFILPGDKPLTKATALLRPTTTFEVDTNVAPVVTGEAVMFATKDGAYSNIREFY
TDSYSDTKKAQPVTSHVNKLIRGGIYHMASSTNFNRLFALSEDNRSRVFVYDWLWQGTDKVQSAWHKWEFYGATIGGLYY
SGETLYLIIKRNDGVFLEAMYMGDPLLSGSDQVRMDRTVTVSLTWDEATLSWKSSPLPWVPTQVEMLEAVLTNGDPAYLG
GAFLFEYDANTRILSTKYGLGDTSQIWAAKVGQMYKVEFVPTDVIIRDSQDRVSYQDVPVIGLVHLNLDRYPDFTVEITN
RKSGAVRVAKASNRVGGARNNVVGYVKPTSGTFSFPLRALSTDVEYRIISISPHTFQLRDIEWSGSYNPTRKRV
;
Y
4 'polypeptide(L)'
;MSYSYVERTGDGVATTFNFAFTGKGKGYLLANQIYVERWDGASWQSATGWSLSGTNQITFLTPLANGQVIRIRRIAGKDY
PFAQFEPGVMLDMASLNNTFIHLLEITQELLDGFYPDGFYLKQDLNMGWNKIVNLMPGTDGGHAVNKTQLDTLSSHVDDV
DQKHTIWNDRQDQQIDGLLKAFDSNISYRTAPWTYEAAGGETMVFPPFYFASALVWRDGAYQDQQAGAFEIDNNVITLAD
PPLRAGERVSVLVGSYITPADPGSWEWIHVAANGTTTSVDLGVSVSDIDDVTLDGLSQGRSNYTLTGTVLDFGEVIPECT
VGARVQLA
;
e,f,g
#
# COMPACT_ATOMS: atom_id res chain seq x y z
N SER A 14 -22.00 79.10 9.86
CA SER A 14 -20.77 78.56 10.41
C SER A 14 -21.06 77.33 11.27
N LYS A 15 -22.11 77.42 12.09
CA LYS A 15 -22.52 76.34 12.97
C LYS A 15 -23.53 75.40 12.30
N ILE A 16 -23.57 75.40 10.98
CA ILE A 16 -24.49 74.57 10.19
C ILE A 16 -24.01 73.13 10.05
N PRO A 17 -22.75 72.86 9.67
CA PRO A 17 -22.40 71.50 9.23
C PRO A 17 -22.69 70.38 10.22
N GLU A 18 -22.52 70.61 11.53
CA GLU A 18 -22.73 69.52 12.47
C GLU A 18 -24.20 69.11 12.56
N LEU A 19 -25.11 70.07 12.41
CA LEU A 19 -26.53 69.71 12.33
C LEU A 19 -26.81 68.85 11.12
N TRP A 20 -26.20 69.18 9.98
CA TRP A 20 -26.33 68.35 8.79
C TRP A 20 -25.77 66.97 9.03
N GLU A 21 -24.65 66.86 9.73
CA GLU A 21 -24.06 65.56 10.03
C GLU A 21 -25.00 64.73 10.90
N LYS A 22 -25.59 65.35 11.93
CA LYS A 22 -26.54 64.63 12.79
C LYS A 22 -27.74 64.16 12.00
N LEU A 23 -28.30 65.02 11.15
CA LEU A 23 -29.47 64.65 10.38
C LEU A 23 -29.14 63.56 9.36
N SER A 24 -27.94 63.60 8.78
CA SER A 24 -27.52 62.54 7.88
C SER A 24 -27.36 61.21 8.61
N ARG A 25 -26.82 61.26 9.83
CA ARG A 25 -26.75 60.05 10.64
C ARG A 25 -28.14 59.49 10.91
N LYS A 26 -29.11 60.36 11.16
CA LYS A 26 -30.48 59.91 11.31
C LYS A 26 -31.02 59.31 10.01
N ARG A 27 -30.70 59.93 8.87
CA ARG A 27 -31.25 59.52 7.58
C ARG A 27 -30.63 58.22 7.06
N ASN A 28 -29.44 57.86 7.53
CA ASN A 28 -28.69 56.76 6.93
C ASN A 28 -29.49 55.47 6.82
N GLU A 29 -30.36 55.18 7.79
CA GLU A 29 -31.14 53.94 7.74
C GLU A 29 -32.06 53.92 6.53
N PHE A 30 -32.88 54.97 6.38
CA PHE A 30 -33.77 55.05 5.23
C PHE A 30 -32.98 55.15 3.94
N LEU A 31 -31.82 55.80 3.96
CA LEU A 31 -30.99 55.88 2.77
C LEU A 31 -30.53 54.50 2.32
N ASP A 32 -30.07 53.67 3.27
CA ASP A 32 -29.64 52.32 2.93
C ASP A 32 -30.81 51.47 2.43
N ARG A 33 -31.96 51.58 3.09
CA ARG A 33 -33.14 50.84 2.63
C ARG A 33 -33.52 51.27 1.22
N ALA A 34 -33.46 52.57 0.93
CA ALA A 34 -33.80 53.05 -0.39
C ALA A 34 -32.82 52.55 -1.45
N LYS A 35 -31.53 52.51 -1.10
CA LYS A 35 -30.54 51.96 -2.04
C LYS A 35 -30.82 50.49 -2.33
N HIS A 36 -31.11 49.70 -1.28
CA HIS A 36 -31.42 48.29 -1.50
C HIS A 36 -32.65 48.12 -2.37
N TYR A 37 -33.67 48.95 -2.14
CA TYR A 37 -34.90 48.87 -2.93
C TYR A 37 -34.67 49.28 -4.38
N ALA A 38 -33.85 50.31 -4.60
CA ALA A 38 -33.54 50.74 -5.96
C ALA A 38 -32.72 49.68 -6.69
N ARG A 39 -31.91 48.91 -5.96
CA ARG A 39 -31.18 47.81 -6.60
C ARG A 39 -32.12 46.84 -7.29
N LEU A 40 -33.33 46.67 -6.75
CA LEU A 40 -34.27 45.71 -7.32
C LEU A 40 -34.80 46.17 -8.67
N THR A 41 -35.23 47.43 -8.77
CA THR A 41 -35.95 47.91 -9.93
C THR A 41 -35.18 48.96 -10.72
N LEU A 42 -34.81 50.08 -10.09
CA LEU A 42 -34.22 51.22 -10.79
C LEU A 42 -32.91 51.58 -10.12
N PRO A 43 -31.80 50.99 -10.55
CA PRO A 43 -30.52 51.21 -9.84
C PRO A 43 -30.03 52.64 -9.89
N TYR A 44 -30.36 53.41 -10.92
CA TYR A 44 -29.70 54.69 -11.15
C TYR A 44 -30.27 55.84 -10.34
N LEU A 45 -31.41 55.67 -9.68
CA LEU A 45 -32.02 56.78 -8.96
C LEU A 45 -31.10 57.32 -7.87
N LEU A 46 -30.57 56.43 -7.03
CA LEU A 46 -29.66 56.82 -5.96
C LEU A 46 -28.22 56.62 -6.45
N ASN A 47 -27.68 57.63 -7.12
CA ASN A 47 -26.33 57.58 -7.66
C ASN A 47 -25.57 58.81 -7.16
N GLU A 48 -24.87 58.65 -6.05
CA GLU A 48 -24.04 59.72 -5.54
C GLU A 48 -22.87 59.97 -6.49
N PRO A 49 -22.33 61.19 -6.51
CA PRO A 49 -21.18 61.47 -7.39
C PRO A 49 -19.99 60.59 -7.05
N GLY A 50 -19.55 59.81 -8.03
CA GLY A 50 -18.46 58.88 -7.86
C GLY A 50 -18.86 57.44 -7.66
N ASN A 51 -20.16 57.14 -7.59
CA ASN A 51 -20.62 55.77 -7.41
C ASN A 51 -20.83 55.07 -8.75
N ASN A 52 -21.74 55.60 -9.58
CA ASN A 52 -22.03 55.07 -10.90
C ASN A 52 -22.34 53.57 -10.85
N GLU A 53 -23.42 53.24 -10.16
CA GLU A 53 -23.78 51.84 -9.91
C GLU A 53 -24.65 51.27 -11.03
N SER A 54 -24.22 51.48 -12.28
CA SER A 54 -24.84 50.87 -13.46
C SER A 54 -26.31 51.21 -13.60
N ALA A 55 -26.97 50.63 -14.62
CA ALA A 55 -28.41 50.73 -14.75
C ALA A 55 -29.02 49.43 -15.25
N GLN A 56 -28.37 48.29 -15.01
CA GLN A 56 -28.88 47.00 -15.46
C GLN A 56 -30.17 46.65 -14.74
N ASN A 57 -31.11 46.04 -15.48
CA ASN A 57 -32.30 45.49 -14.86
C ASN A 57 -32.02 44.20 -14.12
N GLY A 58 -30.89 43.56 -14.39
CA GLY A 58 -30.61 42.28 -13.77
C GLY A 58 -31.42 41.16 -14.42
N TRP A 59 -31.76 40.17 -13.60
CA TRP A 59 -32.45 39.00 -14.12
C TRP A 59 -33.85 39.35 -14.65
N GLN A 60 -34.59 40.19 -13.93
CA GLN A 60 -35.95 40.53 -14.30
C GLN A 60 -36.05 42.02 -14.57
N GLY A 61 -36.88 42.38 -15.56
CA GLY A 61 -37.14 43.76 -15.89
C GLY A 61 -38.56 44.22 -15.72
N THR A 62 -39.45 43.40 -15.15
CA THR A 62 -40.85 43.78 -15.02
C THR A 62 -41.01 44.97 -14.07
N GLY A 63 -40.26 44.98 -12.96
CA GLY A 63 -40.43 46.03 -11.97
C GLY A 63 -40.10 47.41 -12.51
N ALA A 64 -39.00 47.52 -13.26
CA ALA A 64 -38.59 48.82 -13.77
C ALA A 64 -39.62 49.38 -14.75
N GLN A 65 -40.08 48.55 -15.67
CA GLN A 65 -41.09 48.99 -16.63
C GLN A 65 -42.38 49.35 -15.92
N ALA A 66 -42.80 48.55 -14.95
CA ALA A 66 -44.04 48.81 -14.23
C ALA A 66 -43.97 50.13 -13.47
N THR A 67 -42.87 50.37 -12.76
CA THR A 67 -42.76 51.61 -12.00
C THR A 67 -42.62 52.82 -12.91
N ASN A 68 -41.92 52.67 -14.05
CA ASN A 68 -41.85 53.77 -15.00
C ASN A 68 -43.23 54.12 -15.53
N HIS A 69 -44.01 53.10 -15.90
CA HIS A 69 -45.36 53.34 -16.40
C HIS A 69 -46.22 54.01 -15.35
N LEU A 70 -46.16 53.52 -14.11
CA LEU A 70 -47.01 54.08 -13.06
C LEU A 70 -46.63 55.53 -12.78
N ALA A 71 -45.34 55.81 -12.60
CA ALA A 71 -44.92 57.17 -12.31
C ALA A 71 -45.28 58.11 -13.45
N ASN A 72 -45.05 57.67 -14.70
CA ASN A 72 -45.39 58.52 -15.83
C ASN A 72 -46.89 58.78 -15.93
N LYS A 73 -47.71 57.76 -15.69
CA LYS A 73 -49.15 57.96 -15.85
C LYS A 73 -49.68 58.85 -14.73
N LEU A 74 -49.17 58.71 -13.51
CA LEU A 74 -49.57 59.63 -12.44
C LEU A 74 -49.12 61.05 -12.76
N ALA A 75 -47.91 61.22 -13.32
CA ALA A 75 -47.47 62.55 -13.70
C ALA A 75 -48.37 63.15 -14.77
N GLN A 76 -48.77 62.35 -15.75
CA GLN A 76 -49.62 62.86 -16.83
C GLN A 76 -51.01 63.22 -16.31
N VAL A 77 -51.65 62.31 -15.58
CA VAL A 77 -53.03 62.53 -15.15
C VAL A 77 -53.07 63.66 -14.10
N LEU A 78 -52.17 63.60 -13.12
CA LEU A 78 -52.27 64.53 -12.00
C LEU A 78 -51.91 65.95 -12.42
N PHE A 79 -51.07 66.09 -13.44
CA PHE A 79 -50.71 67.38 -14.03
C PHE A 79 -50.93 67.31 -15.53
N PRO A 80 -52.17 67.45 -16.00
CA PRO A 80 -52.41 67.44 -17.45
C PRO A 80 -51.63 68.54 -18.15
N ALA A 81 -50.97 68.17 -19.25
CA ALA A 81 -50.11 69.11 -19.95
C ALA A 81 -50.92 70.13 -20.74
N GLN A 82 -51.96 69.67 -21.45
CA GLN A 82 -52.70 70.56 -22.33
C GLN A 82 -53.43 71.65 -21.56
N ARG A 83 -54.08 71.29 -20.45
CA ARG A 83 -54.94 72.20 -19.73
C ARG A 83 -54.37 72.51 -18.34
N SER A 84 -54.88 73.57 -17.74
CA SER A 84 -54.48 73.93 -16.39
C SER A 84 -54.98 72.89 -15.40
N PHE A 85 -54.17 72.65 -14.36
CA PHE A 85 -54.53 71.69 -13.33
C PHE A 85 -55.24 72.37 -12.17
N THR A 106 -69.68 87.93 -10.54
CA THR A 106 -69.72 87.33 -11.87
C THR A 106 -68.83 88.10 -12.84
N LYS A 107 -68.83 89.43 -12.72
CA LYS A 107 -68.01 90.26 -13.60
C LYS A 107 -66.53 90.05 -13.36
N LEU A 108 -66.12 89.86 -12.10
CA LEU A 108 -64.71 89.66 -11.79
C LEU A 108 -64.20 88.30 -12.23
N ALA A 109 -65.09 87.36 -12.56
CA ALA A 109 -64.69 86.00 -12.89
C ALA A 109 -63.71 86.00 -14.07
N THR A 110 -63.99 86.78 -15.11
CA THR A 110 -63.09 86.90 -16.23
C THR A 110 -61.69 87.28 -15.76
N VAL A 111 -61.60 88.27 -14.87
CA VAL A 111 -60.32 88.68 -14.32
C VAL A 111 -59.60 87.49 -13.71
N PHE A 112 -60.34 86.70 -12.92
CA PHE A 112 -59.76 85.49 -12.35
C PHE A 112 -59.11 84.63 -13.43
N ALA A 113 -59.85 84.37 -14.50
CA ALA A 113 -59.32 83.57 -15.60
C ALA A 113 -57.97 84.12 -16.04
N LYS A 114 -57.89 85.44 -16.25
CA LYS A 114 -56.64 86.07 -16.62
C LYS A 114 -55.49 85.58 -15.75
N ILE A 115 -55.62 85.78 -14.43
CA ILE A 115 -54.50 85.47 -13.55
C ILE A 115 -54.15 83.99 -13.64
N GLU A 116 -55.17 83.14 -13.80
CA GLU A 116 -54.91 81.71 -13.93
C GLU A 116 -53.94 81.45 -15.08
N THR A 117 -54.26 81.99 -16.26
CA THR A 117 -53.37 81.81 -17.41
C THR A 117 -51.97 82.31 -17.07
N GLN A 118 -51.88 83.47 -16.43
CA GLN A 118 -50.57 84.01 -16.07
C GLN A 118 -49.79 82.99 -15.24
N ALA A 119 -50.45 82.40 -14.24
CA ALA A 119 -49.78 81.40 -13.42
C ALA A 119 -49.25 80.27 -14.29
N MET A 120 -50.09 79.77 -15.19
CA MET A 120 -49.64 78.69 -16.07
C MET A 120 -48.48 79.14 -16.93
N LYS A 121 -48.52 80.39 -17.41
CA LYS A 121 -47.39 80.91 -18.16
C LYS A 121 -46.12 80.86 -17.31
N ALA A 122 -46.22 81.25 -16.04
CA ALA A 122 -45.07 81.19 -15.15
C ALA A 122 -44.56 79.76 -15.03
N LEU A 123 -45.48 78.79 -15.05
CA LEU A 123 -45.05 77.39 -14.98
C LEU A 123 -44.50 76.91 -16.31
N ASP A 124 -44.95 77.50 -17.42
CA ASP A 124 -44.44 77.08 -18.73
C ASP A 124 -43.04 77.59 -18.97
N ALA A 125 -42.68 78.74 -18.41
CA ALA A 125 -41.33 79.28 -18.53
C ALA A 125 -40.39 78.70 -17.48
N ARG A 126 -40.88 77.85 -16.58
CA ARG A 126 -40.06 77.30 -15.51
C ARG A 126 -39.71 75.83 -15.71
N GLN A 127 -40.31 75.15 -16.68
CA GLN A 127 -39.96 73.77 -17.03
C GLN A 127 -40.05 72.86 -15.82
N PHE A 128 -41.27 72.69 -15.31
CA PHE A 128 -41.50 71.94 -14.09
C PHE A 128 -41.94 70.49 -14.33
N ARG A 129 -42.49 70.18 -15.49
CA ARG A 129 -43.03 68.83 -15.72
C ARG A 129 -41.98 67.73 -15.56
N PRO A 130 -40.80 67.82 -16.18
CA PRO A 130 -39.79 66.77 -15.92
C PRO A 130 -39.40 66.68 -14.45
N ALA A 131 -39.37 67.80 -13.74
CA ALA A 131 -39.10 67.75 -12.31
C ALA A 131 -40.20 66.98 -11.58
N VAL A 132 -41.46 67.17 -11.98
CA VAL A 132 -42.56 66.42 -11.38
C VAL A 132 -42.40 64.93 -11.65
N VAL A 133 -42.03 64.58 -12.88
CA VAL A 133 -41.84 63.16 -13.21
C VAL A 133 -40.72 62.57 -12.37
N GLU A 134 -39.61 63.30 -12.23
CA GLU A 134 -38.48 62.79 -11.46
C GLU A 134 -38.85 62.65 -9.99
N ALA A 135 -39.62 63.60 -9.46
CA ALA A 135 -40.09 63.52 -8.09
C ALA A 135 -40.98 62.31 -7.87
N PHE A 136 -41.86 62.03 -8.83
CA PHE A 136 -42.69 60.83 -8.72
C PHE A 136 -41.84 59.56 -8.76
N LYS A 137 -40.80 59.56 -9.59
CA LYS A 137 -39.88 58.41 -9.62
C LYS A 137 -39.22 58.22 -8.25
N HIS A 138 -38.76 59.30 -7.63
CA HIS A 138 -38.19 59.19 -6.29
C HIS A 138 -39.22 58.69 -5.29
N LEU A 139 -40.45 59.20 -5.36
CA LEU A 139 -41.47 58.79 -4.41
C LEU A 139 -41.79 57.31 -4.54
N LEU A 140 -41.84 56.82 -5.78
CA LEU A 140 -42.07 55.39 -5.99
C LEU A 140 -40.88 54.56 -5.50
N VAL A 141 -39.66 55.02 -5.73
CA VAL A 141 -38.49 54.23 -5.37
C VAL A 141 -37.92 54.65 -4.03
N ALA A 142 -37.41 55.89 -3.95
CA ALA A 142 -36.82 56.35 -2.70
C ALA A 142 -37.89 56.71 -1.67
N GLY A 143 -38.94 57.40 -2.10
CA GLY A 143 -40.04 57.76 -1.24
C GLY A 143 -40.05 59.21 -0.79
N ASN A 144 -38.93 59.92 -0.88
CA ASN A 144 -38.88 61.30 -0.44
C ASN A 144 -37.93 62.10 -1.33
N CYS A 145 -38.20 63.40 -1.41
CA CYS A 145 -37.39 64.35 -2.16
C CYS A 145 -37.94 65.74 -1.89
N MET A 146 -37.30 66.76 -2.46
CA MET A 146 -37.92 68.08 -2.48
C MET A 146 -37.85 68.71 -3.85
N LEU A 147 -38.77 69.64 -4.08
CA LEU A 147 -38.77 70.51 -5.25
C LEU A 147 -38.32 71.89 -4.79
N TYR A 148 -37.25 72.39 -5.40
CA TYR A 148 -36.64 73.66 -5.02
C TYR A 148 -36.78 74.64 -6.17
N LYS A 149 -37.25 75.85 -5.85
CA LYS A 149 -37.37 76.91 -6.84
C LYS A 149 -36.17 77.84 -6.71
N PRO A 150 -35.30 77.93 -7.72
CA PRO A 150 -34.15 78.82 -7.61
C PRO A 150 -34.54 80.28 -7.77
N VAL A 151 -33.68 81.15 -7.23
CA VAL A 151 -33.87 82.59 -7.42
C VAL A 151 -33.45 82.96 -8.84
N LYS A 152 -34.17 83.91 -9.43
CA LYS A 152 -33.89 84.31 -10.81
C LYS A 152 -32.47 84.85 -10.94
N SER A 153 -31.77 84.39 -11.98
CA SER A 153 -30.41 84.82 -12.22
C SER A 153 -30.13 84.76 -13.72
N ALA A 154 -29.14 85.55 -14.15
CA ALA A 154 -28.84 85.64 -15.57
C ALA A 154 -28.09 84.43 -16.10
N ASN A 155 -27.43 83.65 -15.23
CA ASN A 155 -26.73 82.46 -15.69
C ASN A 155 -27.72 81.44 -16.27
N ASP A 156 -28.86 81.25 -15.59
CA ASP A 156 -29.95 80.42 -16.08
C ASP A 156 -31.23 81.23 -15.93
N PRO A 157 -31.64 81.95 -16.97
CA PRO A 157 -32.78 82.86 -16.82
C PRO A 157 -34.13 82.15 -16.66
N ALA A 158 -34.27 80.93 -17.18
CA ALA A 158 -35.49 80.18 -16.92
C ALA A 158 -35.60 79.81 -15.45
N GLY A 159 -34.48 79.44 -14.83
CA GLY A 159 -34.47 79.04 -13.44
C GLY A 159 -35.38 77.85 -13.16
N PRO A 160 -35.06 76.70 -13.75
CA PRO A 160 -35.96 75.55 -13.61
C PRO A 160 -35.98 75.04 -12.17
N ILE A 161 -37.14 74.50 -11.79
CA ILE A 161 -37.29 73.89 -10.47
C ILE A 161 -36.48 72.60 -10.43
N SER A 162 -35.66 72.44 -9.39
CA SER A 162 -34.80 71.28 -9.25
C SER A 162 -35.47 70.24 -8.37
N CYS A 163 -35.33 68.98 -8.76
CA CYS A 163 -35.88 67.85 -8.01
C CYS A 163 -34.73 67.24 -7.19
N ILE A 164 -34.49 67.83 -6.03
CA ILE A 164 -33.36 67.40 -5.21
C ILE A 164 -33.72 66.08 -4.52
N PRO A 165 -32.86 65.07 -4.60
CA PRO A 165 -33.17 63.73 -4.09
C PRO A 165 -33.02 63.68 -2.58
N MET A 166 -33.22 62.46 -2.04
CA MET A 166 -33.33 62.30 -0.60
C MET A 166 -32.00 62.48 0.12
N HIS A 167 -30.91 61.97 -0.47
CA HIS A 167 -29.65 61.92 0.27
C HIS A 167 -28.97 63.27 0.42
N HIS A 168 -29.23 64.22 -0.48
CA HIS A 168 -28.56 65.51 -0.39
C HIS A 168 -29.12 66.38 0.72
N TYR A 169 -30.42 66.39 0.92
CA TYR A 169 -31.02 67.28 1.90
C TYR A 169 -31.21 66.57 3.24
N ALA A 170 -31.63 67.34 4.23
CA ALA A 170 -31.93 66.82 5.56
C ALA A 170 -33.20 67.49 6.07
N VAL A 171 -34.05 66.71 6.71
CA VAL A 171 -35.29 67.20 7.29
C VAL A 171 -35.42 66.67 8.71
N GLN A 172 -35.80 67.54 9.64
CA GLN A 172 -36.14 67.14 10.99
C GLN A 172 -37.53 67.66 11.31
N ARG A 173 -38.38 66.78 11.81
CA ARG A 173 -39.77 67.07 12.10
C ARG A 173 -40.07 66.79 13.56
N ASP A 174 -41.15 67.40 14.06
CA ASP A 174 -41.59 67.15 15.42
C ASP A 174 -42.43 65.88 15.46
N THR A 175 -42.87 65.50 16.68
CA THR A 175 -43.71 64.31 16.82
C THR A 175 -45.04 64.48 16.11
N ASN A 176 -45.61 65.69 16.16
CA ASN A 176 -46.87 65.95 15.48
C ASN A 176 -46.73 65.78 13.97
N GLY A 177 -45.63 66.25 13.41
CA GLY A 177 -45.37 66.15 11.98
C GLY A 177 -44.98 67.43 11.30
N GLN A 178 -45.01 68.57 11.98
CA GLN A 178 -44.63 69.83 11.37
C GLN A 178 -43.13 69.88 11.09
N LEU A 179 -42.77 70.50 9.98
CA LEU A 179 -41.36 70.60 9.58
C LEU A 179 -40.62 71.51 10.54
N MET A 180 -39.64 70.97 11.25
CA MET A 180 -38.85 71.77 12.19
C MET A 180 -37.64 72.40 11.51
N ASP A 181 -36.76 71.57 10.94
CA ASP A 181 -35.52 72.05 10.35
C ASP A 181 -35.34 71.48 8.96
N ILE A 182 -34.89 72.32 8.03
CA ILE A 182 -34.56 71.89 6.68
C ILE A 182 -33.13 72.31 6.36
N ILE A 183 -32.34 71.37 5.82
CA ILE A 183 -30.96 71.63 5.41
C ILE A 183 -30.83 71.22 3.95
N LEU A 184 -30.21 72.07 3.15
CA LEU A 184 -29.97 71.80 1.74
C LEU A 184 -28.49 71.95 1.44
N LEU A 185 -27.94 71.00 0.68
CA LEU A 185 -26.56 71.05 0.22
C LEU A 185 -26.56 71.23 -1.29
N GLN A 186 -25.87 72.26 -1.76
CA GLN A 186 -25.74 72.50 -3.20
C GLN A 186 -24.28 72.67 -3.55
N GLU A 187 -23.93 72.35 -4.79
CA GLU A 187 -22.56 72.43 -5.28
C GLU A 187 -22.55 73.09 -6.64
N LYS A 188 -21.85 74.22 -6.76
CA LYS A 188 -21.72 74.90 -8.05
C LYS A 188 -20.30 75.40 -8.24
N ALA A 189 -19.98 75.72 -9.49
CA ALA A 189 -18.68 76.28 -9.82
C ALA A 189 -18.56 77.69 -9.25
N LEU A 190 -17.32 78.20 -9.26
CA LEU A 190 -17.05 79.51 -8.66
C LEU A 190 -17.79 80.61 -9.39
N ARG A 191 -17.83 80.56 -10.72
CA ARG A 191 -18.43 81.63 -11.54
C ARG A 191 -19.90 81.31 -11.78
N THR A 192 -20.64 81.16 -10.68
CA THR A 192 -22.08 80.91 -10.77
C THR A 192 -22.91 81.84 -9.90
N PHE A 193 -22.33 82.94 -9.42
CA PHE A 193 -23.03 83.87 -8.53
C PHE A 193 -23.01 85.27 -9.13
N GLU A 194 -24.21 85.83 -9.32
CA GLU A 194 -24.30 87.20 -9.84
C GLU A 194 -23.64 88.23 -8.94
N PRO A 195 -23.90 88.27 -7.61
CA PRO A 195 -23.32 89.33 -6.79
C PRO A 195 -21.84 89.15 -6.53
N ALA A 196 -21.29 89.97 -5.64
CA ALA A 196 -19.87 89.97 -5.29
C ALA A 196 -19.46 88.77 -4.43
N LEU A 197 -20.32 87.75 -4.34
CA LEU A 197 -19.95 86.55 -3.60
C LEU A 197 -18.64 85.94 -4.11
N ARG A 198 -18.38 86.05 -5.42
CA ARG A 198 -17.09 85.64 -5.94
C ARG A 198 -15.97 86.52 -5.40
N ALA A 199 -16.21 87.82 -5.29
CA ALA A 199 -15.20 88.74 -4.78
C ALA A 199 -14.84 88.42 -3.33
N VAL A 200 -15.85 88.09 -2.52
CA VAL A 200 -15.60 87.72 -1.13
C VAL A 200 -15.23 86.25 -0.97
N ILE A 201 -15.27 85.48 -2.05
CA ILE A 201 -14.98 84.05 -2.03
C ILE A 201 -15.89 83.33 -1.04
N ASN A 215 -15.29 74.63 -7.90
CA ASN A 215 -16.25 73.74 -7.24
C ASN A 215 -16.37 74.08 -5.76
N VAL A 216 -17.53 74.64 -5.39
CA VAL A 216 -17.80 75.02 -4.00
C VAL A 216 -19.17 74.50 -3.60
N LYS A 217 -19.25 73.98 -2.38
CA LYS A 217 -20.50 73.49 -1.81
C LYS A 217 -20.97 74.44 -0.72
N LEU A 218 -22.27 74.70 -0.70
CA LEU A 218 -22.88 75.62 0.26
C LEU A 218 -24.13 74.98 0.86
N TYR A 219 -24.43 75.39 2.08
CA TYR A 219 -25.55 74.89 2.85
C TYR A 219 -26.60 75.99 3.00
N THR A 220 -27.86 75.57 2.98
CA THR A 220 -29.00 76.46 3.21
C THR A 220 -29.82 75.89 4.36
N HIS A 221 -30.01 76.70 5.40
CA HIS A 221 -30.70 76.27 6.61
C HIS A 221 -32.02 77.04 6.75
N ALA A 222 -33.08 76.32 7.11
CA ALA A 222 -34.40 76.90 7.28
C ALA A 222 -35.01 76.39 8.58
N CYS A 223 -35.40 77.32 9.45
CA CYS A 223 -36.04 76.98 10.72
C CYS A 223 -36.86 78.17 11.20
N TYR A 224 -38.08 77.91 11.67
CA TYR A 224 -38.94 79.00 12.13
C TYR A 224 -38.92 79.06 13.66
N GLU A 225 -39.27 80.23 14.19
CA GLU A 225 -39.44 80.36 15.64
C GLU A 225 -40.90 80.39 16.07
N GLY A 226 -41.82 80.26 15.13
CA GLY A 226 -43.24 80.35 15.45
C GLY A 226 -43.92 81.45 14.66
N ASP A 227 -45.25 81.45 14.65
CA ASP A 227 -46.05 82.42 13.89
C ASP A 227 -45.72 82.39 12.40
N GLY A 228 -45.19 81.28 11.91
CA GLY A 228 -44.78 81.19 10.51
C GLY A 228 -43.65 82.12 10.14
N PHE A 229 -42.70 82.33 11.05
CA PHE A 229 -41.55 83.19 10.82
C PHE A 229 -40.31 82.32 10.74
N TRP A 230 -39.79 82.15 9.52
CA TRP A 230 -38.67 81.26 9.24
C TRP A 230 -37.40 82.06 9.01
N LYS A 231 -36.35 81.73 9.77
CA LYS A 231 -35.00 82.12 9.46
C LYS A 231 -34.46 81.22 8.36
N VAL A 232 -33.89 81.83 7.32
CA VAL A 232 -33.14 81.13 6.30
C VAL A 232 -31.73 81.73 6.25
N GLN A 233 -30.74 80.85 6.24
CA GLN A 233 -29.33 81.24 6.19
C GLN A 233 -28.61 80.46 5.10
N GLN A 234 -27.55 81.07 4.58
CA GLN A 234 -26.67 80.44 3.61
C GLN A 234 -25.24 80.47 4.15
N SER A 235 -24.56 79.33 4.06
CA SER A 235 -23.18 79.22 4.52
C SER A 235 -22.34 78.53 3.45
N ALA A 236 -21.07 78.91 3.39
CA ALA A 236 -20.11 78.28 2.47
C ALA A 236 -19.06 77.59 3.34
N ASP A 237 -19.19 76.27 3.46
CA ASP A 237 -18.22 75.43 4.16
C ASP A 237 -18.12 75.82 5.64
N ASP A 238 -17.51 76.97 5.90
CA ASP A 238 -17.30 77.45 7.26
C ASP A 238 -17.81 78.87 7.47
N LEU A 239 -17.81 79.69 6.42
CA LEU A 239 -18.15 81.10 6.58
C LEU A 239 -19.61 81.32 6.21
N PRO A 240 -20.44 81.85 7.10
CA PRO A 240 -21.81 82.17 6.71
C PRO A 240 -21.88 83.42 5.85
N VAL A 241 -22.49 83.27 4.68
CA VAL A 241 -22.59 84.36 3.72
C VAL A 241 -24.01 84.87 3.71
N GLY A 242 -24.22 85.99 3.03
CA GLY A 242 -25.55 86.55 2.94
C GLY A 242 -26.03 87.10 4.27
N LYS A 243 -27.35 87.17 4.39
CA LYS A 243 -28.01 87.71 5.58
C LYS A 243 -29.13 86.77 6.00
N SER A 244 -29.27 86.57 7.31
CA SER A 244 -30.33 85.73 7.84
C SER A 244 -31.68 86.37 7.55
N SER A 245 -32.47 85.74 6.69
CA SER A 245 -33.70 86.34 6.20
C SER A 245 -34.91 85.72 6.89
N ARG A 246 -35.84 86.58 7.32
CA ARG A 246 -37.08 86.16 7.94
C ARG A 246 -38.18 86.14 6.87
N VAL A 247 -38.85 85.00 6.74
CA VAL A 247 -39.85 84.82 5.69
C VAL A 247 -41.12 84.18 6.26
N LYS A 248 -42.21 84.36 5.54
CA LYS A 248 -43.45 83.64 5.78
C LYS A 248 -43.31 82.19 5.32
N ALA A 249 -44.29 81.37 5.70
CA ALA A 249 -44.31 79.97 5.26
C ALA A 249 -44.49 79.89 3.73
N ASP A 250 -45.35 80.74 3.18
CA ASP A 250 -45.63 80.69 1.74
C ASP A 250 -44.39 81.04 0.92
N LYS A 251 -43.60 82.00 1.39
CA LYS A 251 -42.45 82.47 0.62
C LYS A 251 -41.28 81.50 0.64
N LEU A 252 -41.43 80.32 1.23
CA LEU A 252 -40.35 79.35 1.24
C LEU A 252 -40.06 78.88 -0.19
N PRO A 253 -38.79 78.81 -0.60
CA PRO A 253 -38.49 78.47 -2.00
C PRO A 253 -38.35 76.98 -2.27
N PHE A 254 -38.83 76.14 -1.36
CA PHE A 254 -38.75 74.69 -1.56
C PHE A 254 -39.90 74.01 -0.84
N MET A 255 -40.21 72.79 -1.28
CA MET A 255 -41.28 72.01 -0.69
C MET A 255 -40.91 70.53 -0.68
N VAL A 256 -41.48 69.81 0.29
CA VAL A 256 -41.09 68.43 0.62
C VAL A 256 -42.17 67.48 0.12
N LEU A 257 -41.75 66.31 -0.35
CA LEU A 257 -42.67 65.27 -0.78
C LEU A 257 -42.50 64.02 0.08
N THR A 258 -43.62 63.43 0.48
CA THR A 258 -43.64 62.16 1.21
C THR A 258 -44.73 61.26 0.64
N TRP A 259 -44.42 59.96 0.55
CA TRP A 259 -45.34 59.02 -0.09
C TRP A 259 -46.33 58.44 0.93
N LYS A 260 -45.84 57.71 1.93
CA LYS A 260 -46.53 57.57 3.21
C LYS A 260 -45.57 57.88 4.35
N ARG A 261 -45.95 58.83 5.19
CA ARG A 261 -45.25 59.13 6.43
C ARG A 261 -45.99 58.51 7.60
N SER A 262 -45.26 57.81 8.46
CA SER A 262 -45.84 57.20 9.64
C SER A 262 -45.75 58.16 10.82
N TYR A 263 -46.43 57.79 11.91
CA TYR A 263 -46.43 58.61 13.11
C TYR A 263 -45.04 58.69 13.70
N GLY A 264 -44.61 59.91 14.03
CA GLY A 264 -43.30 60.12 14.60
C GLY A 264 -42.15 59.70 13.72
N GLU A 265 -42.27 59.92 12.41
CA GLU A 265 -41.26 59.51 11.44
C GLU A 265 -40.74 60.75 10.72
N ASP A 266 -39.42 60.84 10.58
CA ASP A 266 -38.80 61.96 9.90
C ASP A 266 -38.67 61.75 8.40
N TRP A 267 -39.03 60.57 7.91
CA TRP A 267 -38.93 60.27 6.48
C TRP A 267 -40.03 59.31 6.10
N GLY A 268 -40.51 59.42 4.86
CA GLY A 268 -41.59 58.60 4.38
C GLY A 268 -41.13 57.22 3.91
N ARG A 269 -42.11 56.43 3.48
CA ARG A 269 -41.85 55.08 2.99
C ARG A 269 -42.32 54.94 1.55
N PRO A 270 -41.58 54.23 0.72
CA PRO A 270 -41.97 54.07 -0.69
C PRO A 270 -42.95 52.93 -0.89
N LEU A 271 -43.55 52.91 -2.07
CA LEU A 271 -44.50 51.85 -2.41
C LEU A 271 -43.79 50.53 -2.62
N CYS A 272 -42.57 50.56 -3.17
CA CYS A 272 -41.82 49.33 -3.41
C CYS A 272 -41.47 48.60 -2.13
N GLU A 273 -41.57 49.28 -0.98
CA GLU A 273 -41.27 48.62 0.28
C GLU A 273 -42.25 47.47 0.53
N ASP A 274 -43.53 47.67 0.22
CA ASP A 274 -44.54 46.67 0.51
C ASP A 274 -44.41 45.43 -0.37
N TYR A 275 -43.79 45.53 -1.55
CA TYR A 275 -43.73 44.40 -2.46
C TYR A 275 -42.31 44.07 -2.91
N SER A 276 -41.29 44.52 -2.17
CA SER A 276 -39.93 44.05 -2.43
C SER A 276 -39.85 42.53 -2.37
N GLY A 277 -40.62 41.91 -1.47
CA GLY A 277 -40.62 40.45 -1.41
C GLY A 277 -41.13 39.81 -2.69
N ASP A 278 -42.25 40.34 -3.22
CA ASP A 278 -42.77 39.82 -4.48
C ASP A 278 -41.79 40.07 -5.62
N LEU A 279 -41.14 41.23 -5.63
CA LEU A 279 -40.14 41.51 -6.65
C LEU A 279 -38.98 40.51 -6.57
N PHE A 280 -38.54 40.20 -5.36
CA PHE A 280 -37.47 39.23 -5.19
C PHE A 280 -37.91 37.85 -5.66
N VAL A 281 -39.15 37.46 -5.37
CA VAL A 281 -39.64 36.15 -5.81
C VAL A 281 -39.68 36.10 -7.34
N VAL A 282 -40.14 37.17 -7.97
CA VAL A 282 -40.17 37.23 -9.42
C VAL A 282 -38.75 37.12 -9.98
N GLN A 283 -37.80 37.83 -9.36
CA GLN A 283 -36.42 37.74 -9.81
C GLN A 283 -35.88 36.31 -9.69
N PHE A 284 -36.19 35.64 -8.57
CA PHE A 284 -35.73 34.27 -8.37
C PHE A 284 -36.29 33.34 -9.43
N LEU A 285 -37.60 33.41 -9.68
CA LEU A 285 -38.20 32.54 -10.69
C LEU A 285 -37.66 32.87 -12.09
N SER A 286 -37.48 34.15 -12.39
CA SER A 286 -36.96 34.53 -13.70
C SER A 286 -35.54 34.02 -13.91
N GLU A 287 -34.68 34.15 -12.90
CA GLU A 287 -33.32 33.64 -13.06
C GLU A 287 -33.32 32.12 -13.15
N ALA A 288 -34.21 31.44 -12.42
CA ALA A 288 -34.30 29.99 -12.54
C ALA A 288 -34.69 29.59 -13.97
N VAL A 289 -35.69 30.25 -14.53
CA VAL A 289 -36.14 29.92 -15.89
C VAL A 289 -35.03 30.20 -16.89
N ALA A 290 -34.37 31.36 -16.76
CA ALA A 290 -33.32 31.71 -17.70
C ALA A 290 -32.15 30.73 -17.62
N ARG A 291 -31.73 30.37 -16.41
CA ARG A 291 -30.63 29.43 -16.25
C ARG A 291 -31.00 28.05 -16.78
N GLY A 292 -32.24 27.61 -16.55
CA GLY A 292 -32.66 26.34 -17.11
C GLY A 292 -32.66 26.35 -18.63
N ALA A 293 -33.14 27.44 -19.22
CA ALA A 293 -33.14 27.54 -20.68
C ALA A 293 -31.72 27.54 -21.23
N ALA A 294 -30.81 28.27 -20.59
CA ALA A 294 -29.43 28.29 -21.03
C ALA A 294 -28.78 26.92 -20.90
N LEU A 295 -29.06 26.21 -19.81
CA LEU A 295 -28.52 24.87 -19.62
C LEU A 295 -29.05 23.92 -20.68
N MET A 296 -30.34 24.01 -21.00
CA MET A 296 -30.92 23.14 -22.03
C MET A 296 -30.40 23.49 -23.42
N ALA A 297 -30.04 24.76 -23.65
CA ALA A 297 -29.54 25.16 -24.97
C ALA A 297 -28.24 24.46 -25.31
N ASP A 298 -27.36 24.27 -24.33
CA ASP A 298 -26.07 23.64 -24.59
C ASP A 298 -26.25 22.16 -24.92
N ILE A 299 -25.50 21.70 -25.93
CA ILE A 299 -25.46 20.29 -26.30
C ILE A 299 -24.09 19.75 -25.88
N LYS A 300 -24.07 18.46 -25.54
CA LYS A 300 -22.87 17.85 -24.99
C LYS A 300 -22.35 16.66 -25.79
N TYR A 301 -23.23 15.88 -26.44
CA TYR A 301 -22.82 14.79 -27.33
C TYR A 301 -22.25 13.61 -26.55
N LEU A 302 -22.41 12.40 -27.09
CA LEU A 302 -22.06 11.19 -26.38
C LEU A 302 -21.63 10.12 -27.36
N ILE A 303 -20.88 9.15 -26.85
CA ILE A 303 -20.56 7.93 -27.59
C ILE A 303 -20.40 6.78 -26.60
N ARG A 304 -20.89 5.62 -26.97
CA ARG A 304 -20.88 4.42 -26.14
C ARG A 304 -19.53 3.71 -26.26
N PRO A 305 -18.93 3.32 -25.14
CA PRO A 305 -17.68 2.56 -25.20
C PRO A 305 -17.85 1.25 -25.95
N GLY A 306 -16.81 0.86 -26.68
CA GLY A 306 -16.94 -0.27 -27.58
C GLY A 306 -17.92 -0.01 -28.70
N ALA A 307 -17.86 1.17 -29.30
CA ALA A 307 -18.87 1.61 -30.26
C ALA A 307 -18.76 0.92 -31.61
N GLN A 308 -17.62 0.28 -31.92
CA GLN A 308 -17.34 -0.31 -33.23
C GLN A 308 -17.36 0.72 -34.34
N THR A 309 -17.31 2.01 -33.99
CA THR A 309 -17.22 3.09 -34.95
C THR A 309 -16.23 4.13 -34.42
N ASP A 310 -15.62 4.86 -35.34
CA ASP A 310 -14.57 5.80 -35.01
C ASP A 310 -15.02 7.22 -35.33
N VAL A 311 -14.85 8.12 -34.35
CA VAL A 311 -15.30 9.50 -34.52
C VAL A 311 -14.45 10.25 -35.52
N GLU A 312 -13.17 9.86 -35.68
CA GLU A 312 -12.27 10.62 -36.56
C GLU A 312 -12.78 10.63 -37.99
N HIS A 313 -13.22 9.48 -38.50
CA HIS A 313 -13.80 9.44 -39.83
C HIS A 313 -15.25 9.91 -39.83
N PHE A 314 -15.91 9.84 -38.68
CA PHE A 314 -17.31 10.27 -38.60
C PHE A 314 -17.43 11.78 -38.66
N VAL A 315 -16.39 12.50 -38.29
CA VAL A 315 -16.48 13.95 -38.12
C VAL A 315 -15.87 14.70 -39.30
N ASN A 316 -14.68 14.30 -39.74
CA ASN A 316 -13.89 15.10 -40.69
C ASN A 316 -14.42 14.94 -42.11
N SER A 317 -15.71 15.16 -42.25
CA SER A 317 -16.39 15.18 -43.54
C SER A 317 -17.84 15.61 -43.32
N GLY A 318 -18.64 15.56 -44.37
CA GLY A 318 -20.04 15.94 -44.26
C GLY A 318 -20.83 15.79 -45.54
N THR A 319 -22.15 15.97 -45.43
CA THR A 319 -23.07 15.91 -46.57
C THR A 319 -22.99 14.57 -47.30
N GLY A 320 -23.40 13.52 -46.61
CA GLY A 320 -23.47 12.21 -47.22
C GLY A 320 -22.60 11.18 -46.54
N GLU A 321 -21.75 10.49 -47.32
CA GLU A 321 -20.76 9.54 -46.81
C GLU A 321 -21.40 8.26 -46.29
N VAL A 322 -20.62 7.19 -46.21
CA VAL A 322 -20.99 5.97 -45.50
C VAL A 322 -19.95 5.75 -44.41
N ILE A 323 -20.42 5.47 -43.19
CA ILE A 323 -19.57 5.56 -42.02
C ILE A 323 -19.29 4.20 -41.37
N THR A 324 -20.08 3.16 -41.65
CA THR A 324 -19.97 1.86 -40.98
C THR A 324 -19.97 2.02 -39.46
N GLY A 325 -21.10 2.52 -38.95
CA GLY A 325 -21.22 2.73 -37.52
C GLY A 325 -22.35 1.93 -36.89
N VAL A 326 -22.89 2.43 -35.77
CA VAL A 326 -24.02 1.83 -35.10
C VAL A 326 -25.03 2.92 -34.77
N GLU A 327 -26.31 2.63 -34.98
CA GLU A 327 -27.36 3.60 -34.71
C GLU A 327 -27.46 3.92 -33.21
N GLU A 328 -27.30 2.90 -32.36
CA GLU A 328 -27.45 3.10 -30.92
C GLU A 328 -26.43 4.10 -30.39
N ASP A 329 -25.29 4.24 -31.06
CA ASP A 329 -24.28 5.20 -30.66
C ASP A 329 -24.73 6.61 -31.06
N ILE A 330 -24.05 7.60 -30.46
CA ILE A 330 -24.17 9.01 -30.83
C ILE A 330 -25.57 9.51 -30.48
N HIS A 331 -25.70 10.15 -29.32
CA HIS A 331 -27.00 10.47 -28.75
C HIS A 331 -27.40 11.93 -28.86
N ILE A 332 -26.46 12.87 -28.68
CA ILE A 332 -26.77 14.28 -28.45
C ILE A 332 -27.61 14.35 -27.18
N VAL A 333 -26.95 14.52 -26.03
CA VAL A 333 -27.63 14.33 -24.75
C VAL A 333 -28.08 15.66 -24.15
N GLN A 334 -27.31 16.73 -24.39
CA GLN A 334 -27.53 18.03 -23.76
C GLN A 334 -27.40 17.94 -22.24
N LEU A 335 -27.35 19.09 -21.56
CA LEU A 335 -27.16 19.09 -20.12
C LEU A 335 -28.47 18.86 -19.37
N GLY A 336 -29.41 19.79 -19.50
CA GLY A 336 -30.67 19.73 -18.80
C GLY A 336 -31.77 19.05 -19.61
N LYS A 337 -31.60 17.75 -19.88
CA LYS A 337 -32.54 17.06 -20.78
C LYS A 337 -33.95 17.02 -20.18
N TYR A 338 -34.07 16.63 -18.92
CA TYR A 338 -35.40 16.33 -18.37
C TYR A 338 -36.11 17.59 -17.91
N ALA A 339 -35.58 18.25 -16.87
CA ALA A 339 -36.12 19.50 -16.32
C ALA A 339 -37.55 19.38 -15.83
N ASP A 340 -38.00 20.35 -15.04
CA ASP A 340 -39.40 20.46 -14.65
C ASP A 340 -39.85 21.92 -14.64
N LEU A 341 -39.42 22.69 -15.64
CA LEU A 341 -39.69 24.13 -15.67
C LEU A 341 -41.09 24.49 -16.16
N THR A 342 -41.92 23.54 -16.60
CA THR A 342 -43.24 23.89 -17.10
C THR A 342 -44.15 24.52 -16.05
N PRO A 343 -44.30 23.98 -14.84
CA PRO A 343 -45.19 24.63 -13.87
C PRO A 343 -44.59 25.85 -13.19
N ILE A 344 -43.28 26.10 -13.34
CA ILE A 344 -42.69 27.32 -12.82
C ILE A 344 -43.30 28.54 -13.50
N ASP A 345 -43.51 28.44 -14.82
CA ASP A 345 -44.07 29.56 -15.57
C ASP A 345 -45.42 29.99 -15.03
N ALA A 346 -46.22 29.03 -14.55
CA ALA A 346 -47.52 29.38 -13.99
C ALA A 346 -47.38 30.27 -12.77
N VAL A 347 -46.51 29.88 -11.83
CA VAL A 347 -46.32 30.67 -10.62
C VAL A 347 -45.73 32.03 -10.97
N LEU A 348 -44.77 32.07 -11.90
CA LEU A 348 -44.19 33.33 -12.31
C LEU A 348 -45.24 34.26 -12.90
N GLU A 349 -46.13 33.72 -13.75
CA GLU A 349 -47.18 34.55 -14.34
C GLU A 349 -48.15 35.04 -13.29
N LYS A 350 -48.51 34.19 -12.31
CA LYS A 350 -49.39 34.64 -11.24
C LYS A 350 -48.76 35.78 -10.45
N TYR A 351 -47.47 35.65 -10.11
CA TYR A 351 -46.84 36.70 -9.31
C TYR A 351 -46.69 37.99 -10.11
N VAL A 352 -46.30 37.90 -11.38
CA VAL A 352 -46.16 39.11 -12.18
C VAL A 352 -47.52 39.75 -12.43
N ARG A 353 -48.58 38.95 -12.58
CA ARG A 353 -49.91 39.51 -12.73
C ARG A 353 -50.37 40.21 -11.45
N ARG A 354 -50.06 39.62 -10.29
CA ARG A 354 -50.40 40.29 -9.04
C ARG A 354 -49.68 41.62 -8.90
N ILE A 355 -48.38 41.65 -9.23
CA ILE A 355 -47.63 42.90 -9.13
C ILE A 355 -48.19 43.93 -10.11
N GLY A 356 -48.49 43.50 -11.34
CA GLY A 356 -49.07 44.41 -12.31
C GLY A 356 -50.42 44.97 -11.87
N VAL A 357 -51.26 44.12 -11.27
CA VAL A 357 -52.55 44.58 -10.77
C VAL A 357 -52.37 45.59 -9.65
N VAL A 358 -51.43 45.32 -8.73
CA VAL A 358 -51.15 46.31 -7.68
C VAL A 358 -50.63 47.60 -8.28
N PHE A 359 -49.69 47.49 -9.22
CA PHE A 359 -49.22 48.66 -9.95
C PHE A 359 -50.25 49.16 -10.96
N MET A 360 -51.31 48.38 -11.19
CA MET A 360 -52.46 48.71 -12.03
C MET A 360 -52.02 49.29 -13.38
N MET A 361 -51.02 48.60 -13.94
CA MET A 361 -50.54 48.86 -15.29
C MET A 361 -51.66 48.74 -16.31
N GLU A 383 -58.49 54.31 -13.06
CA GLU A 383 -58.81 53.47 -11.92
C GLU A 383 -58.09 53.95 -10.66
N VAL A 384 -57.45 55.12 -10.77
CA VAL A 384 -56.72 55.68 -9.62
C VAL A 384 -57.67 55.96 -8.48
N GLU A 385 -58.82 56.58 -8.76
CA GLU A 385 -59.83 56.80 -7.74
C GLU A 385 -60.37 55.49 -7.18
N GLN A 386 -60.43 54.45 -8.01
CA GLN A 386 -60.91 53.13 -7.59
C GLN A 386 -59.84 52.30 -6.92
N SER A 387 -58.63 52.25 -7.47
CA SER A 387 -57.55 51.41 -6.96
C SER A 387 -56.67 52.16 -5.96
N LEU A 388 -56.11 53.30 -6.36
CA LEU A 388 -55.22 54.04 -5.47
C LEU A 388 -56.00 54.96 -4.54
N GLY A 389 -56.69 55.96 -5.11
CA GLY A 389 -57.61 56.78 -4.35
C GLY A 389 -56.93 57.70 -3.34
N GLY A 390 -56.19 57.11 -2.41
CA GLY A 390 -55.54 57.88 -1.37
C GLY A 390 -54.43 58.77 -1.91
N ALA A 391 -53.72 58.31 -2.94
CA ALA A 391 -52.63 59.09 -3.50
C ALA A 391 -53.14 60.41 -4.08
N TYR A 392 -54.26 60.36 -4.80
CA TYR A 392 -54.84 61.56 -5.38
C TYR A 392 -55.27 62.54 -4.29
N SER A 393 -55.94 62.03 -3.26
CA SER A 393 -56.38 62.89 -2.16
C SER A 393 -55.18 63.51 -1.45
N LEU A 394 -54.14 62.72 -1.19
CA LEU A 394 -52.97 63.24 -0.51
C LEU A 394 -52.26 64.30 -1.33
N PHE A 395 -52.08 64.06 -2.63
CA PHE A 395 -51.44 65.07 -3.46
C PHE A 395 -52.34 66.27 -3.70
N SER A 396 -53.62 66.14 -3.37
CA SER A 396 -54.53 67.26 -3.54
C SER A 396 -54.04 68.40 -2.68
N VAL A 397 -53.56 68.08 -1.48
CA VAL A 397 -53.06 69.08 -0.55
C VAL A 397 -51.55 69.19 -0.72
N THR A 398 -50.90 68.09 -1.12
CA THR A 398 -49.45 68.08 -1.17
C THR A 398 -48.87 68.91 -2.31
N MET A 399 -49.48 68.87 -3.51
CA MET A 399 -48.85 69.42 -4.69
C MET A 399 -49.58 70.62 -5.28
N GLN A 400 -50.85 70.47 -5.68
CA GLN A 400 -51.51 71.54 -6.42
C GLN A 400 -51.67 72.80 -5.57
N GLN A 401 -51.94 72.66 -4.28
CA GLN A 401 -52.00 73.86 -3.44
C GLN A 401 -50.67 74.60 -3.40
N PRO A 402 -49.53 73.98 -3.04
CA PRO A 402 -48.27 74.75 -3.05
C PRO A 402 -47.85 75.22 -4.43
N MET A 403 -48.04 74.39 -5.46
CA MET A 403 -47.69 74.80 -6.82
C MET A 403 -48.55 75.97 -7.29
N ALA A 404 -49.84 75.94 -6.97
CA ALA A 404 -50.71 77.07 -7.31
C ALA A 404 -50.28 78.33 -6.57
N ILE A 405 -49.93 78.20 -5.28
CA ILE A 405 -49.43 79.37 -4.55
C ILE A 405 -48.19 79.92 -5.23
N TRP A 406 -47.28 79.04 -5.64
CA TRP A 406 -46.08 79.47 -6.35
C TRP A 406 -46.43 80.21 -7.63
N GLY A 407 -47.34 79.65 -8.42
CA GLY A 407 -47.70 80.26 -9.69
C GLY A 407 -48.32 81.63 -9.53
N LEU A 408 -49.26 81.77 -8.59
CA LEU A 408 -49.88 83.07 -8.35
C LEU A 408 -48.89 84.07 -7.76
N GLN A 409 -47.99 83.62 -6.88
CA GLN A 409 -47.07 84.58 -6.27
C GLN A 409 -45.99 85.03 -7.24
N GLU A 410 -45.63 84.21 -8.22
CA GLU A 410 -44.67 84.66 -9.23
C GLU A 410 -45.19 85.86 -10.00
N ASN A 411 -46.49 85.85 -10.34
CA ASN A 411 -47.08 87.00 -11.01
C ASN A 411 -47.04 88.23 -10.10
N ALA A 412 -47.37 88.06 -8.83
CA ALA A 412 -47.36 89.17 -7.87
C ALA A 412 -47.15 88.66 -6.45
N ALA A 435 -70.13 69.55 -11.44
CA ALA A 435 -70.29 69.89 -10.03
C ALA A 435 -71.53 70.78 -9.82
N GLU A 436 -71.57 71.88 -10.55
CA GLU A 436 -72.68 72.83 -10.47
C GLU A 436 -73.40 73.04 -11.78
N LEU A 437 -72.71 72.96 -12.92
CA LEU A 437 -73.37 73.13 -14.21
C LEU A 437 -74.30 71.97 -14.52
N ASP A 438 -73.96 70.76 -14.06
CA ASP A 438 -74.86 69.62 -14.21
C ASP A 438 -76.20 69.91 -13.56
N LYS A 439 -76.20 70.66 -12.46
CA LYS A 439 -77.45 71.10 -11.87
C LYS A 439 -78.24 71.97 -12.85
N LEU A 440 -77.55 72.87 -13.56
CA LEU A 440 -78.22 73.69 -14.56
C LEU A 440 -78.81 72.83 -15.67
N ALA A 441 -78.07 71.83 -16.13
CA ALA A 441 -78.57 70.95 -17.18
C ALA A 441 -79.80 70.19 -16.72
N GLN A 442 -79.76 69.64 -15.51
CA GLN A 442 -80.91 68.94 -14.96
C GLN A 442 -82.10 69.87 -14.80
N PHE A 443 -81.86 71.10 -14.35
CA PHE A 443 -82.92 72.09 -14.22
C PHE A 443 -83.56 72.38 -15.58
N SER A 444 -82.74 72.57 -16.61
CA SER A 444 -83.27 72.85 -17.94
C SER A 444 -84.08 71.67 -18.45
N ASN A 445 -83.62 70.45 -18.19
CA ASN A 445 -84.37 69.27 -18.59
C ASN A 445 -85.73 69.25 -17.88
N TYR A 446 -85.75 69.54 -16.58
CA TYR A 446 -86.98 69.44 -15.81
C TYR A 446 -87.98 70.53 -16.16
N MET A 447 -87.51 71.75 -16.45
CA MET A 447 -88.43 72.84 -16.77
C MET A 447 -88.86 72.82 -18.23
N ASN A 448 -88.34 71.87 -19.02
CA ASN A 448 -88.78 71.72 -20.40
C ASN A 448 -90.17 71.10 -20.48
N LEU A 449 -90.56 70.33 -19.46
CA LEU A 449 -91.82 69.58 -19.51
C LEU A 449 -93.04 70.44 -19.82
N PRO A 450 -93.28 71.59 -19.16
CA PRO A 450 -94.51 72.33 -19.45
C PRO A 450 -94.46 73.07 -20.78
N THR A 451 -94.40 72.32 -21.88
CA THR A 451 -94.48 72.92 -23.22
C THR A 451 -95.49 72.17 -24.07
N THR A 452 -95.79 70.93 -23.72
CA THR A 452 -96.78 70.12 -24.42
C THR A 452 -98.09 69.99 -23.65
N TRP A 453 -98.21 70.66 -22.50
CA TRP A 453 -99.45 70.57 -21.74
C TRP A 453 -100.57 71.34 -22.45
N PRO A 454 -101.81 70.90 -22.31
CA PRO A 454 -102.93 71.58 -22.97
C PRO A 454 -103.09 73.01 -22.46
N GLU A 455 -103.83 73.80 -23.24
CA GLU A 455 -104.01 75.21 -22.91
C GLU A 455 -104.65 75.39 -21.55
N TRP A 456 -105.71 74.62 -21.27
CA TRP A 456 -106.32 74.62 -19.94
C TRP A 456 -105.39 74.07 -18.86
N ALA A 457 -104.31 73.39 -19.24
CA ALA A 457 -103.34 72.85 -18.29
C ALA A 457 -102.02 73.61 -18.28
N GLN A 458 -101.58 74.11 -19.44
CA GLN A 458 -100.32 74.82 -19.51
C GLN A 458 -100.35 76.10 -18.69
N ASP A 459 -101.48 76.79 -18.65
CA ASP A 459 -101.62 78.02 -17.88
C ASP A 459 -101.93 77.68 -16.43
N ALA A 460 -102.35 78.70 -15.67
CA ALA A 460 -102.72 78.56 -14.26
C ALA A 460 -101.54 78.10 -13.40
N ILE A 461 -100.32 78.39 -13.85
CA ILE A 461 -99.11 78.15 -13.06
C ILE A 461 -98.35 79.46 -12.97
N LYS A 462 -97.99 79.86 -11.77
CA LYS A 462 -97.23 81.09 -11.58
C LYS A 462 -95.77 80.83 -11.92
N PRO A 463 -95.17 81.63 -12.80
CA PRO A 463 -93.83 81.31 -13.32
C PRO A 463 -92.70 81.53 -12.33
N THR A 464 -92.73 82.65 -11.60
CA THR A 464 -91.62 82.99 -10.72
C THR A 464 -91.50 81.98 -9.57
N GLU A 465 -92.63 81.66 -8.94
CA GLU A 465 -92.61 80.67 -7.87
C GLU A 465 -92.21 79.30 -8.39
N TYR A 466 -92.65 78.94 -9.60
CA TYR A 466 -92.22 77.68 -10.20
C TYR A 466 -90.70 77.64 -10.36
N MET A 467 -90.13 78.74 -10.86
CA MET A 467 -88.70 78.79 -11.10
C MET A 467 -87.95 78.68 -9.78
N ASP A 468 -88.38 79.44 -8.78
CA ASP A 468 -87.72 79.41 -7.46
C ASP A 468 -87.83 78.03 -6.83
N TRP A 469 -88.99 77.39 -6.95
CA TRP A 469 -89.19 76.09 -6.33
C TRP A 469 -88.32 75.03 -6.99
N VAL A 470 -88.27 75.01 -8.32
CA VAL A 470 -87.45 74.00 -8.99
C VAL A 470 -85.97 74.26 -8.72
N ARG A 471 -85.57 75.53 -8.67
CA ARG A 471 -84.19 75.85 -8.33
C ARG A 471 -83.85 75.36 -6.92
N GLY A 472 -84.75 75.58 -5.97
CA GLY A 472 -84.50 75.14 -4.61
C GLY A 472 -84.46 73.64 -4.47
N GLN A 473 -85.34 72.93 -5.17
CA GLN A 473 -85.31 71.48 -5.12
C GLN A 473 -84.04 70.94 -5.76
N ILE A 474 -83.56 71.59 -6.82
CA ILE A 474 -82.23 71.28 -7.32
C ILE A 474 -81.14 71.84 -6.40
N SER A 475 -81.48 72.86 -5.61
CA SER A 475 -80.57 73.48 -4.66
C SER A 475 -79.33 74.05 -5.36
N ALA A 476 -79.59 75.05 -6.22
CA ALA A 476 -78.54 75.74 -6.94
C ALA A 476 -78.75 77.25 -6.82
N ASP A 477 -77.73 78.00 -7.19
CA ASP A 477 -77.79 79.46 -7.20
C ASP A 477 -77.89 79.91 -8.65
N PHE A 478 -79.08 80.39 -9.03
CA PHE A 478 -79.32 80.86 -10.39
C PHE A 478 -79.60 82.36 -10.38
N PRO A 479 -78.66 83.20 -10.78
CA PRO A 479 -78.90 84.65 -10.75
C PRO A 479 -79.67 85.15 -11.97
N PHE A 480 -80.32 84.23 -12.68
CA PHE A 480 -80.98 84.54 -13.94
C PHE A 480 -82.38 85.12 -13.75
N LEU A 481 -83.23 84.40 -13.02
CA LEU A 481 -84.65 84.70 -13.02
C LEU A 481 -84.96 85.98 -12.24
N MET A 482 -86.06 86.62 -12.61
CA MET A 482 -86.48 87.84 -11.94
C MET A 482 -87.04 87.53 -10.55
N SER A 483 -87.00 88.53 -9.69
CA SER A 483 -87.49 88.38 -8.32
C SER A 483 -89.02 88.32 -8.28
N SER B 14 -3.43 77.66 -28.70
CA SER B 14 -2.22 76.87 -28.49
C SER B 14 -2.29 76.11 -27.18
N LYS B 15 -3.32 76.41 -26.38
CA LYS B 15 -3.51 75.79 -25.07
C LYS B 15 -4.78 74.93 -25.04
N ILE B 16 -5.35 74.64 -26.21
CA ILE B 16 -6.59 73.86 -26.32
C ILE B 16 -6.36 72.36 -26.22
N PRO B 17 -5.40 71.76 -26.95
CA PRO B 17 -5.42 70.29 -27.09
C PRO B 17 -5.37 69.51 -25.79
N GLU B 18 -4.64 69.98 -24.78
CA GLU B 18 -4.54 69.19 -23.55
C GLU B 18 -5.86 69.14 -22.79
N LEU B 19 -6.69 70.19 -22.91
CA LEU B 19 -8.04 70.10 -22.37
C LEU B 19 -8.85 69.02 -23.06
N TRP B 20 -8.70 68.93 -24.39
CA TRP B 20 -9.37 67.85 -25.13
C TRP B 20 -8.87 66.49 -24.65
N GLU B 21 -7.56 66.37 -24.41
CA GLU B 21 -7.00 65.11 -23.94
C GLU B 21 -7.55 64.73 -22.57
N LYS B 22 -7.58 65.68 -21.64
CA LYS B 22 -8.05 65.36 -20.30
C LYS B 22 -9.54 65.09 -20.28
N LEU B 23 -10.30 65.69 -21.20
CA LEU B 23 -11.71 65.33 -21.33
C LEU B 23 -11.87 63.93 -21.92
N SER B 24 -11.07 63.60 -22.94
CA SER B 24 -11.14 62.27 -23.52
C SER B 24 -10.74 61.20 -22.51
N ARG B 25 -9.88 61.55 -21.55
CA ARG B 25 -9.45 60.57 -20.54
C ARG B 25 -10.65 59.97 -19.82
N LYS B 26 -11.67 60.77 -19.53
CA LYS B 26 -12.89 60.26 -18.92
C LYS B 26 -13.99 59.96 -19.94
N ARG B 27 -13.89 60.50 -21.15
CA ARG B 27 -14.82 60.10 -22.20
C ARG B 27 -14.59 58.66 -22.63
N ASN B 28 -13.39 58.12 -22.36
CA ASN B 28 -13.03 56.80 -22.89
C ASN B 28 -13.93 55.70 -22.34
N GLU B 29 -14.28 55.76 -21.06
CA GLU B 29 -15.11 54.71 -20.47
C GLU B 29 -16.47 54.65 -21.14
N PHE B 30 -17.13 55.81 -21.28
CA PHE B 30 -18.43 55.84 -21.94
C PHE B 30 -18.31 55.49 -23.41
N LEU B 31 -17.21 55.85 -24.07
CA LEU B 31 -17.02 55.45 -25.46
C LEU B 31 -16.91 53.94 -25.58
N ASP B 32 -16.16 53.30 -24.68
CA ASP B 32 -16.04 51.85 -24.71
C ASP B 32 -17.38 51.17 -24.45
N ARG B 33 -18.13 51.69 -23.48
CA ARG B 33 -19.45 51.13 -23.22
C ARG B 33 -20.36 51.29 -24.44
N ALA B 34 -20.34 52.47 -25.07
CA ALA B 34 -21.18 52.69 -26.24
C ALA B 34 -20.78 51.76 -27.37
N LYS B 35 -19.48 51.53 -27.57
CA LYS B 35 -19.03 50.60 -28.58
C LYS B 35 -19.52 49.18 -28.29
N HIS B 36 -19.43 48.76 -27.03
CA HIS B 36 -19.91 47.43 -26.67
C HIS B 36 -21.41 47.28 -26.92
N TYR B 37 -22.19 48.31 -26.56
CA TYR B 37 -23.64 48.20 -26.77
C TYR B 37 -24.01 48.29 -28.24
N ALA B 38 -23.26 49.07 -29.02
CA ALA B 38 -23.50 49.14 -30.46
C ALA B 38 -23.17 47.82 -31.15
N ARG B 39 -22.12 47.13 -30.70
CA ARG B 39 -21.80 45.82 -31.26
C ARG B 39 -23.00 44.88 -31.17
N LEU B 40 -23.81 45.01 -30.12
CA LEU B 40 -24.92 44.09 -29.92
C LEU B 40 -26.12 44.44 -30.79
N THR B 41 -26.39 45.73 -31.00
CA THR B 41 -27.59 46.16 -31.71
C THR B 41 -27.30 46.77 -33.08
N LEU B 42 -26.50 47.84 -33.13
CA LEU B 42 -26.24 48.57 -34.36
C LEU B 42 -24.74 48.77 -34.53
N PRO B 43 -24.10 47.98 -35.38
CA PRO B 43 -22.63 47.99 -35.44
C PRO B 43 -22.05 49.18 -36.18
N TYR B 44 -22.79 49.75 -37.13
CA TYR B 44 -22.21 50.75 -38.02
C TYR B 44 -22.33 52.18 -37.51
N LEU B 45 -23.03 52.41 -36.40
CA LEU B 45 -23.12 53.77 -35.86
C LEU B 45 -21.78 54.25 -35.33
N LEU B 46 -21.11 53.43 -34.51
CA LEU B 46 -19.83 53.79 -33.91
C LEU B 46 -18.73 53.21 -34.78
N ASN B 47 -18.32 53.97 -35.79
CA ASN B 47 -17.25 53.58 -36.71
C ASN B 47 -16.29 54.75 -36.84
N GLU B 48 -15.18 54.68 -36.09
CA GLU B 48 -14.19 55.74 -36.13
C GLU B 48 -13.51 55.78 -37.51
N PRO B 49 -13.00 56.94 -37.91
CA PRO B 49 -12.31 57.03 -39.20
C PRO B 49 -11.09 56.12 -39.24
N GLY B 50 -11.08 55.21 -40.21
CA GLY B 50 -10.04 54.22 -40.34
C GLY B 50 -10.28 52.92 -39.60
N ASN B 51 -11.39 52.80 -38.86
CA ASN B 51 -11.67 51.58 -38.13
C ASN B 51 -12.38 50.56 -39.02
N ASN B 52 -13.54 50.92 -39.55
CA ASN B 52 -14.34 50.07 -40.43
C ASN B 52 -14.63 48.72 -39.77
N GLU B 53 -15.35 48.77 -38.65
CA GLU B 53 -15.65 47.58 -37.86
C GLU B 53 -16.92 46.89 -38.34
N SER B 54 -17.03 46.70 -39.66
CA SER B 54 -18.11 45.96 -40.30
C SER B 54 -19.49 46.55 -40.00
N ALA B 55 -20.53 45.95 -40.57
CA ALA B 55 -21.89 46.34 -40.23
C ALA B 55 -22.85 45.16 -40.15
N GLN B 56 -22.36 43.92 -40.11
CA GLN B 56 -23.24 42.77 -40.08
C GLN B 56 -24.09 42.77 -38.80
N ASN B 57 -25.36 42.41 -38.95
CA ASN B 57 -26.28 42.48 -37.82
C ASN B 57 -25.94 41.45 -36.76
N GLY B 58 -25.68 40.22 -37.16
CA GLY B 58 -25.34 39.17 -36.23
C GLY B 58 -26.39 38.07 -36.18
N TRP B 59 -26.38 37.34 -35.06
CA TRP B 59 -27.31 36.23 -34.90
C TRP B 59 -28.75 36.71 -34.76
N GLN B 60 -28.98 37.69 -33.91
CA GLN B 60 -30.33 38.19 -33.63
C GLN B 60 -30.55 39.51 -34.36
N GLY B 61 -31.68 39.61 -35.05
CA GLY B 61 -32.06 40.81 -35.75
C GLY B 61 -33.13 41.65 -35.06
N THR B 62 -33.65 41.20 -33.92
CA THR B 62 -34.73 41.92 -33.26
C THR B 62 -34.27 43.29 -32.77
N GLY B 63 -33.07 43.37 -32.20
CA GLY B 63 -32.62 44.62 -31.61
C GLY B 63 -32.49 45.74 -32.62
N ALA B 64 -31.89 45.45 -33.78
CA ALA B 64 -31.67 46.50 -34.78
C ALA B 64 -32.98 47.05 -35.30
N GLN B 65 -33.90 46.17 -35.69
CA GLN B 65 -35.19 46.64 -36.20
C GLN B 65 -35.99 47.34 -35.12
N ALA B 66 -35.90 46.85 -33.88
CA ALA B 66 -36.65 47.47 -32.79
C ALA B 66 -36.15 48.89 -32.52
N THR B 67 -34.83 49.07 -32.44
CA THR B 67 -34.31 50.40 -32.16
C THR B 67 -34.54 51.33 -33.34
N ASN B 68 -34.46 50.82 -34.58
CA ASN B 68 -34.78 51.63 -35.73
C ASN B 68 -36.22 52.11 -35.68
N HIS B 69 -37.15 51.20 -35.39
CA HIS B 69 -38.55 51.58 -35.30
C HIS B 69 -38.79 52.59 -34.19
N LEU B 70 -38.18 52.39 -33.03
CA LEU B 70 -38.39 53.32 -31.92
C LEU B 70 -37.85 54.70 -32.26
N ALA B 71 -36.63 54.78 -32.77
CA ALA B 71 -36.05 56.07 -33.11
C ALA B 71 -36.89 56.78 -34.18
N ASN B 72 -37.33 56.03 -35.18
CA ASN B 72 -38.12 56.65 -36.24
C ASN B 72 -39.49 57.09 -35.74
N LYS B 73 -40.11 56.30 -34.85
CA LYS B 73 -41.41 56.67 -34.30
C LYS B 73 -41.31 57.95 -33.50
N LEU B 74 -40.27 58.06 -32.65
CA LEU B 74 -40.06 59.30 -31.91
C LEU B 74 -39.77 60.46 -32.85
N ALA B 75 -38.99 60.22 -33.90
CA ALA B 75 -38.69 61.30 -34.84
C ALA B 75 -39.95 61.81 -35.52
N GLN B 76 -40.83 60.91 -35.94
CA GLN B 76 -42.05 61.32 -36.64
C GLN B 76 -43.02 62.01 -35.70
N VAL B 77 -43.29 61.41 -34.54
CA VAL B 77 -44.30 61.97 -33.64
C VAL B 77 -43.81 63.29 -33.03
N LEU B 78 -42.57 63.30 -32.53
CA LEU B 78 -42.06 64.49 -31.87
C LEU B 78 -41.84 65.63 -32.85
N PHE B 79 -41.47 65.32 -34.08
CA PHE B 79 -41.22 66.32 -35.13
C PHE B 79 -42.08 65.99 -36.33
N PRO B 80 -43.37 66.31 -36.30
CA PRO B 80 -44.22 66.08 -37.47
C PRO B 80 -43.74 66.88 -38.67
N ALA B 81 -43.58 66.18 -39.80
CA ALA B 81 -43.08 66.84 -41.00
C ALA B 81 -44.14 67.72 -41.65
N GLN B 82 -45.39 67.24 -41.71
CA GLN B 82 -46.44 67.98 -42.39
C GLN B 82 -46.74 69.30 -41.71
N ARG B 83 -46.81 69.31 -40.38
CA ARG B 83 -47.25 70.47 -39.63
C ARG B 83 -46.10 71.05 -38.81
N SER B 84 -46.30 72.29 -38.38
CA SER B 84 -45.33 72.97 -37.53
C SER B 84 -45.47 72.53 -36.09
N PHE B 85 -44.38 72.63 -35.33
CA PHE B 85 -44.40 72.26 -33.92
C PHE B 85 -44.24 73.50 -33.04
N THR B 106 -54.85 90.41 -30.12
CA THR B 106 -55.68 89.66 -31.05
C THR B 106 -55.32 89.98 -32.49
N LYS B 107 -55.13 91.27 -32.77
CA LYS B 107 -54.75 91.70 -34.12
C LYS B 107 -53.36 91.24 -34.51
N LEU B 108 -52.53 90.84 -33.54
CA LEU B 108 -51.20 90.34 -33.83
C LEU B 108 -51.17 88.87 -34.20
N ALA B 109 -52.35 88.22 -34.27
CA ALA B 109 -52.41 86.81 -34.62
C ALA B 109 -51.81 86.55 -36.00
N THR B 110 -52.12 87.42 -36.96
CA THR B 110 -51.54 87.26 -38.29
C THR B 110 -50.03 87.44 -38.26
N VAL B 111 -49.54 88.36 -37.43
CA VAL B 111 -48.10 88.58 -37.32
C VAL B 111 -47.43 87.33 -36.76
N PHE B 112 -48.03 86.73 -35.74
CA PHE B 112 -47.50 85.49 -35.20
C PHE B 112 -47.53 84.38 -36.25
N ALA B 113 -48.59 84.32 -37.05
CA ALA B 113 -48.68 83.32 -38.10
C ALA B 113 -47.54 83.47 -39.10
N LYS B 114 -47.25 84.71 -39.52
CA LYS B 114 -46.08 84.95 -40.34
C LYS B 114 -44.82 84.44 -39.64
N ILE B 115 -44.52 84.97 -38.45
CA ILE B 115 -43.26 84.61 -37.78
C ILE B 115 -43.08 83.11 -37.74
N GLU B 116 -44.14 82.37 -37.41
CA GLU B 116 -44.06 80.91 -37.43
C GLU B 116 -43.79 80.38 -38.84
N THR B 117 -44.42 80.98 -39.85
CA THR B 117 -44.27 80.47 -41.22
C THR B 117 -42.83 80.65 -41.72
N GLN B 118 -42.27 81.85 -41.56
CA GLN B 118 -40.88 82.05 -41.96
C GLN B 118 -39.92 81.22 -41.11
N ALA B 119 -40.23 81.02 -39.83
CA ALA B 119 -39.36 80.16 -39.02
C ALA B 119 -39.34 78.74 -39.56
N MET B 120 -40.51 78.19 -39.84
CA MET B 120 -40.58 76.83 -40.37
C MET B 120 -39.92 76.73 -41.74
N LYS B 121 -40.11 77.76 -42.58
CA LYS B 121 -39.48 77.76 -43.89
C LYS B 121 -37.97 77.80 -43.78
N ALA B 122 -37.44 78.58 -42.83
CA ALA B 122 -36.00 78.64 -42.62
C ALA B 122 -35.46 77.30 -42.14
N LEU B 123 -36.16 76.64 -41.21
CA LEU B 123 -35.72 75.33 -40.75
C LEU B 123 -35.76 74.30 -41.89
N ASP B 124 -36.82 74.32 -42.69
CA ASP B 124 -36.92 73.36 -43.79
C ASP B 124 -35.81 73.57 -44.81
N ALA B 125 -35.31 74.80 -44.97
CA ALA B 125 -34.18 75.05 -45.83
C ALA B 125 -32.86 74.59 -45.23
N ARG B 126 -32.83 74.26 -43.95
CA ARG B 126 -31.62 73.80 -43.29
C ARG B 126 -31.48 72.29 -43.26
N GLN B 127 -32.52 71.55 -43.66
CA GLN B 127 -32.46 70.09 -43.82
C GLN B 127 -32.07 69.40 -42.52
N PHE B 128 -32.94 69.54 -41.51
CA PHE B 128 -32.63 69.05 -40.17
C PHE B 128 -33.20 67.68 -39.86
N ARG B 129 -34.19 67.22 -40.62
CA ARG B 129 -34.85 65.95 -40.29
C ARG B 129 -33.88 64.77 -40.27
N PRO B 130 -33.02 64.56 -41.29
CA PRO B 130 -32.01 63.49 -41.15
C PRO B 130 -31.10 63.69 -39.96
N ALA B 131 -30.76 64.94 -39.64
CA ALA B 131 -29.97 65.20 -38.43
C ALA B 131 -30.75 64.78 -37.19
N VAL B 132 -32.05 65.05 -37.16
CA VAL B 132 -32.86 64.67 -36.00
C VAL B 132 -32.89 63.16 -35.83
N VAL B 133 -33.10 62.43 -36.94
CA VAL B 133 -33.18 60.97 -36.83
C VAL B 133 -31.82 60.38 -36.45
N GLU B 134 -30.73 60.95 -36.99
CA GLU B 134 -29.40 60.49 -36.60
C GLU B 134 -29.14 60.75 -35.12
N ALA B 135 -29.57 61.91 -34.63
CA ALA B 135 -29.41 62.22 -33.21
C ALA B 135 -30.21 61.24 -32.36
N PHE B 136 -31.44 60.94 -32.76
CA PHE B 136 -32.24 59.99 -31.99
C PHE B 136 -31.58 58.62 -31.97
N LYS B 137 -31.03 58.19 -33.10
CA LYS B 137 -30.32 56.92 -33.14
C LYS B 137 -29.12 56.94 -32.19
N HIS B 138 -28.39 58.06 -32.16
CA HIS B 138 -27.23 58.14 -31.27
C HIS B 138 -27.64 58.07 -29.80
N LEU B 139 -28.71 58.80 -29.42
CA LEU B 139 -29.18 58.73 -28.04
C LEU B 139 -29.65 57.32 -27.67
N LEU B 140 -30.33 56.62 -28.59
CA LEU B 140 -30.74 55.26 -28.28
C LEU B 140 -29.56 54.30 -28.19
N VAL B 141 -28.55 54.49 -29.03
CA VAL B 141 -27.41 53.58 -29.07
C VAL B 141 -26.34 54.02 -28.07
N ALA B 142 -25.85 55.24 -28.22
CA ALA B 142 -24.77 55.75 -27.39
C ALA B 142 -25.30 56.51 -26.17
N GLY B 143 -26.09 57.56 -26.41
CA GLY B 143 -26.68 58.30 -25.32
C GLY B 143 -26.46 59.80 -25.39
N ASN B 144 -25.45 60.22 -26.15
CA ASN B 144 -25.11 61.63 -26.25
C ASN B 144 -24.64 61.95 -27.67
N CYS B 145 -25.04 63.12 -28.16
CA CYS B 145 -24.55 63.64 -29.43
C CYS B 145 -24.84 65.14 -29.45
N MET B 146 -24.25 65.84 -30.41
CA MET B 146 -24.46 67.27 -30.54
C MET B 146 -25.09 67.61 -31.88
N LEU B 147 -25.92 68.65 -31.88
CA LEU B 147 -26.42 69.25 -33.10
C LEU B 147 -25.70 70.58 -33.31
N TYR B 148 -24.90 70.67 -34.37
CA TYR B 148 -24.08 71.85 -34.62
C TYR B 148 -24.57 72.53 -35.88
N LYS B 149 -24.92 73.81 -35.77
CA LYS B 149 -25.36 74.58 -36.93
C LYS B 149 -24.24 75.49 -37.39
N PRO B 150 -23.63 75.22 -38.55
CA PRO B 150 -22.56 76.11 -39.03
C PRO B 150 -23.13 77.39 -39.62
N VAL B 151 -22.30 78.43 -39.62
CA VAL B 151 -22.67 79.66 -40.29
C VAL B 151 -22.75 79.43 -41.80
N LYS B 152 -23.57 80.22 -42.47
CA LYS B 152 -23.73 80.08 -43.91
C LYS B 152 -22.41 80.33 -44.63
N SER B 153 -22.08 79.46 -45.58
CA SER B 153 -20.82 79.51 -46.29
C SER B 153 -21.07 79.40 -47.79
N ALA B 154 -20.10 79.90 -48.57
CA ALA B 154 -20.24 79.90 -50.02
C ALA B 154 -20.29 78.48 -50.57
N ASN B 155 -19.44 77.59 -50.07
CA ASN B 155 -19.42 76.22 -50.58
C ASN B 155 -20.70 75.48 -50.23
N ASP B 156 -21.24 75.72 -49.04
CA ASP B 156 -22.47 75.07 -48.57
C ASP B 156 -23.43 76.16 -48.11
N PRO B 157 -24.17 76.77 -49.05
CA PRO B 157 -25.08 77.86 -48.67
C PRO B 157 -26.13 77.47 -47.65
N ALA B 158 -26.65 76.24 -47.74
CA ALA B 158 -27.67 75.80 -46.79
C ALA B 158 -27.10 75.71 -45.38
N GLY B 159 -25.89 75.18 -45.24
CA GLY B 159 -25.29 74.98 -43.94
C GLY B 159 -26.12 74.06 -43.07
N PRO B 160 -26.24 72.79 -43.46
CA PRO B 160 -27.13 71.88 -42.75
C PRO B 160 -26.62 71.58 -41.35
N ILE B 161 -27.57 71.28 -40.45
CA ILE B 161 -27.21 70.91 -39.10
C ILE B 161 -26.47 69.58 -39.12
N SER B 162 -25.34 69.53 -38.41
CA SER B 162 -24.51 68.33 -38.34
C SER B 162 -24.75 67.60 -37.03
N CYS B 163 -24.91 66.28 -37.13
CA CYS B 163 -25.10 65.43 -35.96
C CYS B 163 -23.74 64.88 -35.55
N ILE B 164 -23.03 65.66 -34.73
CA ILE B 164 -21.72 65.27 -34.25
C ILE B 164 -21.86 64.12 -33.27
N PRO B 165 -21.22 62.98 -33.53
CA PRO B 165 -21.32 61.85 -32.61
C PRO B 165 -20.49 62.07 -31.35
N MET B 166 -20.61 61.11 -30.43
CA MET B 166 -20.04 61.27 -29.10
C MET B 166 -18.53 61.43 -29.13
N HIS B 167 -17.85 60.63 -29.96
CA HIS B 167 -16.39 60.58 -29.90
C HIS B 167 -15.75 61.86 -30.43
N HIS B 168 -16.47 62.65 -31.22
CA HIS B 168 -15.86 63.79 -31.88
C HIS B 168 -16.01 65.10 -31.12
N TYR B 169 -16.58 65.09 -29.92
CA TYR B 169 -16.58 66.28 -29.07
C TYR B 169 -16.26 65.90 -27.63
N ALA B 170 -16.28 66.91 -26.77
CA ALA B 170 -16.04 66.72 -25.35
C ALA B 170 -16.80 67.78 -24.56
N VAL B 171 -17.39 67.35 -23.44
CA VAL B 171 -18.17 68.23 -22.58
C VAL B 171 -17.70 68.07 -21.14
N GLN B 172 -17.49 69.20 -20.47
CA GLN B 172 -17.16 69.23 -19.05
C GLN B 172 -18.29 69.93 -18.32
N ARG B 173 -18.88 69.21 -17.37
CA ARG B 173 -20.08 69.66 -16.64
C ARG B 173 -19.81 69.61 -15.15
N ASP B 174 -20.37 70.59 -14.43
CA ASP B 174 -20.17 70.68 -12.99
C ASP B 174 -21.06 69.68 -12.27
N THR B 175 -20.96 69.67 -10.93
CA THR B 175 -21.80 68.79 -10.12
C THR B 175 -23.26 69.18 -10.23
N ASN B 176 -23.56 70.47 -10.25
CA ASN B 176 -24.95 70.92 -10.32
C ASN B 176 -25.60 70.47 -11.63
N GLY B 177 -24.87 70.56 -12.74
CA GLY B 177 -25.41 70.15 -14.02
C GLY B 177 -25.27 71.20 -15.10
N GLN B 178 -24.59 72.30 -14.80
CA GLN B 178 -24.34 73.34 -15.77
C GLN B 178 -23.19 72.94 -16.68
N LEU B 179 -23.32 73.24 -17.98
CA LEU B 179 -22.32 72.87 -18.97
C LEU B 179 -21.18 73.88 -18.92
N MET B 180 -20.08 73.51 -18.27
CA MET B 180 -18.92 74.40 -18.20
C MET B 180 -18.26 74.55 -19.56
N ASP B 181 -17.72 73.47 -20.10
CA ASP B 181 -16.84 73.53 -21.26
C ASP B 181 -17.36 72.65 -22.39
N ILE B 182 -17.26 73.15 -23.62
CA ILE B 182 -17.56 72.39 -24.82
C ILE B 182 -16.37 72.50 -25.75
N ILE B 183 -15.92 71.36 -26.29
CA ILE B 183 -14.88 71.35 -27.31
C ILE B 183 -15.37 70.49 -28.47
N LEU B 184 -15.36 71.08 -29.66
CA LEU B 184 -15.77 70.39 -30.88
C LEU B 184 -14.58 70.26 -31.82
N LEU B 185 -14.41 69.06 -32.38
CA LEU B 185 -13.31 68.77 -33.29
C LEU B 185 -13.86 68.61 -34.70
N GLN B 186 -13.28 69.33 -35.65
CA GLN B 186 -13.69 69.25 -37.05
C GLN B 186 -12.48 68.95 -37.92
N GLU B 187 -12.64 68.00 -38.84
CA GLU B 187 -11.60 67.65 -39.81
C GLU B 187 -12.11 68.05 -41.18
N LYS B 188 -11.56 69.14 -41.71
CA LYS B 188 -12.03 69.71 -42.97
C LYS B 188 -10.87 69.85 -43.95
N ALA B 189 -11.20 69.83 -45.23
CA ALA B 189 -10.20 70.03 -46.26
C ALA B 189 -9.72 71.49 -46.27
N LEU B 190 -8.55 71.71 -46.86
CA LEU B 190 -7.98 73.04 -46.88
C LEU B 190 -8.84 74.02 -47.66
N ARG B 191 -9.37 73.59 -48.81
CA ARG B 191 -10.17 74.46 -49.67
C ARG B 191 -11.65 74.35 -49.30
N THR B 192 -11.91 74.63 -48.02
CA THR B 192 -13.27 74.53 -47.50
C THR B 192 -13.68 75.78 -46.73
N PHE B 193 -12.80 76.76 -46.59
CA PHE B 193 -13.06 77.95 -45.80
C PHE B 193 -13.34 79.14 -46.73
N GLU B 194 -14.40 79.88 -46.41
CA GLU B 194 -14.75 81.05 -47.20
C GLU B 194 -13.65 82.11 -47.27
N PRO B 195 -13.09 82.59 -46.14
CA PRO B 195 -12.19 83.74 -46.23
C PRO B 195 -10.77 83.37 -46.58
N ALA B 196 -9.85 84.33 -46.50
CA ALA B 196 -8.45 84.14 -46.83
C ALA B 196 -7.70 83.35 -45.77
N LEU B 197 -8.41 82.70 -44.84
CA LEU B 197 -7.77 81.82 -43.88
C LEU B 197 -6.97 80.73 -44.58
N ARG B 198 -7.45 80.25 -45.74
CA ARG B 198 -6.71 79.28 -46.52
C ARG B 198 -5.32 79.81 -46.86
N ALA B 199 -5.23 81.12 -47.13
CA ALA B 199 -3.92 81.72 -47.36
C ALA B 199 -3.04 81.65 -46.12
N VAL B 200 -3.62 81.90 -44.95
CA VAL B 200 -2.83 81.85 -43.71
C VAL B 200 -2.80 80.45 -43.12
N ILE B 201 -3.63 79.54 -43.62
CA ILE B 201 -3.67 78.15 -43.15
C ILE B 201 -3.98 78.08 -41.66
N ASN B 215 -6.11 68.16 -45.69
CA ASN B 215 -6.85 67.75 -44.51
C ASN B 215 -6.27 68.40 -43.26
N VAL B 216 -7.08 69.24 -42.60
CA VAL B 216 -6.66 69.96 -41.40
C VAL B 216 -7.75 69.80 -40.34
N LYS B 217 -7.33 69.58 -39.10
CA LYS B 217 -8.24 69.44 -37.97
C LYS B 217 -8.17 70.69 -37.11
N LEU B 218 -9.34 71.21 -36.73
CA LEU B 218 -9.44 72.41 -35.92
C LEU B 218 -10.37 72.14 -34.74
N TYR B 219 -10.18 72.92 -33.69
CA TYR B 219 -10.95 72.82 -32.46
C TYR B 219 -11.72 74.11 -32.22
N THR B 220 -12.97 73.96 -31.76
CA THR B 220 -13.79 75.08 -31.32
C THR B 220 -14.08 74.88 -29.84
N HIS B 221 -13.59 75.79 -29.01
CA HIS B 221 -13.70 75.67 -27.56
C HIS B 221 -14.55 76.81 -27.02
N ALA B 222 -15.59 76.47 -26.26
CA ALA B 222 -16.51 77.44 -25.70
C ALA B 222 -16.70 77.17 -24.21
N CYS B 223 -16.47 78.18 -23.39
CA CYS B 223 -16.71 78.08 -21.96
C CYS B 223 -17.22 79.42 -21.47
N TYR B 224 -18.25 79.41 -20.61
CA TYR B 224 -18.83 80.67 -20.18
C TYR B 224 -18.12 81.15 -18.92
N GLU B 225 -17.78 82.44 -18.91
CA GLU B 225 -17.16 83.02 -17.73
C GLU B 225 -18.16 83.39 -16.66
N GLY B 226 -19.45 83.35 -16.96
CA GLY B 226 -20.49 83.75 -16.05
C GLY B 226 -21.39 84.82 -16.64
N ASP B 227 -22.51 85.05 -15.94
CA ASP B 227 -23.51 86.02 -16.34
C ASP B 227 -24.00 85.76 -17.77
N GLY B 228 -24.20 84.50 -18.10
CA GLY B 228 -24.70 84.13 -19.42
C GLY B 228 -23.81 84.55 -20.57
N PHE B 229 -22.50 84.64 -20.35
CA PHE B 229 -21.56 85.06 -21.36
C PHE B 229 -20.52 83.98 -21.59
N TRP B 230 -20.43 83.51 -22.84
CA TRP B 230 -19.55 82.43 -23.25
C TRP B 230 -18.40 83.02 -24.05
N LYS B 231 -17.17 82.65 -23.67
CA LYS B 231 -15.99 82.92 -24.48
C LYS B 231 -15.79 81.74 -25.42
N VAL B 232 -15.71 82.02 -26.72
CA VAL B 232 -15.54 81.02 -27.74
C VAL B 232 -14.27 81.32 -28.53
N GLN B 233 -13.53 80.27 -28.88
CA GLN B 233 -12.24 80.41 -29.53
C GLN B 233 -12.04 79.27 -30.52
N GLN B 234 -11.28 79.54 -31.57
CA GLN B 234 -10.96 78.55 -32.60
C GLN B 234 -9.46 78.37 -32.68
N SER B 235 -9.02 77.11 -32.74
CA SER B 235 -7.61 76.78 -32.88
C SER B 235 -7.40 75.84 -34.05
N ALA B 236 -6.38 76.09 -34.84
CA ALA B 236 -6.00 75.22 -35.95
C ALA B 236 -4.69 74.52 -35.55
N ASP B 237 -4.80 73.24 -35.21
CA ASP B 237 -3.67 72.43 -34.78
C ASP B 237 -3.00 73.04 -33.55
N ASP B 238 -2.21 74.10 -33.76
CA ASP B 238 -1.51 74.77 -32.68
C ASP B 238 -1.71 76.27 -32.68
N LEU B 239 -2.03 76.87 -33.83
CA LEU B 239 -2.15 78.32 -33.92
C LEU B 239 -3.58 78.73 -33.60
N PRO B 240 -3.80 79.61 -32.62
CA PRO B 240 -5.16 80.12 -32.39
C PRO B 240 -5.59 81.05 -33.52
N VAL B 241 -6.63 80.64 -34.24
CA VAL B 241 -7.09 81.37 -35.41
C VAL B 241 -8.32 82.18 -35.02
N GLY B 242 -8.60 83.19 -35.84
CA GLY B 242 -9.74 84.05 -35.59
C GLY B 242 -9.56 84.88 -34.32
N LYS B 243 -10.69 85.41 -33.85
CA LYS B 243 -10.74 86.20 -32.63
C LYS B 243 -11.75 85.58 -31.68
N SER B 244 -11.34 85.43 -30.41
CA SER B 244 -12.26 84.93 -29.40
C SER B 244 -13.44 85.87 -29.26
N SER B 245 -14.63 85.30 -29.10
CA SER B 245 -15.86 86.09 -29.08
C SER B 245 -16.62 85.87 -27.78
N ARG B 246 -17.24 86.94 -27.31
CA ARG B 246 -18.13 86.92 -26.15
C ARG B 246 -19.57 86.85 -26.66
N VAL B 247 -20.27 85.78 -26.31
CA VAL B 247 -21.55 85.49 -26.92
C VAL B 247 -22.58 85.14 -25.85
N LYS B 248 -23.82 85.55 -26.09
CA LYS B 248 -24.93 85.11 -25.26
C LYS B 248 -25.17 83.61 -25.45
N ALA B 249 -25.64 82.96 -24.39
CA ALA B 249 -25.87 81.52 -24.45
C ALA B 249 -26.90 81.17 -25.51
N ASP B 250 -27.85 82.07 -25.78
CA ASP B 250 -28.86 81.81 -26.81
C ASP B 250 -28.23 81.68 -28.19
N LYS B 251 -27.25 82.54 -28.49
CA LYS B 251 -26.62 82.55 -29.80
C LYS B 251 -25.50 81.51 -29.93
N LEU B 252 -25.48 80.51 -29.06
CA LEU B 252 -24.45 79.48 -29.12
C LEU B 252 -24.61 78.67 -30.40
N PRO B 253 -23.55 78.47 -31.20
CA PRO B 253 -23.72 77.84 -32.51
C PRO B 253 -23.82 76.31 -32.45
N PHE B 254 -24.02 75.75 -31.27
CA PHE B 254 -24.21 74.31 -31.16
C PHE B 254 -25.07 74.01 -29.93
N MET B 255 -25.62 72.80 -29.90
CA MET B 255 -26.51 72.41 -28.81
C MET B 255 -26.29 70.93 -28.53
N VAL B 256 -26.55 70.53 -27.28
CA VAL B 256 -26.19 69.21 -26.79
C VAL B 256 -27.44 68.44 -26.39
N LEU B 257 -27.50 67.17 -26.82
CA LEU B 257 -28.57 66.26 -26.45
C LEU B 257 -28.01 65.14 -25.60
N THR B 258 -28.67 64.86 -24.47
CA THR B 258 -28.35 63.71 -23.63
C THR B 258 -29.63 62.92 -23.41
N TRP B 259 -29.57 61.61 -23.63
CA TRP B 259 -30.77 60.77 -23.52
C TRP B 259 -31.17 60.58 -22.06
N LYS B 260 -30.19 60.27 -21.21
CA LYS B 260 -30.48 59.75 -19.87
C LYS B 260 -29.27 60.02 -18.99
N ARG B 261 -29.38 61.02 -18.12
CA ARG B 261 -28.28 61.46 -17.28
C ARG B 261 -28.56 61.18 -15.82
N SER B 262 -27.60 60.58 -15.14
CA SER B 262 -27.63 60.43 -13.70
C SER B 262 -26.98 61.64 -13.04
N TYR B 263 -27.28 61.82 -11.74
CA TYR B 263 -26.72 62.96 -11.02
C TYR B 263 -25.21 62.82 -10.91
N GLY B 264 -24.51 63.94 -11.06
CA GLY B 264 -23.06 63.92 -10.97
C GLY B 264 -22.37 63.22 -12.11
N GLU B 265 -23.05 63.07 -13.26
CA GLU B 265 -22.48 62.41 -14.42
C GLU B 265 -22.29 63.42 -15.54
N ASP B 266 -21.10 63.43 -16.13
CA ASP B 266 -20.81 64.38 -17.20
C ASP B 266 -21.48 63.97 -18.50
N TRP B 267 -21.70 62.67 -18.70
CA TRP B 267 -22.32 62.16 -19.91
C TRP B 267 -23.51 61.26 -19.55
N GLY B 268 -24.43 61.14 -20.50
CA GLY B 268 -25.62 60.36 -20.30
C GLY B 268 -25.41 58.88 -20.53
N ARG B 269 -26.51 58.14 -20.47
CA ARG B 269 -26.53 56.70 -20.69
C ARG B 269 -27.58 56.35 -21.74
N PRO B 270 -27.39 55.28 -22.48
CA PRO B 270 -28.37 54.90 -23.51
C PRO B 270 -29.47 54.00 -22.94
N LEU B 271 -30.52 53.84 -23.76
CA LEU B 271 -31.63 52.98 -23.38
C LEU B 271 -31.27 51.50 -23.50
N CYS B 272 -30.54 51.13 -24.56
CA CYS B 272 -30.13 49.74 -24.73
C CYS B 272 -29.23 49.27 -23.60
N GLU B 273 -28.62 50.20 -22.88
CA GLU B 273 -27.86 49.83 -21.69
C GLU B 273 -28.77 49.18 -20.65
N ASP B 274 -30.06 49.54 -20.66
CA ASP B 274 -30.98 49.05 -19.66
C ASP B 274 -31.46 47.63 -19.97
N TYR B 275 -31.31 47.17 -21.21
CA TYR B 275 -31.80 45.86 -21.62
C TYR B 275 -30.73 45.05 -22.35
N SER B 276 -29.46 45.42 -22.19
CA SER B 276 -28.37 44.60 -22.71
C SER B 276 -28.47 43.15 -22.28
N GLY B 277 -28.87 42.90 -21.03
CA GLY B 277 -28.96 41.52 -20.57
C GLY B 277 -30.00 40.72 -21.33
N ASP B 278 -31.19 41.31 -21.52
CA ASP B 278 -32.23 40.63 -22.29
C ASP B 278 -31.79 40.43 -23.73
N LEU B 279 -31.13 41.43 -24.31
CA LEU B 279 -30.66 41.28 -25.69
C LEU B 279 -29.62 40.18 -25.80
N PHE B 280 -28.72 40.07 -24.82
CA PHE B 280 -27.73 38.99 -24.83
C PHE B 280 -28.41 37.63 -24.70
N VAL B 281 -29.44 37.54 -23.85
CA VAL B 281 -30.18 36.27 -23.73
C VAL B 281 -30.82 35.91 -25.06
N VAL B 282 -31.42 36.89 -25.73
CA VAL B 282 -32.02 36.64 -27.03
C VAL B 282 -30.97 36.17 -28.03
N GLN B 283 -29.80 36.82 -28.02
CA GLN B 283 -28.73 36.42 -28.93
C GLN B 283 -28.29 34.98 -28.66
N PHE B 284 -28.11 34.62 -27.39
CA PHE B 284 -27.67 33.27 -27.05
C PHE B 284 -28.70 32.24 -27.48
N LEU B 285 -29.98 32.48 -27.20
CA LEU B 285 -31.00 31.52 -27.56
C LEU B 285 -31.16 31.40 -29.07
N SER B 286 -31.08 32.52 -29.79
CA SER B 286 -31.16 32.46 -31.25
C SER B 286 -29.98 31.69 -31.83
N GLU B 287 -28.78 31.92 -31.30
CA GLU B 287 -27.63 31.16 -31.75
C GLU B 287 -27.82 29.67 -31.48
N ALA B 288 -28.33 29.33 -30.30
CA ALA B 288 -28.53 27.92 -29.96
C ALA B 288 -29.52 27.27 -30.92
N VAL B 289 -30.64 27.93 -31.18
CA VAL B 289 -31.69 27.32 -32.01
C VAL B 289 -31.22 27.21 -33.45
N ALA B 290 -30.53 28.25 -33.96
CA ALA B 290 -30.02 28.18 -35.33
C ALA B 290 -28.97 27.09 -35.47
N ARG B 291 -28.07 26.98 -34.49
CA ARG B 291 -27.04 25.95 -34.55
C ARG B 291 -27.65 24.56 -34.47
N GLY B 292 -28.66 24.38 -33.63
CA GLY B 292 -29.33 23.09 -33.57
C GLY B 292 -30.02 22.74 -34.88
N ALA B 293 -30.70 23.71 -35.49
CA ALA B 293 -31.35 23.45 -36.76
C ALA B 293 -30.33 23.08 -37.84
N ALA B 294 -29.22 23.81 -37.91
CA ALA B 294 -28.20 23.51 -38.90
C ALA B 294 -27.57 22.14 -38.65
N LEU B 295 -27.30 21.82 -37.38
CA LEU B 295 -26.69 20.53 -37.04
C LEU B 295 -27.63 19.37 -37.38
N MET B 296 -28.93 19.55 -37.17
CA MET B 296 -29.89 18.51 -37.53
C MET B 296 -30.08 18.43 -39.04
N ALA B 297 -29.87 19.53 -39.75
CA ALA B 297 -30.06 19.52 -41.20
C ALA B 297 -29.05 18.64 -41.93
N ASP B 298 -27.91 18.35 -41.31
CA ASP B 298 -26.87 17.59 -41.97
C ASP B 298 -27.27 16.11 -42.09
N ILE B 299 -26.67 15.43 -43.05
CA ILE B 299 -26.92 14.02 -43.32
C ILE B 299 -25.60 13.27 -43.32
N LYS B 300 -25.59 12.07 -42.75
CA LYS B 300 -24.34 11.33 -42.60
C LYS B 300 -24.43 9.86 -43.01
N TYR B 301 -25.63 9.29 -43.01
CA TYR B 301 -25.84 7.89 -43.39
C TYR B 301 -25.14 6.91 -42.46
N LEU B 302 -25.41 5.62 -42.62
CA LEU B 302 -24.80 4.59 -41.79
C LEU B 302 -25.18 3.22 -42.35
N ILE B 303 -24.23 2.29 -42.31
CA ILE B 303 -24.49 0.89 -42.64
C ILE B 303 -23.97 0.01 -41.52
N ARG B 304 -24.71 -1.06 -41.23
CA ARG B 304 -24.30 -1.97 -40.17
C ARG B 304 -23.16 -2.85 -40.66
N PRO B 305 -22.14 -3.10 -39.83
CA PRO B 305 -21.07 -4.02 -40.25
C PRO B 305 -21.60 -5.42 -40.48
N GLY B 306 -20.95 -6.13 -41.41
CA GLY B 306 -21.50 -7.39 -41.87
C GLY B 306 -22.82 -7.20 -42.59
N ALA B 307 -22.89 -6.19 -43.46
CA ALA B 307 -24.16 -5.77 -44.06
C ALA B 307 -24.76 -6.81 -45.00
N GLN B 308 -23.97 -7.76 -45.50
CA GLN B 308 -24.43 -8.79 -46.43
C GLN B 308 -24.86 -8.12 -47.75
N THR B 309 -24.56 -6.84 -47.90
CA THR B 309 -24.84 -6.11 -49.13
C THR B 309 -23.61 -5.29 -49.50
N ASP B 310 -23.52 -4.93 -50.78
CA ASP B 310 -22.38 -4.20 -51.30
C ASP B 310 -22.80 -2.77 -51.64
N VAL B 311 -22.06 -1.80 -51.10
CA VAL B 311 -22.48 -0.40 -51.20
C VAL B 311 -22.33 0.17 -52.60
N GLU B 312 -21.32 -0.28 -53.37
CA GLU B 312 -21.10 0.32 -54.68
C GLU B 312 -22.28 0.08 -55.61
N HIS B 313 -22.82 -1.14 -55.63
CA HIS B 313 -23.99 -1.41 -56.43
C HIS B 313 -25.21 -0.65 -55.93
N PHE B 314 -25.33 -0.50 -54.61
CA PHE B 314 -26.43 0.28 -54.04
C PHE B 314 -26.34 1.75 -54.42
N VAL B 315 -25.13 2.25 -54.65
CA VAL B 315 -24.93 3.69 -54.86
C VAL B 315 -24.78 4.02 -56.34
N ASN B 316 -23.95 3.28 -57.06
CA ASN B 316 -23.57 3.64 -58.43
C ASN B 316 -24.65 3.20 -59.43
N SER B 317 -25.88 3.61 -59.13
CA SER B 317 -27.02 3.46 -60.03
C SER B 317 -28.15 4.31 -59.48
N GLY B 318 -29.31 4.24 -60.14
CA GLY B 318 -30.42 5.06 -59.69
C GLY B 318 -31.76 4.75 -60.35
N THR B 319 -32.84 5.07 -59.65
CA THR B 319 -34.21 4.82 -60.11
C THR B 319 -34.45 3.33 -60.37
N GLY B 320 -34.32 2.54 -59.30
CA GLY B 320 -34.69 1.15 -59.36
C GLY B 320 -33.55 0.17 -59.15
N GLU B 321 -33.43 -0.79 -60.07
CA GLU B 321 -32.37 -1.80 -60.07
C GLU B 321 -32.50 -2.77 -58.91
N VAL B 322 -31.80 -3.90 -59.01
CA VAL B 322 -31.82 -4.96 -58.02
C VAL B 322 -30.52 -4.92 -57.22
N ILE B 323 -30.63 -4.89 -55.90
CA ILE B 323 -29.46 -4.77 -55.04
C ILE B 323 -29.24 -6.00 -54.16
N THR B 324 -30.30 -6.71 -53.78
CA THR B 324 -30.21 -7.89 -52.91
C THR B 324 -29.45 -7.58 -51.62
N GLY B 325 -30.03 -6.69 -50.82
CA GLY B 325 -29.42 -6.26 -49.57
C GLY B 325 -30.27 -6.53 -48.35
N VAL B 326 -30.12 -5.70 -47.32
CA VAL B 326 -30.78 -5.89 -46.04
C VAL B 326 -31.53 -4.62 -45.68
N GLU B 327 -32.66 -4.80 -44.97
CA GLU B 327 -33.51 -3.66 -44.60
C GLU B 327 -32.77 -2.66 -43.72
N GLU B 328 -32.08 -3.14 -42.68
CA GLU B 328 -31.51 -2.24 -41.68
C GLU B 328 -30.33 -1.44 -42.21
N ASP B 329 -29.77 -1.83 -43.36
CA ASP B 329 -28.64 -1.11 -43.91
C ASP B 329 -29.09 0.19 -44.57
N ILE B 330 -28.19 1.16 -44.61
CA ILE B 330 -28.48 2.52 -45.07
C ILE B 330 -29.59 3.08 -44.19
N HIS B 331 -29.22 3.64 -43.04
CA HIS B 331 -30.20 3.96 -42.01
C HIS B 331 -30.58 5.44 -41.96
N ILE B 332 -29.82 6.32 -42.62
CA ILE B 332 -30.13 7.74 -42.71
C ILE B 332 -30.19 8.34 -41.29
N VAL B 333 -29.04 8.77 -40.77
CA VAL B 333 -28.93 9.05 -39.35
C VAL B 333 -29.18 10.51 -39.02
N GLN B 334 -28.49 11.43 -39.70
CA GLN B 334 -28.45 12.86 -39.35
C GLN B 334 -27.75 13.07 -38.02
N LEU B 335 -27.15 14.25 -37.82
CA LEU B 335 -26.40 14.51 -36.61
C LEU B 335 -27.31 14.73 -35.41
N GLY B 336 -28.37 15.51 -35.59
CA GLY B 336 -29.19 15.95 -34.47
C GLY B 336 -30.61 15.44 -34.49
N LYS B 337 -30.78 14.14 -34.79
CA LYS B 337 -32.12 13.57 -34.97
C LYS B 337 -33.02 13.83 -33.78
N TYR B 338 -32.48 13.72 -32.56
CA TYR B 338 -33.34 13.80 -31.38
C TYR B 338 -33.66 15.25 -31.01
N ALA B 339 -32.64 16.03 -30.65
CA ALA B 339 -32.76 17.45 -30.33
C ALA B 339 -33.72 17.73 -29.17
N ASP B 340 -33.70 18.97 -28.66
CA ASP B 340 -34.66 19.40 -27.65
C ASP B 340 -35.06 20.85 -27.86
N LEU B 341 -35.11 21.31 -29.10
CA LEU B 341 -35.37 22.71 -29.41
C LEU B 341 -36.85 23.09 -29.29
N THR B 342 -37.70 22.22 -28.72
CA THR B 342 -39.12 22.56 -28.63
C THR B 342 -39.40 23.64 -27.60
N PRO B 343 -39.02 23.49 -26.32
CA PRO B 343 -39.35 24.54 -25.34
C PRO B 343 -38.44 25.75 -25.41
N ILE B 344 -37.37 25.70 -26.19
CA ILE B 344 -36.49 26.87 -26.35
C ILE B 344 -37.26 28.01 -27.00
N ASP B 345 -38.07 27.69 -28.02
CA ASP B 345 -38.82 28.72 -28.73
C ASP B 345 -39.76 29.48 -27.82
N ALA B 346 -40.31 28.82 -26.80
CA ALA B 346 -41.20 29.51 -25.86
C ALA B 346 -40.46 30.60 -25.11
N VAL B 347 -39.27 30.29 -24.58
CA VAL B 347 -38.49 31.29 -23.87
C VAL B 347 -38.05 32.40 -24.82
N LEU B 348 -37.64 32.03 -26.02
CA LEU B 348 -37.21 33.04 -26.99
C LEU B 348 -38.33 34.00 -27.34
N GLU B 349 -39.53 33.46 -27.58
CA GLU B 349 -40.65 34.34 -27.92
C GLU B 349 -41.09 35.17 -26.73
N LYS B 350 -41.01 34.63 -25.52
CA LYS B 350 -41.33 35.42 -24.33
C LYS B 350 -40.39 36.61 -24.23
N TYR B 351 -39.09 36.37 -24.39
CA TYR B 351 -38.12 37.46 -24.25
C TYR B 351 -38.27 38.49 -25.36
N VAL B 352 -38.46 38.04 -26.61
CA VAL B 352 -38.60 39.01 -27.69
C VAL B 352 -39.89 39.79 -27.55
N ARG B 353 -40.95 39.15 -27.06
CA ARG B 353 -42.20 39.87 -26.81
C ARG B 353 -42.01 40.93 -25.73
N ARG B 354 -41.27 40.60 -24.66
CA ARG B 354 -41.01 41.58 -23.63
C ARG B 354 -40.22 42.76 -24.18
N ILE B 355 -39.20 42.49 -24.99
CA ILE B 355 -38.40 43.57 -25.58
C ILE B 355 -39.28 44.43 -26.49
N GLY B 356 -40.11 43.79 -27.31
CA GLY B 356 -41.00 44.55 -28.17
C GLY B 356 -41.97 45.42 -27.39
N VAL B 357 -42.48 44.90 -26.26
CA VAL B 357 -43.34 45.69 -25.40
C VAL B 357 -42.58 46.90 -24.85
N VAL B 358 -41.31 46.70 -24.51
CA VAL B 358 -40.49 47.82 -24.04
C VAL B 358 -40.32 48.87 -25.14
N PHE B 359 -40.12 48.43 -26.38
CA PHE B 359 -39.81 49.34 -27.48
C PHE B 359 -41.04 49.79 -28.26
N MET B 360 -42.24 49.42 -27.81
CA MET B 360 -43.50 49.80 -28.46
C MET B 360 -43.56 49.31 -29.90
N MET B 361 -43.55 47.99 -30.06
CA MET B 361 -43.69 47.39 -31.37
C MET B 361 -45.14 47.34 -31.81
N GLU B 383 -48.20 54.77 -28.74
CA GLU B 383 -48.31 54.79 -27.29
C GLU B 383 -47.00 55.24 -26.65
N VAL B 384 -46.90 56.52 -26.34
CA VAL B 384 -45.73 57.10 -25.69
C VAL B 384 -46.08 57.74 -24.36
N GLU B 385 -47.14 58.56 -24.33
CA GLU B 385 -47.51 59.27 -23.12
C GLU B 385 -47.85 58.32 -21.99
N GLN B 386 -48.43 57.16 -22.30
CA GLN B 386 -48.74 56.15 -21.29
C GLN B 386 -47.64 55.10 -21.15
N SER B 387 -46.79 54.93 -22.17
CA SER B 387 -45.70 53.95 -22.08
C SER B 387 -44.40 54.60 -21.60
N LEU B 388 -43.88 55.56 -22.37
CA LEU B 388 -42.71 56.32 -21.95
C LEU B 388 -43.09 57.65 -21.32
N GLY B 389 -43.73 58.53 -22.09
CA GLY B 389 -44.26 59.78 -21.55
C GLY B 389 -43.20 60.77 -21.13
N GLY B 390 -42.32 60.35 -20.22
CA GLY B 390 -41.26 61.21 -19.76
C GLY B 390 -40.33 61.65 -20.87
N ALA B 391 -40.11 60.78 -21.85
CA ALA B 391 -39.31 61.16 -23.02
C ALA B 391 -39.98 62.30 -23.79
N TYR B 392 -41.30 62.21 -23.98
CA TYR B 392 -42.02 63.24 -24.71
C TYR B 392 -41.89 64.59 -24.03
N SER B 393 -42.19 64.65 -22.73
CA SER B 393 -42.10 65.91 -22.00
C SER B 393 -40.67 66.41 -21.93
N LEU B 394 -39.71 65.50 -21.70
CA LEU B 394 -38.32 65.91 -21.56
C LEU B 394 -37.78 66.50 -22.85
N PHE B 395 -38.08 65.88 -24.00
CA PHE B 395 -37.64 66.41 -25.28
C PHE B 395 -38.47 67.61 -25.74
N SER B 396 -39.67 67.79 -25.20
CA SER B 396 -40.41 69.02 -25.46
C SER B 396 -39.77 70.23 -24.81
N VAL B 397 -38.82 70.02 -23.91
CA VAL B 397 -38.12 71.10 -23.22
C VAL B 397 -36.66 71.20 -23.66
N THR B 398 -35.93 70.09 -23.60
CA THR B 398 -34.51 70.12 -23.89
C THR B 398 -34.20 70.19 -25.38
N MET B 399 -35.17 69.86 -26.25
CA MET B 399 -34.91 69.82 -27.68
C MET B 399 -35.79 70.77 -28.47
N GLN B 400 -37.10 70.77 -28.22
CA GLN B 400 -37.99 71.66 -28.97
C GLN B 400 -37.65 73.13 -28.71
N GLN B 401 -37.41 73.49 -27.46
CA GLN B 401 -37.13 74.88 -27.14
C GLN B 401 -35.87 75.42 -27.83
N PRO B 402 -34.72 74.73 -27.79
CA PRO B 402 -33.58 75.22 -28.56
C PRO B 402 -33.85 75.35 -30.05
N MET B 403 -34.61 74.41 -30.62
CA MET B 403 -34.94 74.50 -32.04
C MET B 403 -35.79 75.73 -32.33
N ALA B 404 -36.77 76.01 -31.46
CA ALA B 404 -37.59 77.20 -31.64
C ALA B 404 -36.75 78.47 -31.52
N ILE B 405 -35.84 78.50 -30.54
CA ILE B 405 -34.97 79.67 -30.39
C ILE B 405 -34.12 79.87 -31.63
N TRP B 406 -33.57 78.77 -32.17
CA TRP B 406 -32.80 78.85 -33.41
C TRP B 406 -33.65 79.38 -34.55
N GLY B 407 -34.90 78.91 -34.64
CA GLY B 407 -35.77 79.35 -35.72
C GLY B 407 -36.07 80.83 -35.66
N LEU B 408 -36.41 81.33 -34.47
CA LEU B 408 -36.67 82.76 -34.32
C LEU B 408 -35.41 83.59 -34.57
N GLN B 409 -34.26 83.13 -34.08
CA GLN B 409 -33.04 83.93 -34.22
C GLN B 409 -32.48 83.91 -35.63
N GLU B 410 -32.75 82.86 -36.41
CA GLU B 410 -32.21 82.78 -37.76
C GLU B 410 -32.81 83.86 -38.66
N ASN B 411 -34.12 84.09 -38.55
CA ASN B 411 -34.78 85.10 -39.37
C ASN B 411 -34.26 86.49 -39.02
N ALA B 412 -34.40 86.88 -37.76
CA ALA B 412 -33.95 88.19 -37.31
C ALA B 412 -33.65 88.18 -35.81
N ALA B 435 -57.43 72.78 -25.77
CA ALA B 435 -57.02 73.31 -24.48
C ALA B 435 -57.92 74.47 -24.07
N GLU B 436 -58.13 75.41 -24.99
CA GLU B 436 -58.96 76.57 -24.73
C GLU B 436 -60.13 76.72 -25.68
N LEU B 437 -59.98 76.31 -26.95
CA LEU B 437 -61.11 76.36 -27.87
C LEU B 437 -62.18 75.34 -27.50
N ASP B 438 -61.76 74.24 -26.88
CA ASP B 438 -62.73 73.27 -26.36
C ASP B 438 -63.65 73.92 -25.34
N LYS B 439 -63.16 74.92 -24.60
CA LYS B 439 -64.03 75.68 -23.71
C LYS B 439 -65.09 76.43 -24.50
N LEU B 440 -64.71 77.01 -25.64
CA LEU B 440 -65.69 77.66 -26.50
C LEU B 440 -66.73 76.67 -27.01
N ALA B 441 -66.29 75.48 -27.42
CA ALA B 441 -67.23 74.48 -27.90
C ALA B 441 -68.19 74.05 -26.79
N GLN B 442 -67.66 73.85 -25.58
CA GLN B 442 -68.50 73.44 -24.46
C GLN B 442 -69.50 74.54 -24.10
N PHE B 443 -69.05 75.80 -24.12
CA PHE B 443 -69.96 76.91 -23.86
C PHE B 443 -71.06 76.99 -24.91
N SER B 444 -70.70 76.77 -26.17
CA SER B 444 -71.71 76.78 -27.22
C SER B 444 -72.72 75.66 -27.02
N ASN B 445 -72.25 74.46 -26.65
CA ASN B 445 -73.15 73.34 -26.42
C ASN B 445 -74.09 73.61 -25.25
N TYR B 446 -73.56 74.16 -24.16
CA TYR B 446 -74.37 74.35 -22.95
C TYR B 446 -75.28 75.57 -23.03
N MET B 447 -74.90 76.58 -23.81
CA MET B 447 -75.69 77.81 -23.86
C MET B 447 -76.81 77.74 -24.89
N ASN B 448 -76.82 76.70 -25.73
CA ASN B 448 -77.91 76.50 -26.67
C ASN B 448 -79.21 76.08 -25.99
N LEU B 449 -79.18 75.75 -24.70
CA LEU B 449 -80.36 75.23 -24.03
C LEU B 449 -81.54 76.19 -24.03
N PRO B 450 -81.40 77.48 -23.66
CA PRO B 450 -82.59 78.35 -23.64
C PRO B 450 -83.12 78.70 -25.03
N THR B 451 -83.46 77.69 -25.80
CA THR B 451 -84.07 77.86 -27.11
C THR B 451 -85.43 77.20 -27.22
N THR B 452 -85.57 75.99 -26.68
CA THR B 452 -86.84 75.27 -26.66
C THR B 452 -87.64 75.54 -25.40
N TRP B 453 -87.19 76.46 -24.56
CA TRP B 453 -87.89 76.79 -23.33
C TRP B 453 -89.22 77.46 -23.64
N PRO B 454 -90.20 77.35 -22.75
CA PRO B 454 -91.47 78.05 -22.96
C PRO B 454 -91.28 79.55 -23.05
N GLU B 455 -92.14 80.19 -23.84
CA GLU B 455 -91.99 81.62 -24.10
C GLU B 455 -92.07 82.43 -22.81
N TRP B 456 -93.02 82.08 -21.92
CA TRP B 456 -93.09 82.74 -20.63
C TRP B 456 -91.88 82.44 -19.76
N ALA B 457 -91.18 81.33 -20.03
CA ALA B 457 -89.95 80.97 -19.32
C ALA B 457 -88.71 81.42 -20.06
N GLN B 458 -88.73 81.40 -21.39
CA GLN B 458 -87.61 81.92 -22.16
C GLN B 458 -87.42 83.41 -21.90
N ASP B 459 -88.53 84.16 -21.81
CA ASP B 459 -88.50 85.56 -21.45
C ASP B 459 -88.22 85.68 -19.95
N ALA B 460 -88.07 86.91 -19.48
CA ALA B 460 -87.71 87.21 -18.09
C ALA B 460 -86.38 86.55 -17.72
N ILE B 461 -85.41 86.69 -18.61
CA ILE B 461 -84.06 86.18 -18.40
C ILE B 461 -83.08 87.33 -18.62
N LYS B 462 -81.98 87.33 -17.87
CA LYS B 462 -81.00 88.40 -17.97
C LYS B 462 -79.82 87.93 -18.82
N PRO B 463 -79.62 88.49 -20.01
CA PRO B 463 -78.65 87.92 -20.95
C PRO B 463 -77.19 88.02 -20.51
N THR B 464 -76.76 89.25 -20.25
CA THR B 464 -75.33 89.51 -20.04
C THR B 464 -74.82 88.77 -18.80
N GLU B 465 -75.54 88.84 -17.69
CA GLU B 465 -75.09 88.16 -16.47
C GLU B 465 -75.17 86.65 -16.62
N TYR B 466 -76.16 86.14 -17.35
CA TYR B 466 -76.22 84.70 -17.62
C TYR B 466 -74.98 84.23 -18.36
N MET B 467 -74.65 84.89 -19.46
CA MET B 467 -73.49 84.46 -20.24
C MET B 467 -72.20 84.65 -19.46
N ASP B 468 -72.11 85.73 -18.68
CA ASP B 468 -70.93 85.95 -17.85
C ASP B 468 -70.76 84.85 -16.82
N TRP B 469 -71.86 84.43 -16.19
CA TRP B 469 -71.77 83.34 -15.24
C TRP B 469 -71.35 82.04 -15.91
N VAL B 470 -71.89 81.78 -17.12
CA VAL B 470 -71.55 80.55 -17.81
C VAL B 470 -70.05 80.52 -18.14
N ARG B 471 -69.53 81.64 -18.65
CA ARG B 471 -68.11 81.66 -19.00
C ARG B 471 -67.23 81.71 -17.75
N GLY B 472 -67.74 82.24 -16.64
CA GLY B 472 -67.00 82.16 -15.40
C GLY B 472 -66.92 80.76 -14.85
N GLN B 473 -68.02 80.01 -14.94
CA GLN B 473 -68.02 78.61 -14.54
C GLN B 473 -67.07 77.80 -15.43
N ILE B 474 -67.12 78.04 -16.74
CA ILE B 474 -66.18 77.39 -17.64
C ILE B 474 -64.76 77.94 -17.41
N SER B 475 -64.66 79.16 -16.91
CA SER B 475 -63.38 79.85 -16.69
C SER B 475 -62.63 80.00 -18.02
N ALA B 476 -63.28 80.70 -18.95
CA ALA B 476 -62.72 80.95 -20.27
C ALA B 476 -62.61 82.45 -20.51
N ASP B 477 -61.50 82.86 -21.11
CA ASP B 477 -61.25 84.27 -21.41
C ASP B 477 -62.00 84.61 -22.70
N PHE B 478 -63.19 85.19 -22.55
CA PHE B 478 -64.01 85.56 -23.70
C PHE B 478 -64.14 87.08 -23.74
N PRO B 479 -63.40 87.77 -24.62
CA PRO B 479 -63.61 89.22 -24.78
C PRO B 479 -64.74 89.50 -25.76
N PHE B 480 -65.60 88.50 -25.94
CA PHE B 480 -66.53 88.47 -27.06
C PHE B 480 -67.78 89.31 -26.79
N LEU B 481 -68.48 89.02 -25.69
CA LEU B 481 -69.79 89.56 -25.45
C LEU B 481 -69.72 91.00 -24.96
N MET B 482 -70.89 91.66 -24.98
CA MET B 482 -70.98 93.01 -24.45
C MET B 482 -70.84 93.01 -22.94
N SER B 483 -70.45 94.16 -22.40
CA SER B 483 -70.30 94.31 -20.96
C SER B 483 -71.65 94.31 -20.27
N GLN C 4 -10.20 10.26 41.77
CA GLN C 4 -11.44 10.80 41.25
C GLN C 4 -11.56 10.54 39.75
N SER C 5 -12.79 10.34 39.28
CA SER C 5 -13.12 10.07 37.88
C SER C 5 -12.52 8.75 37.42
N ASP C 6 -13.02 8.22 36.31
CA ASP C 6 -12.53 6.96 35.78
C ASP C 6 -12.34 6.94 34.27
N THR C 7 -12.63 8.04 33.57
CA THR C 7 -12.46 8.05 32.12
C THR C 7 -11.03 7.80 31.67
N PRO C 8 -9.98 8.41 32.25
CA PRO C 8 -8.62 8.06 31.79
C PRO C 8 -8.25 6.61 32.07
N SER C 9 -8.69 6.07 33.21
CA SER C 9 -8.22 4.78 33.66
C SER C 9 -8.72 3.65 32.77
N ILE C 10 -10.02 3.62 32.49
CA ILE C 10 -10.62 2.46 31.86
C ILE C 10 -10.26 2.35 30.39
N MET C 11 -10.34 3.47 29.65
CA MET C 11 -10.28 3.37 28.20
C MET C 11 -8.87 3.59 27.67
N ALA C 12 -7.92 3.84 28.56
CA ALA C 12 -6.51 3.83 28.15
C ALA C 12 -6.10 2.46 27.66
N GLU C 13 -6.63 1.40 28.27
CA GLU C 13 -6.33 0.04 27.84
C GLU C 13 -7.01 -0.30 26.51
N SER C 14 -7.95 0.52 26.06
CA SER C 14 -8.68 0.23 24.83
C SER C 14 -7.74 0.19 23.64
N GLN C 15 -8.00 -0.75 22.71
CA GLN C 15 -7.15 -0.95 21.56
C GLN C 15 -8.02 -1.12 20.32
N PHE C 16 -7.67 -0.43 19.24
CA PHE C 16 -8.43 -0.59 18.00
C PHE C 16 -7.70 -1.48 17.01
N ASN C 17 -6.38 -1.29 16.88
CA ASN C 17 -5.52 -2.09 16.01
C ASN C 17 -6.03 -2.07 14.57
N SER C 18 -6.04 -0.87 13.99
CA SER C 18 -6.41 -0.75 12.58
C SER C 18 -5.31 -1.36 11.70
N LEU C 19 -5.69 -1.72 10.48
CA LEU C 19 -4.77 -2.36 9.55
C LEU C 19 -4.16 -1.31 8.63
N SER C 20 -2.83 -1.25 8.62
CA SER C 20 -2.13 -0.33 7.72
C SER C 20 -0.94 -0.94 7.02
N THR C 21 -0.34 -2.02 7.53
CA THR C 21 0.84 -2.60 6.93
C THR C 21 0.49 -3.36 5.65
N LYS C 22 1.47 -3.45 4.74
CA LYS C 22 1.29 -4.27 3.55
C LYS C 22 1.17 -5.74 3.91
N LEU C 23 1.90 -6.18 4.93
CA LEU C 23 1.88 -7.58 5.32
C LEU C 23 0.50 -8.03 5.78
N ASP C 24 -0.21 -7.18 6.54
CA ASP C 24 -1.54 -7.54 7.00
C ASP C 24 -2.49 -7.73 5.83
N ALA C 25 -2.34 -6.92 4.78
CA ALA C 25 -3.14 -7.14 3.57
C ALA C 25 -2.81 -8.49 2.94
N VAL C 26 -1.52 -8.86 2.91
CA VAL C 26 -1.13 -10.17 2.42
C VAL C 26 -1.70 -11.26 3.31
N ASN C 27 -1.61 -11.08 4.63
CA ASN C 27 -2.17 -12.06 5.55
C ASN C 27 -3.68 -12.19 5.37
N LEU C 28 -4.37 -11.05 5.21
CA LEU C 28 -5.79 -11.09 4.88
C LEU C 28 -6.03 -11.78 3.55
N CYS C 29 -5.19 -11.47 2.54
CA CYS C 29 -5.28 -12.17 1.27
C CYS C 29 -4.96 -13.65 1.43
N MET C 30 -4.13 -14.00 2.42
CA MET C 30 -3.79 -15.39 2.68
C MET C 30 -4.89 -16.15 3.41
N ARG C 31 -5.96 -15.47 3.83
CA ARG C 31 -7.12 -16.20 4.33
C ARG C 31 -8.10 -16.48 3.19
N ALA C 32 -9.23 -17.10 3.54
CA ALA C 32 -10.25 -17.54 2.60
C ALA C 32 -9.71 -18.56 1.60
N ILE C 33 -8.51 -19.06 1.83
CA ILE C 33 -7.83 -19.95 0.89
C ILE C 33 -7.29 -21.20 1.56
N GLY C 34 -7.19 -21.23 2.90
CA GLY C 34 -6.58 -22.34 3.57
C GLY C 34 -5.51 -21.92 4.56
N ARG C 35 -4.25 -22.16 4.21
CA ARG C 35 -3.11 -21.90 5.08
C ARG C 35 -3.18 -20.52 5.72
N SER C 36 -2.58 -20.39 6.90
CA SER C 36 -2.50 -19.10 7.55
C SER C 36 -1.45 -18.22 6.86
N GLY C 37 -1.45 -16.94 7.22
CA GLY C 37 -0.54 -16.01 6.60
C GLY C 37 0.88 -16.18 7.08
N VAL C 38 1.80 -15.54 6.35
CA VAL C 38 3.22 -15.60 6.67
C VAL C 38 3.56 -14.46 7.63
N ASP C 39 4.53 -14.70 8.52
CA ASP C 39 4.92 -13.69 9.49
C ASP C 39 5.81 -12.63 8.85
N ASN C 40 6.62 -13.00 7.87
CA ASN C 40 7.53 -12.10 7.21
C ASN C 40 7.15 -11.93 5.74
N LEU C 41 7.37 -10.73 5.21
CA LEU C 41 7.04 -10.48 3.81
C LEU C 41 7.91 -11.33 2.88
N THR C 42 9.20 -11.42 3.16
CA THR C 42 10.09 -12.19 2.30
C THR C 42 9.86 -13.69 2.47
N SER C 43 10.10 -14.20 3.68
CA SER C 43 9.88 -15.60 4.02
C SER C 43 10.56 -16.55 3.03
N GLY C 44 10.04 -17.77 2.91
CA GLY C 44 10.52 -18.72 1.94
C GLY C 44 9.38 -19.41 1.22
N ASP C 45 8.16 -19.02 1.53
CA ASP C 45 6.96 -19.60 0.94
C ASP C 45 6.70 -18.95 -0.42
N LEU C 46 6.42 -19.79 -1.42
CA LEU C 46 6.15 -19.28 -2.75
C LEU C 46 4.87 -18.45 -2.79
N ASP C 47 3.82 -18.89 -2.10
CA ASP C 47 2.56 -18.15 -2.11
C ASP C 47 2.70 -16.78 -1.45
N ALA C 48 3.70 -16.60 -0.59
CA ALA C 48 3.90 -15.31 0.06
C ALA C 48 4.21 -14.22 -0.96
N GLU C 49 5.21 -14.45 -1.82
CA GLU C 49 5.54 -13.48 -2.85
C GLU C 49 4.51 -13.43 -3.97
N ASP C 50 3.75 -14.52 -4.16
CA ASP C 50 2.68 -14.50 -5.15
C ASP C 50 1.60 -13.48 -4.75
N ALA C 51 1.25 -13.45 -3.47
CA ALA C 51 0.33 -12.44 -2.98
C ALA C 51 0.96 -11.04 -3.09
N ASP C 52 2.27 -10.94 -2.85
CA ASP C 52 2.95 -9.66 -3.01
C ASP C 52 2.83 -9.14 -4.44
N THR C 53 2.98 -10.03 -5.42
CA THR C 53 2.84 -9.61 -6.81
C THR C 53 1.43 -9.12 -7.11
N MET C 54 0.41 -9.79 -6.56
CA MET C 54 -0.97 -9.38 -6.81
C MET C 54 -1.22 -7.96 -6.29
N ILE C 55 -0.73 -7.64 -5.10
CA ILE C 55 -0.95 -6.30 -4.55
C ILE C 55 -0.33 -5.25 -5.45
N ASP C 56 0.90 -5.50 -5.93
CA ASP C 56 1.57 -4.52 -6.77
C ASP C 56 0.86 -4.35 -8.11
N ILE C 57 0.41 -5.44 -8.73
CA ILE C 57 -0.26 -5.35 -10.02
C ILE C 57 -1.60 -4.63 -9.90
N VAL C 58 -2.41 -5.03 -8.92
CA VAL C 58 -3.74 -4.46 -8.78
C VAL C 58 -3.69 -3.01 -8.31
N SER C 59 -2.52 -2.54 -7.89
CA SER C 59 -2.38 -1.19 -7.36
C SER C 59 -2.77 -0.14 -8.39
N GLN C 60 -2.02 -0.03 -9.49
CA GLN C 60 -2.32 1.00 -10.48
C GLN C 60 -3.61 0.70 -11.24
N ARG C 61 -3.97 -0.58 -11.37
CA ARG C 61 -5.26 -0.90 -11.97
C ARG C 61 -6.40 -0.23 -11.21
N LEU C 62 -6.41 -0.37 -9.89
CA LEU C 62 -7.47 0.22 -9.09
C LEU C 62 -7.32 1.73 -9.03
N GLN C 63 -6.08 2.21 -8.81
CA GLN C 63 -5.82 3.64 -8.69
C GLN C 63 -6.20 4.41 -9.95
N TYR C 64 -6.29 3.74 -11.09
CA TYR C 64 -6.58 4.45 -12.33
C TYR C 64 -8.08 4.62 -12.55
N ASN C 65 -8.90 3.81 -11.90
CA ASN C 65 -10.35 3.80 -12.12
C ASN C 65 -10.57 3.59 -13.62
N ASP C 66 -11.48 4.33 -14.23
CA ASP C 66 -11.59 4.44 -15.67
C ASP C 66 -11.21 5.87 -16.02
N GLY C 67 -10.07 6.04 -16.67
CA GLY C 67 -9.55 7.39 -16.91
C GLY C 67 -8.87 7.96 -15.68
N LYS C 68 -9.50 8.96 -15.06
CA LYS C 68 -8.90 9.61 -13.91
C LYS C 68 -9.04 8.74 -12.67
N GLY C 69 -8.12 8.91 -11.74
CA GLY C 69 -8.22 8.30 -10.42
C GLY C 69 -8.95 9.18 -9.46
N TRP C 70 -8.67 8.98 -8.17
CA TRP C 70 -9.32 9.76 -7.12
C TRP C 70 -8.58 11.09 -6.93
N TRP C 71 -8.91 11.80 -5.85
CA TRP C 71 -8.33 13.11 -5.61
C TRP C 71 -6.85 13.02 -5.26
N PHE C 72 -6.45 11.96 -4.55
CA PHE C 72 -5.05 11.84 -4.17
C PHE C 72 -4.14 11.54 -5.35
N ASN C 73 -4.69 11.08 -6.48
CA ASN C 73 -3.88 10.91 -7.67
C ASN C 73 -3.80 12.19 -8.50
N ARG C 74 -4.63 13.18 -8.19
CA ARG C 74 -4.57 14.45 -8.89
C ARG C 74 -3.22 15.11 -8.68
N GLU C 75 -2.69 15.72 -9.75
CA GLU C 75 -1.50 16.54 -9.67
C GLU C 75 -1.68 17.73 -10.60
N PRO C 76 -1.99 18.91 -10.07
CA PRO C 76 -2.24 20.08 -10.93
C PRO C 76 -0.98 20.59 -11.62
N ARG C 77 -1.11 21.76 -12.24
CA ARG C 77 -0.13 22.30 -13.18
C ARG C 77 1.31 22.06 -12.75
N TRP C 78 2.07 21.41 -13.63
CA TRP C 78 3.49 21.17 -13.47
C TRP C 78 4.30 22.08 -14.38
N SER C 79 5.60 22.17 -14.10
CA SER C 79 6.56 22.87 -14.96
C SER C 79 7.76 21.96 -15.14
N PHE C 80 8.13 21.71 -16.40
CA PHE C 80 9.25 20.81 -16.68
C PHE C 80 10.49 21.54 -17.18
N ALA C 81 10.33 22.53 -18.06
CA ALA C 81 11.45 23.27 -18.62
C ALA C 81 12.47 22.30 -19.22
N PRO C 82 12.19 21.71 -20.38
CA PRO C 82 13.05 20.65 -20.91
C PRO C 82 14.48 21.13 -21.10
N ASP C 83 15.43 20.23 -20.85
CA ASP C 83 16.83 20.57 -20.80
C ASP C 83 17.34 20.96 -22.20
N SER C 84 18.51 21.61 -22.22
CA SER C 84 19.13 22.00 -23.47
C SER C 84 19.54 20.78 -24.29
N ASN C 85 19.77 19.64 -23.63
CA ASN C 85 20.09 18.42 -24.37
C ASN C 85 18.95 18.03 -25.28
N GLY C 86 17.72 18.12 -24.80
CA GLY C 86 16.57 17.76 -25.62
C GLY C 86 15.26 17.67 -24.86
N GLU C 87 14.55 16.57 -25.06
CA GLU C 87 13.23 16.38 -24.49
C GLU C 87 13.31 16.25 -22.96
N VAL C 88 12.15 16.33 -22.33
CA VAL C 88 12.06 16.20 -20.88
C VAL C 88 11.64 14.77 -20.53
N VAL C 89 12.20 14.26 -19.43
CA VAL C 89 11.90 12.92 -18.95
C VAL C 89 10.79 13.01 -17.91
N LEU C 90 9.80 12.14 -18.04
CA LEU C 90 8.68 12.15 -17.10
C LEU C 90 9.15 11.63 -15.74
N PRO C 91 8.76 12.31 -14.65
CA PRO C 91 9.24 11.89 -13.32
C PRO C 91 8.68 10.53 -12.93
N ASN C 92 9.53 9.70 -12.34
CA ASN C 92 9.22 8.35 -11.88
C ASN C 92 8.23 7.62 -12.79
N ASN C 93 7.21 7.01 -12.21
CA ASN C 93 6.17 6.30 -12.94
C ASN C 93 4.89 7.11 -12.92
N THR C 94 4.33 7.37 -14.10
CA THR C 94 3.11 8.14 -14.24
C THR C 94 2.06 7.31 -14.95
N LEU C 95 0.83 7.33 -14.41
CA LEU C 95 -0.26 6.59 -15.04
C LEU C 95 -0.66 7.21 -16.37
N GLN C 96 -0.78 8.53 -16.42
CA GLN C 96 -1.18 9.22 -17.64
C GLN C 96 -0.73 10.66 -17.57
N VAL C 97 -0.67 11.30 -18.74
CA VAL C 97 -0.23 12.69 -18.87
C VAL C 97 -1.25 13.44 -19.71
N LEU C 98 -1.69 14.60 -19.21
CA LEU C 98 -2.64 15.45 -19.90
C LEU C 98 -2.08 16.87 -19.98
N GLN C 99 -2.48 17.58 -21.04
CA GLN C 99 -2.04 18.96 -21.21
C GLN C 99 -2.77 19.90 -20.26
N ALA C 100 -2.05 20.89 -19.76
CA ALA C 100 -2.68 21.94 -18.96
C ALA C 100 -3.62 22.76 -19.85
N TYR C 101 -4.67 23.31 -19.24
CA TYR C 101 -5.76 23.93 -19.97
C TYR C 101 -6.01 25.37 -19.53
N THR C 102 -4.94 26.16 -19.45
CA THR C 102 -5.09 27.58 -19.18
C THR C 102 -5.48 28.32 -20.45
N LEU C 103 -5.75 29.62 -20.29
CA LEU C 103 -6.16 30.44 -21.42
C LEU C 103 -4.98 30.66 -22.38
N ASN C 104 -5.30 31.14 -23.58
CA ASN C 104 -4.37 31.40 -24.67
C ASN C 104 -3.31 30.31 -24.81
N THR C 105 -3.72 29.05 -24.75
CA THR C 105 -2.84 27.91 -24.94
C THR C 105 -3.41 27.02 -26.02
N ARG C 106 -2.73 26.97 -27.17
CA ARG C 106 -3.18 26.14 -28.28
C ARG C 106 -3.00 24.67 -27.94
N LYS C 107 -3.82 23.83 -28.58
CA LYS C 107 -3.73 22.39 -28.35
C LYS C 107 -2.56 21.80 -29.11
N ILE C 108 -1.63 21.18 -28.37
CA ILE C 108 -0.49 20.50 -28.96
C ILE C 108 -0.46 19.08 -28.40
N ASP C 109 -0.09 18.14 -29.25
CA ASP C 109 -0.08 16.73 -28.86
C ASP C 109 1.05 16.32 -27.94
N ILE C 110 0.69 15.62 -26.87
CA ILE C 110 1.68 15.06 -25.95
C ILE C 110 1.37 13.59 -25.79
N THR C 111 2.38 12.76 -26.02
CA THR C 111 2.25 11.31 -25.89
C THR C 111 3.45 10.78 -25.12
N ILE C 112 3.20 9.86 -24.18
CA ILE C 112 4.23 9.38 -23.28
C ILE C 112 4.77 8.05 -23.79
N ARG C 113 6.06 8.04 -24.13
CA ARG C 113 6.81 6.81 -24.39
C ARG C 113 7.47 6.38 -23.08
N ALA C 114 8.45 5.48 -23.16
CA ALA C 114 9.19 5.08 -21.97
C ALA C 114 9.80 6.32 -21.32
N GLY C 115 9.31 6.69 -20.15
CA GLY C 115 9.76 7.90 -19.50
C GLY C 115 9.41 9.14 -20.29
N ARG C 116 10.42 9.72 -20.93
CA ARG C 116 10.25 10.94 -21.71
C ARG C 116 9.14 10.80 -22.74
N LEU C 117 8.52 11.93 -23.07
CA LEU C 117 7.32 11.97 -23.90
C LEU C 117 7.67 12.16 -25.38
N TYR C 118 6.63 12.08 -26.21
CA TYR C 118 6.74 12.18 -27.66
C TYR C 118 5.58 12.98 -28.22
N SER C 119 5.88 13.87 -29.16
CA SER C 119 4.86 14.67 -29.85
C SER C 119 4.69 14.13 -31.27
N THR C 120 3.47 13.71 -31.59
CA THR C 120 3.24 13.03 -32.87
C THR C 120 3.27 14.00 -34.04
N THR C 121 2.63 15.16 -33.87
CA THR C 121 2.55 16.13 -34.96
C THR C 121 3.93 16.63 -35.40
N LEU C 122 4.79 16.93 -34.43
CA LEU C 122 6.14 17.34 -34.76
C LEU C 122 6.96 16.19 -35.31
N HIS C 123 6.66 14.96 -34.89
CA HIS C 123 7.39 13.75 -35.24
C HIS C 123 8.84 13.78 -34.78
N SER C 124 9.23 14.81 -34.04
CA SER C 124 10.56 14.90 -33.46
C SER C 124 10.49 14.42 -32.02
N PHE C 125 11.36 13.47 -31.66
CA PHE C 125 11.29 12.91 -30.32
C PHE C 125 11.74 13.92 -29.29
N ASP C 126 12.45 14.97 -29.70
CA ASP C 126 12.75 16.13 -28.89
C ASP C 126 11.74 17.23 -29.22
N VAL C 127 11.28 17.94 -28.20
CA VAL C 127 10.29 19.00 -28.37
C VAL C 127 10.87 20.29 -27.80
N SER C 128 11.63 21.00 -28.63
CA SER C 128 12.05 22.36 -28.34
C SER C 128 11.01 23.41 -28.75
N PRO C 129 10.46 23.37 -29.97
CA PRO C 129 9.71 24.54 -30.44
C PRO C 129 8.32 24.68 -29.83
N LEU C 130 7.67 23.58 -29.48
CA LEU C 130 6.32 23.63 -28.94
C LEU C 130 6.28 24.05 -27.48
N VAL C 131 7.38 24.56 -26.94
CA VAL C 131 7.37 25.08 -25.58
C VAL C 131 6.48 26.32 -25.53
N GLY C 132 5.80 26.51 -24.40
CA GLY C 132 4.94 27.65 -24.21
C GLY C 132 5.72 28.94 -24.12
N PRO C 133 5.07 30.06 -24.43
CA PRO C 133 5.76 31.36 -24.34
C PRO C 133 6.10 31.72 -22.91
N ASP C 134 7.40 31.69 -22.60
CA ASP C 134 7.89 31.91 -21.23
C ASP C 134 7.27 30.91 -20.25
N GLY C 135 6.86 29.77 -20.76
CA GLY C 135 6.26 28.73 -19.91
C GLY C 135 7.01 27.42 -20.06
N PHE C 136 7.03 26.65 -18.99
CA PHE C 136 7.76 25.39 -18.96
C PHE C 136 6.81 24.22 -19.23
N ILE C 137 6.26 24.23 -20.45
CA ILE C 137 5.34 23.23 -20.98
C ILE C 137 4.39 22.70 -19.90
N TRP C 138 3.54 23.59 -19.38
CA TRP C 138 2.63 23.24 -18.30
C TRP C 138 1.72 22.09 -18.74
N LEU C 139 1.58 21.09 -17.86
CA LEU C 139 0.78 19.92 -18.16
C LEU C 139 0.33 19.27 -16.87
N ASP C 140 -0.67 18.39 -16.98
CA ASP C 140 -1.26 17.71 -15.84
C ASP C 140 -0.99 16.21 -15.95
N LEU C 141 -0.58 15.61 -14.82
CA LEU C 141 -0.24 14.19 -14.82
C LEU C 141 -0.70 13.57 -13.51
N MET C 142 -0.43 12.26 -13.39
CA MET C 142 -0.96 11.44 -12.30
C MET C 142 0.12 10.49 -11.82
N LEU C 143 0.66 10.74 -10.62
CA LEU C 143 1.64 9.82 -10.04
C LEU C 143 0.95 8.55 -9.54
N MET C 144 1.79 7.56 -9.24
CA MET C 144 1.37 6.32 -8.61
C MET C 144 1.94 6.28 -7.19
N LEU C 145 1.07 6.42 -6.21
CA LEU C 145 1.54 6.28 -4.85
C LEU C 145 1.79 4.80 -4.54
N PRO C 146 2.74 4.50 -3.65
CA PRO C 146 2.96 3.10 -3.26
C PRO C 146 1.79 2.55 -2.45
N PHE C 147 1.91 1.33 -1.96
CA PHE C 147 0.82 0.78 -1.15
C PHE C 147 0.61 1.61 0.11
N GLU C 148 1.70 2.08 0.71
CA GLU C 148 1.63 3.05 1.79
C GLU C 148 1.35 4.44 1.23
N HIS C 149 1.25 5.41 2.14
CA HIS C 149 0.96 6.81 1.79
C HIS C 149 -0.40 6.92 1.12
N MET C 150 -1.35 6.10 1.56
CA MET C 150 -2.71 6.08 1.04
C MET C 150 -3.70 6.10 2.18
N PRO C 151 -4.92 6.58 1.95
CA PRO C 151 -5.95 6.55 2.99
C PRO C 151 -6.21 5.12 3.46
N LEU C 152 -6.87 5.01 4.62
CA LEU C 152 -7.13 3.70 5.19
C LEU C 152 -8.19 2.93 4.41
N ASN C 153 -9.18 3.63 3.86
CA ASN C 153 -10.27 2.96 3.16
C ASN C 153 -9.79 2.31 1.87
N VAL C 154 -8.99 3.03 1.07
CA VAL C 154 -8.52 2.46 -0.18
C VAL C 154 -7.63 1.26 0.06
N LEU C 155 -6.97 1.19 1.22
CA LEU C 155 -6.20 0.00 1.58
C LEU C 155 -7.12 -1.21 1.72
N GLN C 156 -8.28 -1.04 2.36
CA GLN C 156 -9.22 -2.13 2.46
C GLN C 156 -9.79 -2.50 1.09
N ALA C 157 -10.07 -1.50 0.25
CA ALA C 157 -10.63 -1.77 -1.06
C ALA C 157 -9.67 -2.56 -1.93
N ILE C 158 -8.39 -2.19 -1.91
CA ILE C 158 -7.43 -2.87 -2.77
C ILE C 158 -7.18 -4.29 -2.28
N ALA C 159 -7.22 -4.51 -0.96
CA ALA C 159 -6.95 -5.85 -0.43
C ALA C 159 -8.03 -6.83 -0.84
N TYR C 160 -9.30 -6.46 -0.66
CA TYR C 160 -10.40 -7.36 -1.02
C TYR C 160 -10.42 -7.65 -2.51
N GLN C 161 -10.19 -6.63 -3.33
CA GLN C 161 -10.16 -6.85 -4.78
C GLN C 161 -9.03 -7.79 -5.17
N ALA C 162 -7.85 -7.61 -4.57
CA ALA C 162 -6.74 -8.51 -4.85
C ALA C 162 -7.01 -9.91 -4.34
N ALA C 163 -7.68 -10.03 -3.18
CA ALA C 163 -7.98 -11.34 -2.63
C ALA C 163 -8.84 -12.16 -3.57
N ALA C 164 -9.87 -11.54 -4.16
CA ALA C 164 -10.72 -12.27 -5.09
C ALA C 164 -9.93 -12.76 -6.29
N GLU C 165 -9.03 -11.93 -6.82
CA GLU C 165 -8.23 -12.35 -7.96
C GLU C 165 -7.28 -13.48 -7.58
N PHE C 166 -6.76 -13.45 -6.36
CA PHE C 166 -5.88 -14.54 -5.91
C PHE C 166 -6.66 -15.84 -5.80
N ILE C 167 -7.88 -15.79 -5.27
CA ILE C 167 -8.67 -17.01 -5.08
C ILE C 167 -8.97 -17.67 -6.41
N VAL C 168 -9.44 -16.89 -7.39
CA VAL C 168 -9.81 -17.48 -8.66
C VAL C 168 -8.60 -18.08 -9.37
N SER C 169 -7.44 -17.43 -9.26
CA SER C 169 -6.21 -18.00 -9.82
C SER C 169 -5.78 -19.24 -9.05
N LYS C 170 -5.84 -19.18 -7.73
CA LYS C 170 -5.37 -20.28 -6.89
C LYS C 170 -6.40 -21.40 -6.83
N ASP C 171 -7.62 -21.09 -6.42
CA ASP C 171 -8.67 -22.06 -6.17
C ASP C 171 -9.81 -21.87 -7.18
N ALA C 172 -10.80 -22.77 -7.12
CA ALA C 172 -11.99 -22.67 -7.96
C ALA C 172 -13.19 -23.02 -7.08
N ASP C 173 -13.77 -22.00 -6.45
CA ASP C 173 -14.94 -22.18 -5.60
C ASP C 173 -15.92 -21.04 -5.87
N GLN C 174 -17.19 -21.38 -6.09
CA GLN C 174 -18.17 -20.36 -6.45
C GLN C 174 -18.57 -19.52 -5.25
N THR C 175 -18.76 -20.15 -4.08
CA THR C 175 -19.29 -19.44 -2.93
C THR C 175 -18.31 -18.38 -2.43
N LYS C 176 -17.05 -18.76 -2.22
CA LYS C 176 -16.07 -17.81 -1.72
C LYS C 176 -15.82 -16.69 -2.72
N LEU C 177 -15.73 -17.04 -4.00
CA LEU C 177 -15.45 -16.02 -5.02
C LEU C 177 -16.61 -15.04 -5.14
N GLN C 178 -17.84 -15.55 -5.09
CA GLN C 178 -19.01 -14.70 -5.28
C GLN C 178 -19.10 -13.65 -4.19
N MET C 179 -18.83 -14.04 -2.94
CA MET C 179 -18.93 -13.10 -1.83
C MET C 179 -17.90 -11.98 -1.96
N HIS C 180 -16.65 -12.36 -2.24
CA HIS C 180 -15.58 -11.36 -2.28
C HIS C 180 -15.81 -10.34 -3.39
N MET C 181 -16.19 -10.80 -4.58
CA MET C 181 -16.44 -9.88 -5.68
C MET C 181 -17.60 -8.94 -5.35
N GLN C 182 -18.68 -9.48 -4.79
CA GLN C 182 -19.82 -8.65 -4.46
C GLN C 182 -19.50 -7.67 -3.33
N MET C 183 -18.81 -8.14 -2.29
CA MET C 183 -18.61 -7.30 -1.12
C MET C 183 -17.57 -6.22 -1.40
N ALA C 184 -16.52 -6.55 -2.17
CA ALA C 184 -15.53 -5.54 -2.53
C ALA C 184 -16.13 -4.47 -3.42
N ALA C 185 -17.01 -4.85 -4.35
CA ALA C 185 -17.68 -3.86 -5.19
C ALA C 185 -18.55 -2.94 -4.35
N ASN C 186 -19.12 -3.45 -3.26
CA ASN C 186 -19.89 -2.61 -2.35
C ASN C 186 -19.00 -1.52 -1.74
N LEU C 187 -17.79 -1.89 -1.33
CA LEU C 187 -16.89 -0.91 -0.73
C LEU C 187 -16.42 0.12 -1.76
N HIS C 188 -16.18 -0.32 -3.00
CA HIS C 188 -15.71 0.60 -4.02
C HIS C 188 -16.73 1.71 -4.27
N THR C 189 -18.00 1.34 -4.43
CA THR C 189 -19.04 2.36 -4.58
C THR C 189 -19.18 3.17 -3.31
N GLY C 190 -19.10 2.52 -2.15
CA GLY C 190 -19.18 3.25 -0.89
C GLY C 190 -18.01 4.20 -0.69
N MET C 191 -16.91 3.98 -1.42
CA MET C 191 -15.78 4.89 -1.36
C MET C 191 -15.79 5.88 -2.52
N GLN C 192 -16.20 5.44 -3.71
CA GLN C 192 -16.29 6.34 -4.85
C GLN C 192 -17.35 7.43 -4.64
N VAL C 193 -18.33 7.17 -3.79
CA VAL C 193 -19.40 8.14 -3.57
C VAL C 193 -18.85 9.41 -2.94
N GLU C 194 -17.84 9.27 -2.07
CA GLU C 194 -17.31 10.45 -1.38
C GLU C 194 -16.29 11.19 -2.22
N GLU C 195 -15.75 10.55 -3.27
CA GLU C 195 -14.76 11.22 -4.10
C GLU C 195 -15.33 12.47 -4.75
N SER C 196 -16.54 12.38 -5.30
CA SER C 196 -17.22 13.57 -5.80
C SER C 196 -17.69 14.44 -4.65
N LYS C 197 -18.05 13.81 -3.53
CA LYS C 197 -18.45 14.56 -2.35
C LYS C 197 -17.28 15.38 -1.80
N GLN C 198 -16.07 14.83 -1.88
CA GLN C 198 -14.87 15.62 -1.68
C GLN C 198 -14.55 16.40 -2.96
N ASN C 199 -13.73 17.43 -2.83
CA ASN C 199 -13.36 18.33 -3.94
C ASN C 199 -14.56 18.65 -4.82
N ARG C 200 -15.63 19.10 -4.17
CA ARG C 200 -16.92 19.23 -4.82
C ARG C 200 -16.88 20.23 -5.97
N LEU C 201 -17.64 19.92 -7.02
CA LEU C 201 -17.78 20.77 -8.19
C LEU C 201 -19.25 20.86 -8.56
N ASN C 202 -19.62 21.98 -9.18
CA ASN C 202 -21.02 22.23 -9.53
C ASN C 202 -21.15 22.58 -11.01
N MET C 203 -22.41 22.62 -11.48
CA MET C 203 -22.68 22.95 -12.87
C MET C 203 -22.07 24.29 -13.25
N LEU C 204 -22.35 25.33 -12.48
CA LEU C 204 -21.94 26.68 -12.82
C LEU C 204 -20.45 26.85 -12.54
N VAL C 205 -19.95 28.06 -12.81
CA VAL C 205 -18.58 28.44 -12.49
C VAL C 205 -17.60 27.55 -13.26
N HIS C 206 -17.58 26.26 -12.93
CA HIS C 206 -16.62 25.34 -13.53
C HIS C 206 -16.84 25.21 -15.03
N ASN C 207 -18.08 25.09 -15.47
CA ASN C 207 -18.37 24.99 -16.90
C ASN C 207 -18.13 26.34 -17.56
N PRO C 208 -17.23 26.42 -18.55
CA PRO C 208 -16.92 27.74 -19.14
C PRO C 208 -18.13 28.45 -19.75
N THR C 209 -19.03 27.71 -20.40
CA THR C 209 -20.16 28.36 -21.05
C THR C 209 -21.21 28.80 -20.05
N GLN C 210 -21.33 28.09 -18.93
CA GLN C 210 -22.31 28.48 -17.91
C GLN C 210 -21.85 29.72 -17.15
N ARG C 211 -20.57 29.77 -16.77
CA ARG C 211 -20.07 30.96 -16.09
C ARG C 211 -20.14 32.18 -17.00
N ASN C 212 -19.81 32.01 -18.29
CA ASN C 212 -19.89 33.13 -19.22
C ASN C 212 -21.32 33.65 -19.34
N PHE C 213 -22.29 32.74 -19.40
CA PHE C 213 -23.68 33.15 -19.42
C PHE C 213 -24.07 33.81 -18.10
N GLY C 214 -23.51 33.33 -16.99
CA GLY C 214 -23.86 33.89 -15.70
C GLY C 214 -23.41 35.33 -15.52
N ILE C 215 -22.19 35.63 -15.98
CA ILE C 215 -21.68 37.00 -15.84
C ILE C 215 -22.53 37.97 -16.65
N MET C 216 -22.85 37.62 -17.88
CA MET C 216 -23.73 38.45 -18.69
C MET C 216 -25.17 38.32 -18.20
N ALA C 217 -25.98 39.33 -18.46
CA ALA C 217 -27.37 39.38 -18.02
C ALA C 217 -27.48 39.13 -16.51
N GLY C 218 -26.62 39.82 -15.77
CA GLY C 218 -26.60 39.69 -14.32
C GLY C 218 -25.65 40.68 -13.66
N SER D 9 -15.97 -23.09 44.19
CA SER D 9 -15.12 -24.19 43.72
C SER D 9 -14.89 -24.10 42.22
N ILE D 10 -15.79 -23.41 41.54
CA ILE D 10 -15.72 -23.24 40.08
C ILE D 10 -15.87 -21.76 39.76
N MET D 11 -15.09 -21.29 38.78
CA MET D 11 -15.16 -19.91 38.33
C MET D 11 -16.53 -19.52 37.78
N ALA D 12 -17.26 -20.48 37.21
CA ALA D 12 -18.54 -20.21 36.54
C ALA D 12 -18.36 -19.17 35.45
N GLU D 13 -19.44 -18.53 35.04
CA GLU D 13 -19.40 -17.50 34.02
C GLU D 13 -19.80 -16.16 34.62
N SER D 14 -18.96 -15.15 34.40
CA SER D 14 -19.29 -13.80 34.82
C SER D 14 -20.43 -13.25 33.98
N GLN D 15 -21.30 -12.46 34.60
CA GLN D 15 -22.46 -11.94 33.90
C GLN D 15 -22.04 -11.07 32.72
N PHE D 16 -22.70 -11.29 31.59
CA PHE D 16 -22.45 -10.53 30.37
C PHE D 16 -23.71 -9.75 30.03
N ASN D 17 -23.58 -8.47 29.71
CA ASN D 17 -24.78 -7.71 29.34
C ASN D 17 -24.76 -7.29 27.87
N SER D 18 -25.68 -7.86 27.11
CA SER D 18 -25.73 -7.68 25.68
C SER D 18 -24.43 -8.29 25.23
N LEU D 19 -23.67 -7.60 24.38
CA LEU D 19 -22.37 -8.14 23.99
C LEU D 19 -21.33 -7.02 24.03
N SER D 20 -21.21 -6.37 25.18
CA SER D 20 -20.26 -5.29 25.34
C SER D 20 -18.82 -5.76 25.22
N THR D 21 -18.52 -6.90 25.83
CA THR D 21 -17.17 -7.44 25.81
C THR D 21 -16.78 -7.99 24.45
N LYS D 22 -15.53 -7.74 24.06
CA LYS D 22 -15.03 -8.27 22.79
C LYS D 22 -15.05 -9.78 22.77
N LEU D 23 -14.77 -10.42 23.91
CA LEU D 23 -14.70 -11.88 23.96
C LEU D 23 -16.02 -12.52 23.57
N ASP D 24 -17.13 -11.93 24.01
CA ASP D 24 -18.44 -12.51 23.69
C ASP D 24 -18.72 -12.45 22.21
N ALA D 25 -18.26 -11.41 21.52
CA ALA D 25 -18.44 -11.33 20.08
C ALA D 25 -17.71 -12.46 19.37
N VAL D 26 -16.49 -12.78 19.83
CA VAL D 26 -15.77 -13.92 19.30
C VAL D 26 -16.53 -15.20 19.57
N ASN D 27 -17.12 -15.31 20.77
CA ASN D 27 -17.90 -16.50 21.10
C ASN D 27 -19.08 -16.66 20.15
N LEU D 28 -19.77 -15.57 19.84
CA LEU D 28 -20.83 -15.63 18.84
C LEU D 28 -20.27 -15.98 17.47
N CYS D 29 -19.14 -15.38 17.10
CA CYS D 29 -18.50 -15.72 15.83
C CYS D 29 -18.01 -17.16 15.84
N MET D 30 -17.48 -17.62 16.98
CA MET D 30 -17.10 -19.02 17.09
C MET D 30 -18.30 -19.93 16.91
N ARG D 31 -19.44 -19.56 17.47
CA ARG D 31 -20.68 -20.29 17.25
C ARG D 31 -21.14 -20.13 15.79
N ALA D 32 -22.19 -20.86 15.47
CA ALA D 32 -22.70 -20.89 14.12
C ALA D 32 -21.92 -21.95 13.31
N ILE D 33 -20.87 -22.51 13.92
CA ILE D 33 -20.05 -23.54 13.30
C ILE D 33 -20.04 -24.85 14.09
N GLY D 34 -20.81 -24.90 15.18
CA GLY D 34 -20.89 -26.09 16.00
C GLY D 34 -19.81 -26.33 17.05
N ARG D 35 -18.91 -25.36 17.21
CA ARG D 35 -17.83 -25.45 18.19
C ARG D 35 -18.10 -24.33 19.19
N SER D 36 -17.84 -24.51 20.48
CA SER D 36 -18.23 -23.39 21.33
C SER D 36 -17.04 -22.45 21.56
N GLY D 37 -17.34 -21.26 22.04
CA GLY D 37 -16.31 -20.25 22.23
C GLY D 37 -15.38 -20.60 23.37
N VAL D 38 -14.16 -20.07 23.28
CA VAL D 38 -13.15 -20.28 24.30
C VAL D 38 -13.40 -19.33 25.46
N ASP D 39 -12.98 -19.74 26.66
CA ASP D 39 -13.23 -18.93 27.85
C ASP D 39 -12.30 -17.71 27.90
N ASN D 40 -11.03 -17.89 27.54
CA ASN D 40 -10.06 -16.80 27.55
C ASN D 40 -9.81 -16.32 26.13
N LEU D 41 -9.62 -15.00 25.99
CA LEU D 41 -9.42 -14.43 24.66
C LEU D 41 -8.17 -14.98 23.99
N THR D 42 -7.08 -15.11 24.74
CA THR D 42 -5.85 -15.67 24.17
C THR D 42 -5.97 -17.18 24.02
N SER D 43 -6.11 -17.89 25.14
CA SER D 43 -6.28 -19.34 25.16
C SER D 43 -5.13 -19.99 24.40
N GLY D 44 -5.41 -21.09 23.69
CA GLY D 44 -4.42 -21.73 22.86
C GLY D 44 -5.01 -22.22 21.55
N ASP D 45 -6.27 -21.87 21.31
CA ASP D 45 -6.97 -22.30 20.10
C ASP D 45 -6.64 -21.32 18.98
N LEU D 46 -6.28 -21.86 17.81
CA LEU D 46 -5.92 -21.02 16.68
C LEU D 46 -7.14 -20.37 16.03
N ASP D 47 -8.31 -21.01 16.13
CA ASP D 47 -9.48 -20.51 15.41
C ASP D 47 -10.06 -19.25 16.04
N ALA D 48 -9.91 -19.06 17.36
CA ALA D 48 -10.39 -17.84 17.99
C ALA D 48 -9.68 -16.61 17.43
N GLU D 49 -8.43 -16.78 17.03
CA GLU D 49 -7.67 -15.66 16.48
C GLU D 49 -8.25 -15.19 15.15
N ASP D 50 -8.65 -16.14 14.30
CA ASP D 50 -9.28 -15.77 13.03
C ASP D 50 -10.56 -14.99 13.27
N ALA D 51 -11.37 -15.42 14.24
CA ALA D 51 -12.53 -14.64 14.63
C ALA D 51 -12.10 -13.29 15.22
N ASP D 52 -11.04 -13.29 16.03
CA ASP D 52 -10.56 -12.04 16.63
C ASP D 52 -10.12 -11.06 15.56
N THR D 53 -9.37 -11.53 14.56
CA THR D 53 -8.97 -10.66 13.46
C THR D 53 -10.17 -10.20 12.65
N MET D 54 -11.13 -11.09 12.42
CA MET D 54 -12.26 -10.76 11.57
C MET D 54 -13.09 -9.63 12.16
N ILE D 55 -13.29 -9.64 13.48
CA ILE D 55 -13.98 -8.53 14.13
C ILE D 55 -13.22 -7.23 13.91
N ASP D 56 -11.89 -7.30 14.04
CA ASP D 56 -11.07 -6.10 13.88
C ASP D 56 -11.16 -5.53 12.47
N ILE D 57 -11.13 -6.41 11.46
CA ILE D 57 -11.16 -5.94 10.07
C ILE D 57 -12.48 -5.24 9.76
N VAL D 58 -13.59 -5.83 10.20
CA VAL D 58 -14.91 -5.26 9.91
C VAL D 58 -15.09 -3.92 10.61
N SER D 59 -14.53 -3.77 11.81
CA SER D 59 -14.72 -2.54 12.58
C SER D 59 -14.22 -1.33 11.81
N GLN D 60 -13.00 -1.39 11.30
CA GLN D 60 -12.48 -0.29 10.50
C GLN D 60 -13.30 -0.09 9.24
N ARG D 61 -13.96 -1.15 8.76
CA ARG D 61 -14.67 -1.09 7.48
C ARG D 61 -16.13 -0.68 7.67
N LEU D 62 -16.81 -1.25 8.66
CA LEU D 62 -18.24 -1.02 8.80
C LEU D 62 -18.58 0.35 9.37
N GLN D 63 -17.73 0.90 10.25
CA GLN D 63 -17.98 2.23 10.76
C GLN D 63 -17.97 3.28 9.66
N TYR D 64 -17.03 3.16 8.72
CA TYR D 64 -16.98 4.12 7.63
C TYR D 64 -18.18 4.00 6.71
N ASN D 65 -18.75 2.80 6.59
CA ASN D 65 -19.86 2.49 5.70
C ASN D 65 -19.71 3.13 4.34
N ASP D 66 -20.80 3.64 3.77
CA ASP D 66 -20.79 4.28 2.45
C ASP D 66 -20.56 5.78 2.68
N GLY D 67 -19.40 6.27 2.25
CA GLY D 67 -19.06 7.67 2.45
C GLY D 67 -18.94 8.05 3.91
N LYS D 68 -19.64 9.11 4.30
CA LYS D 68 -19.57 9.58 5.69
C LYS D 68 -20.15 8.55 6.64
N GLY D 69 -19.56 8.45 7.82
CA GLY D 69 -19.97 7.48 8.81
C GLY D 69 -21.19 7.93 9.60
N TRP D 70 -21.40 7.26 10.72
CA TRP D 70 -22.58 7.51 11.54
C TRP D 70 -22.40 8.79 12.36
N TRP D 71 -23.34 9.00 13.29
CA TRP D 71 -23.35 10.26 14.04
C TRP D 71 -22.23 10.32 15.06
N PHE D 72 -21.86 9.19 15.66
CA PHE D 72 -20.82 9.20 16.68
C PHE D 72 -19.42 9.18 16.11
N ASN D 73 -19.23 8.66 14.89
CA ASN D 73 -17.91 8.69 14.28
C ASN D 73 -17.47 10.11 13.96
N ARG D 74 -18.32 10.87 13.28
CA ARG D 74 -17.92 12.17 12.78
C ARG D 74 -17.66 13.15 13.91
N GLU D 75 -16.69 14.02 13.70
CA GLU D 75 -16.32 15.04 14.66
C GLU D 75 -16.38 16.39 13.98
N PRO D 76 -16.84 17.42 14.70
CA PRO D 76 -16.95 18.75 14.08
C PRO D 76 -15.61 19.43 13.87
N ARG D 77 -15.66 20.71 13.51
CA ARG D 77 -14.48 21.46 13.09
C ARG D 77 -13.37 21.41 14.13
N TRP D 78 -12.14 21.24 13.66
CA TRP D 78 -10.94 21.24 14.50
C TRP D 78 -10.08 22.45 14.17
N SER D 79 -8.91 22.50 14.80
CA SER D 79 -7.89 23.52 14.53
C SER D 79 -6.53 22.84 14.66
N PHE D 80 -5.74 22.88 13.58
CA PHE D 80 -4.49 22.13 13.56
C PHE D 80 -3.26 23.02 13.69
N ALA D 81 -3.30 24.24 13.14
CA ALA D 81 -2.23 25.21 13.32
C ALA D 81 -0.86 24.66 12.94
N PRO D 82 -0.57 24.53 11.64
CA PRO D 82 0.71 23.94 11.23
C PRO D 82 1.90 24.70 11.80
N ASP D 83 2.94 23.94 12.14
CA ASP D 83 4.09 24.49 12.84
C ASP D 83 4.93 25.38 11.91
N SER D 84 6.04 25.88 12.45
CA SER D 84 7.00 26.61 11.63
C SER D 84 7.69 25.70 10.62
N ASN D 85 7.91 24.43 10.99
CA ASN D 85 8.56 23.49 10.08
C ASN D 85 7.72 23.27 8.82
N GLY D 86 6.41 23.13 8.98
CA GLY D 86 5.57 22.85 7.84
C GLY D 86 4.24 22.18 8.15
N GLU D 87 3.98 21.07 7.47
CA GLU D 87 2.66 20.43 7.53
C GLU D 87 2.32 19.97 8.94
N VAL D 88 1.04 19.62 9.12
CA VAL D 88 0.51 19.16 10.39
C VAL D 88 0.18 17.67 10.26
N VAL D 89 0.21 16.96 11.38
CA VAL D 89 0.08 15.50 11.40
C VAL D 89 -1.34 15.13 11.81
N LEU D 90 -1.97 14.24 11.05
CA LEU D 90 -3.29 13.76 11.38
C LEU D 90 -3.21 12.74 12.52
N PRO D 91 -4.19 12.74 13.43
CA PRO D 91 -4.09 11.93 14.65
C PRO D 91 -4.55 10.49 14.46
N ASN D 92 -3.63 9.56 14.74
CA ASN D 92 -3.87 8.12 14.55
C ASN D 92 -4.53 7.83 13.20
N ASN D 93 -5.73 7.26 13.28
CA ASN D 93 -6.49 6.82 12.11
C ASN D 93 -7.65 7.76 11.84
N THR D 94 -7.63 8.39 10.66
CA THR D 94 -8.70 9.25 10.20
C THR D 94 -9.27 8.66 8.92
N LEU D 95 -10.55 8.32 8.94
CA LEU D 95 -11.16 7.69 7.77
C LEU D 95 -11.18 8.65 6.59
N GLN D 96 -11.51 9.91 6.83
CA GLN D 96 -11.49 10.92 5.80
C GLN D 96 -11.43 12.30 6.46
N VAL D 97 -10.81 13.25 5.78
CA VAL D 97 -10.65 14.61 6.27
C VAL D 97 -11.14 15.58 5.20
N LEU D 98 -11.93 16.57 5.61
CA LEU D 98 -12.43 17.59 4.70
C LEU D 98 -12.24 18.97 5.31
N GLN D 99 -12.00 19.95 4.45
CA GLN D 99 -11.96 21.35 4.88
C GLN D 99 -13.35 21.80 5.34
N ALA D 100 -13.37 22.64 6.38
CA ALA D 100 -14.61 23.24 6.81
C ALA D 100 -15.16 24.15 5.72
N TYR D 101 -16.48 24.09 5.52
CA TYR D 101 -17.14 24.81 4.43
C TYR D 101 -17.90 26.04 4.91
N THR D 102 -17.37 26.73 5.92
CA THR D 102 -18.01 27.95 6.39
C THR D 102 -17.74 29.10 5.43
N LEU D 103 -18.47 30.19 5.62
CA LEU D 103 -18.38 31.34 4.72
C LEU D 103 -17.03 32.04 4.86
N ASN D 104 -16.68 32.80 3.83
CA ASN D 104 -15.44 33.58 3.75
C ASN D 104 -14.20 32.72 3.79
N THR D 105 -14.32 31.43 3.47
CA THR D 105 -13.18 30.52 3.38
C THR D 105 -13.09 30.01 1.95
N ARG D 106 -11.95 30.26 1.30
CA ARG D 106 -11.74 29.77 -0.04
C ARG D 106 -11.53 28.26 -0.04
N LYS D 107 -11.98 27.61 -1.10
CA LYS D 107 -11.87 26.16 -1.22
C LYS D 107 -10.46 25.80 -1.69
N ILE D 108 -9.69 25.18 -0.80
CA ILE D 108 -8.33 24.72 -1.11
C ILE D 108 -8.27 23.22 -0.88
N ASP D 109 -7.78 22.50 -1.87
CA ASP D 109 -7.72 21.05 -1.76
C ASP D 109 -6.80 20.55 -0.66
N ILE D 110 -7.32 19.60 0.11
CA ILE D 110 -6.55 18.97 1.17
C ILE D 110 -6.55 17.47 0.89
N THR D 111 -5.36 16.87 0.90
CA THR D 111 -5.20 15.46 0.64
C THR D 111 -4.34 14.83 1.73
N ILE D 112 -4.70 13.63 2.13
CA ILE D 112 -4.00 12.92 3.20
C ILE D 112 -3.07 11.88 2.58
N ARG D 113 -1.78 12.04 2.83
CA ARG D 113 -0.80 11.00 2.56
C ARG D 113 -0.60 10.20 3.84
N ALA D 114 0.47 9.41 3.91
CA ALA D 114 0.76 8.64 5.11
C ALA D 114 0.79 9.56 6.33
N GLY D 115 -0.18 9.38 7.23
CA GLY D 115 -0.28 10.23 8.39
C GLY D 115 -0.63 11.66 8.05
N ARG D 116 0.35 12.54 8.16
CA ARG D 116 0.16 13.96 7.88
C ARG D 116 -0.33 14.19 6.45
N LEU D 117 -0.96 15.35 6.24
CA LEU D 117 -1.68 15.65 5.02
C LEU D 117 -0.74 16.23 3.95
N TYR D 118 -1.34 16.58 2.82
CA TYR D 118 -0.61 17.07 1.65
C TYR D 118 -1.47 18.07 0.90
N SER D 119 -0.81 18.92 0.10
CA SER D 119 -1.48 19.90 -0.75
C SER D 119 -1.05 19.67 -2.19
N THR D 120 -2.00 19.29 -3.05
CA THR D 120 -1.66 18.98 -4.44
C THR D 120 -1.37 20.25 -5.24
N THR D 121 -2.19 21.28 -5.08
CA THR D 121 -2.01 22.49 -5.90
C THR D 121 -0.71 23.20 -5.59
N LEU D 122 -0.40 23.38 -4.30
CA LEU D 122 0.88 23.98 -3.94
C LEU D 122 2.03 23.05 -4.29
N HIS D 123 1.75 21.76 -4.38
CA HIS D 123 2.64 20.70 -4.83
C HIS D 123 3.75 20.44 -3.80
N SER D 124 3.80 21.22 -2.74
CA SER D 124 4.78 21.06 -1.68
C SER D 124 4.18 20.24 -0.54
N PHE D 125 5.05 19.55 0.19
CA PHE D 125 4.57 18.67 1.24
C PHE D 125 4.02 19.46 2.42
N ASP D 126 4.59 20.63 2.70
CA ASP D 126 4.06 21.47 3.76
C ASP D 126 2.80 22.20 3.31
N VAL D 127 2.09 22.78 4.28
CA VAL D 127 0.81 23.43 4.02
C VAL D 127 0.85 24.83 4.63
N SER D 128 2.07 25.33 4.89
CA SER D 128 2.20 26.65 5.50
C SER D 128 1.56 27.78 4.69
N PRO D 129 1.68 27.86 3.35
CA PRO D 129 1.07 29.00 2.63
C PRO D 129 -0.45 28.98 2.66
N LEU D 130 -1.07 27.88 3.03
CA LEU D 130 -2.52 27.76 3.02
C LEU D 130 -3.17 28.14 4.35
N VAL D 131 -2.42 28.75 5.26
CA VAL D 131 -3.04 29.25 6.49
C VAL D 131 -4.01 30.37 6.14
N GLY D 132 -5.23 30.27 6.68
CA GLY D 132 -6.28 31.21 6.37
C GLY D 132 -6.09 32.55 7.06
N PRO D 133 -6.92 33.53 6.69
CA PRO D 133 -6.86 34.83 7.33
C PRO D 133 -7.28 34.70 8.79
N ASP D 134 -6.39 35.12 9.69
CA ASP D 134 -6.54 35.30 11.14
C ASP D 134 -7.13 34.04 11.79
N GLY D 135 -7.23 32.97 11.03
CA GLY D 135 -7.60 31.66 11.55
C GLY D 135 -6.60 30.64 11.01
N PHE D 136 -6.04 29.83 11.90
CA PHE D 136 -4.90 28.99 11.56
C PHE D 136 -5.27 27.98 10.47
N ILE D 137 -6.13 27.03 10.79
CA ILE D 137 -6.71 26.12 9.81
C ILE D 137 -7.91 25.42 10.45
N TRP D 138 -8.98 25.24 9.68
CA TRP D 138 -10.18 24.60 10.18
C TRP D 138 -10.61 23.51 9.21
N LEU D 139 -10.85 22.31 9.73
CA LEU D 139 -11.24 21.19 8.89
C LEU D 139 -12.07 20.21 9.71
N ASP D 140 -12.76 19.32 9.02
CA ASP D 140 -13.69 18.36 9.60
C ASP D 140 -13.19 16.94 9.32
N LEU D 141 -13.27 16.08 10.33
CA LEU D 141 -12.76 14.72 10.19
C LEU D 141 -13.55 13.79 11.10
N MET D 142 -13.25 12.49 10.97
CA MET D 142 -13.90 11.45 11.76
C MET D 142 -12.84 10.48 12.28
N LEU D 143 -12.98 10.09 13.55
CA LEU D 143 -12.11 9.09 14.14
C LEU D 143 -12.64 7.70 13.86
N MET D 144 -11.89 6.69 14.29
CA MET D 144 -12.37 5.30 14.30
C MET D 144 -12.16 4.81 15.73
N LEU D 145 -13.17 4.96 16.55
CA LEU D 145 -13.03 4.53 17.93
C LEU D 145 -13.06 3.00 18.02
N PRO D 146 -12.33 2.43 18.97
CA PRO D 146 -12.19 0.97 19.02
C PRO D 146 -13.47 0.23 19.39
N PHE D 147 -13.35 -1.09 19.54
CA PHE D 147 -14.54 -1.94 19.68
C PHE D 147 -15.35 -1.58 20.91
N GLU D 148 -14.68 -1.29 22.02
CA GLU D 148 -15.39 -0.90 23.23
C GLU D 148 -15.85 0.55 23.13
N HIS D 149 -16.54 1.00 24.18
CA HIS D 149 -17.18 2.31 24.26
C HIS D 149 -17.88 2.66 22.94
N MET D 150 -18.85 1.84 22.62
CA MET D 150 -19.65 1.93 21.41
C MET D 150 -21.12 2.02 21.78
N PRO D 151 -21.95 2.62 20.94
CA PRO D 151 -23.39 2.37 21.06
C PRO D 151 -23.65 0.88 20.88
N LEU D 152 -24.55 0.34 21.71
CA LEU D 152 -24.67 -1.11 21.79
C LEU D 152 -25.23 -1.69 20.50
N ASN D 153 -25.86 -0.86 19.67
CA ASN D 153 -26.49 -1.37 18.46
C ASN D 153 -25.44 -1.78 17.43
N VAL D 154 -24.40 -0.97 17.28
CA VAL D 154 -23.31 -1.30 16.36
C VAL D 154 -22.62 -2.59 16.81
N LEU D 155 -22.54 -2.81 18.12
CA LEU D 155 -21.85 -4.00 18.64
C LEU D 155 -22.49 -5.28 18.12
N GLN D 156 -23.82 -5.33 18.13
CA GLN D 156 -24.50 -6.51 17.60
C GLN D 156 -24.47 -6.53 16.07
N ALA D 157 -24.59 -5.37 15.44
CA ALA D 157 -24.57 -5.31 13.98
C ALA D 157 -23.23 -5.77 13.44
N ILE D 158 -22.14 -5.34 14.07
CA ILE D 158 -20.81 -5.68 13.57
C ILE D 158 -20.54 -7.18 13.73
N ALA D 159 -21.07 -7.78 14.80
CA ALA D 159 -20.78 -9.19 15.07
C ALA D 159 -21.39 -10.09 13.98
N TYR D 160 -22.66 -9.86 13.65
CA TYR D 160 -23.32 -10.72 12.67
C TYR D 160 -22.69 -10.58 11.29
N GLN D 161 -22.37 -9.35 10.88
CA GLN D 161 -21.73 -9.15 9.59
C GLN D 161 -20.38 -9.85 9.52
N ALA D 162 -19.57 -9.72 10.58
CA ALA D 162 -18.29 -10.39 10.60
C ALA D 162 -18.45 -11.91 10.68
N ALA D 163 -19.40 -12.37 11.49
CA ALA D 163 -19.63 -13.81 11.60
C ALA D 163 -20.12 -14.38 10.27
N ALA D 164 -21.00 -13.66 9.58
CA ALA D 164 -21.50 -14.13 8.30
C ALA D 164 -20.37 -14.28 7.29
N GLU D 165 -19.46 -13.31 7.24
CA GLU D 165 -18.28 -13.45 6.41
C GLU D 165 -17.40 -14.58 6.90
N PHE D 166 -17.35 -14.74 8.22
CA PHE D 166 -16.51 -15.76 8.84
C PHE D 166 -17.02 -17.05 8.26
N ILE D 167 -18.35 -17.17 8.17
CA ILE D 167 -18.90 -18.31 7.48
C ILE D 167 -18.54 -17.93 6.05
N VAL D 168 -17.99 -18.94 5.36
CA VAL D 168 -17.41 -19.01 4.00
C VAL D 168 -15.90 -18.87 4.13
N SER D 169 -15.39 -18.33 5.24
CA SER D 169 -13.95 -18.45 5.39
C SER D 169 -13.68 -19.90 5.75
N LYS D 170 -14.54 -20.42 6.60
CA LYS D 170 -14.53 -21.82 7.01
C LYS D 170 -15.81 -22.43 6.42
N ASP D 171 -15.81 -23.74 6.20
CA ASP D 171 -17.00 -24.33 5.58
C ASP D 171 -18.25 -24.12 6.42
N ALA D 172 -19.30 -23.69 5.73
CA ALA D 172 -20.59 -23.40 6.32
C ALA D 172 -21.64 -23.86 5.34
N ASP D 173 -22.80 -24.22 5.87
CA ASP D 173 -23.91 -24.67 5.06
C ASP D 173 -24.51 -23.47 4.37
N GLN D 174 -25.20 -23.71 3.27
CA GLN D 174 -25.82 -22.63 2.55
C GLN D 174 -26.82 -21.98 3.48
N THR D 175 -27.49 -22.82 4.27
CA THR D 175 -28.53 -22.35 5.18
C THR D 175 -27.99 -21.31 6.15
N LYS D 176 -26.84 -21.59 6.77
CA LYS D 176 -26.29 -20.66 7.74
C LYS D 176 -25.87 -19.36 7.09
N LEU D 177 -25.32 -19.43 5.88
CA LEU D 177 -24.85 -18.22 5.20
C LEU D 177 -26.02 -17.31 4.83
N GLN D 178 -27.06 -17.89 4.22
CA GLN D 178 -28.14 -17.05 3.68
C GLN D 178 -28.91 -16.33 4.79
N MET D 179 -29.10 -16.99 5.94
CA MET D 179 -29.83 -16.36 7.03
C MET D 179 -29.02 -15.21 7.61
N HIS D 180 -27.74 -15.44 7.91
CA HIS D 180 -26.92 -14.42 8.55
C HIS D 180 -26.77 -13.19 7.66
N MET D 181 -26.56 -13.39 6.36
CA MET D 181 -26.47 -12.27 5.44
C MET D 181 -27.77 -11.48 5.40
N GLN D 182 -28.90 -12.19 5.43
CA GLN D 182 -30.21 -11.52 5.44
C GLN D 182 -30.39 -10.69 6.70
N MET D 183 -30.01 -11.25 7.85
CA MET D 183 -30.19 -10.51 9.11
C MET D 183 -29.15 -9.42 9.28
N ALA D 184 -27.93 -9.63 8.78
CA ALA D 184 -26.91 -8.61 8.90
C ALA D 184 -27.33 -7.32 8.20
N ALA D 185 -27.91 -7.46 7.00
CA ALA D 185 -28.51 -6.31 6.34
C ALA D 185 -29.72 -5.80 7.10
N ASN D 186 -30.54 -6.72 7.61
CA ASN D 186 -31.73 -6.32 8.37
C ASN D 186 -31.35 -5.57 9.63
N LEU D 187 -30.31 -6.05 10.33
CA LEU D 187 -29.84 -5.32 11.50
C LEU D 187 -29.18 -4.00 11.11
N HIS D 188 -28.55 -3.95 9.93
CA HIS D 188 -27.93 -2.71 9.47
C HIS D 188 -28.95 -1.62 9.26
N THR D 189 -30.03 -1.92 8.53
CA THR D 189 -31.10 -0.94 8.36
C THR D 189 -31.85 -0.70 9.65
N GLY D 190 -31.75 -1.62 10.60
CA GLY D 190 -32.35 -1.39 11.91
C GLY D 190 -31.73 -0.22 12.63
N MET D 191 -30.41 -0.07 12.52
CA MET D 191 -29.72 1.04 13.15
C MET D 191 -29.69 2.27 12.25
N GLN D 192 -29.81 2.09 10.93
CA GLN D 192 -29.68 3.21 10.01
C GLN D 192 -30.80 4.23 10.19
N VAL D 193 -31.99 3.78 10.57
CA VAL D 193 -33.10 4.70 10.81
C VAL D 193 -32.79 5.62 11.99
N GLU D 194 -32.04 5.12 12.98
CA GLU D 194 -31.68 5.95 14.12
C GLU D 194 -30.71 7.07 13.71
N GLU D 195 -29.99 6.88 12.60
CA GLU D 195 -29.08 7.92 12.12
C GLU D 195 -29.84 9.19 11.79
N SER D 196 -31.01 9.06 11.16
CA SER D 196 -31.84 10.24 10.91
C SER D 196 -32.52 10.74 12.18
N LYS D 197 -32.84 9.82 13.10
CA LYS D 197 -33.42 10.23 14.37
C LYS D 197 -32.46 11.12 15.15
N GLN D 198 -31.19 10.74 15.22
CA GLN D 198 -30.16 11.63 15.72
C GLN D 198 -29.81 12.65 14.66
N ASN D 199 -29.18 13.75 15.10
CA ASN D 199 -28.71 14.86 14.25
C ASN D 199 -29.66 15.13 13.09
N ARG D 200 -30.96 15.16 13.41
CA ARG D 200 -31.99 15.28 12.38
C ARG D 200 -31.89 16.62 11.66
N LEU D 201 -32.13 16.60 10.36
CA LEU D 201 -31.96 17.76 9.51
C LEU D 201 -33.05 17.82 8.45
N ASN D 202 -33.28 19.02 7.94
CA ASN D 202 -34.29 19.30 6.92
C ASN D 202 -33.74 20.24 5.86
N MET D 203 -34.48 20.39 4.76
CA MET D 203 -34.06 21.34 3.73
C MET D 203 -33.97 22.75 4.28
N LEU D 204 -34.98 23.17 5.02
CA LEU D 204 -35.04 24.53 5.51
C LEU D 204 -33.85 24.80 6.44
N VAL D 205 -33.55 26.08 6.62
CA VAL D 205 -32.46 26.60 7.47
C VAL D 205 -31.12 25.95 7.13
N HIS D 206 -31.09 24.62 6.96
CA HIS D 206 -29.84 23.94 6.68
C HIS D 206 -29.32 24.26 5.28
N ASN D 207 -30.17 24.15 4.28
CA ASN D 207 -29.75 24.40 2.90
C ASN D 207 -29.51 25.89 2.71
N PRO D 208 -28.32 26.30 2.24
CA PRO D 208 -28.06 27.75 2.09
C PRO D 208 -29.04 28.47 1.20
N THR D 209 -29.48 27.84 0.11
CA THR D 209 -30.40 28.52 -0.79
C THR D 209 -31.81 28.58 -0.23
N GLN D 210 -32.19 27.58 0.57
CA GLN D 210 -33.54 27.59 1.14
C GLN D 210 -33.65 28.61 2.28
N ARG D 211 -32.63 28.70 3.13
CA ARG D 211 -32.63 29.73 4.16
C ARG D 211 -32.58 31.12 3.54
N ASN D 212 -31.79 31.30 2.48
CA ASN D 212 -31.71 32.59 1.82
C ASN D 212 -33.05 32.99 1.23
N PHE D 213 -33.76 32.03 0.62
CA PHE D 213 -35.09 32.33 0.11
C PHE D 213 -36.09 32.54 1.24
N GLY D 214 -35.91 31.84 2.36
CA GLY D 214 -36.85 31.98 3.45
C GLY D 214 -36.80 33.35 4.11
N ILE D 215 -35.60 33.87 4.36
CA ILE D 215 -35.48 35.16 5.03
C ILE D 215 -36.04 36.27 4.15
N MET D 216 -35.69 36.28 2.87
CA MET D 216 -36.26 37.23 1.94
C MET D 216 -37.72 36.88 1.67
N ALA D 217 -38.49 37.89 1.28
CA ALA D 217 -39.93 37.72 1.00
C ALA D 217 -40.65 37.11 2.21
N GLY D 218 -40.56 37.81 3.33
CA GLY D 218 -41.18 37.36 4.56
C GLY D 218 -40.52 37.93 5.80
N MET E 1 -12.41 -28.54 -11.79
CA MET E 1 -13.22 -29.46 -10.99
C MET E 1 -13.10 -29.16 -9.51
N GLU E 2 -11.87 -28.97 -9.03
CA GLU E 2 -11.64 -28.67 -7.62
C GLU E 2 -11.76 -29.97 -6.79
N VAL E 3 -10.75 -30.82 -6.98
CA VAL E 3 -10.77 -32.18 -6.43
C VAL E 3 -9.55 -32.36 -5.54
N GLN E 4 -9.71 -33.22 -4.53
CA GLN E 4 -8.60 -33.60 -3.65
C GLN E 4 -8.64 -35.10 -3.42
N GLY E 5 -7.46 -35.70 -3.27
CA GLY E 5 -7.34 -37.12 -3.04
C GLY E 5 -6.25 -37.43 -2.04
N SER E 6 -6.12 -38.72 -1.73
CA SER E 6 -5.21 -39.19 -0.70
C SER E 6 -4.30 -40.28 -1.25
N LEU E 7 -3.11 -40.38 -0.66
CA LEU E 7 -2.14 -41.40 -1.02
C LEU E 7 -2.10 -42.55 -0.02
N GLY E 8 -2.75 -42.40 1.13
CA GLY E 8 -2.77 -43.45 2.12
C GLY E 8 -1.42 -43.62 2.81
N ARG E 9 -1.36 -44.66 3.64
CA ARG E 9 -0.13 -44.98 4.34
C ARG E 9 0.95 -45.43 3.34
N GLN E 10 2.16 -44.94 3.54
CA GLN E 10 3.28 -45.30 2.67
C GLN E 10 4.12 -46.41 3.29
N ILE E 11 3.53 -47.60 3.36
CA ILE E 11 4.25 -48.82 3.74
C ILE E 11 3.99 -49.87 2.67
N GLN E 12 4.80 -49.82 1.60
CA GLN E 12 4.86 -50.93 0.64
C GLN E 12 6.25 -51.21 0.10
N GLY E 13 7.21 -50.31 0.26
CA GLY E 13 8.55 -50.49 -0.30
C GLY E 13 8.69 -49.86 -1.66
N ILE E 14 9.92 -49.43 -1.96
CA ILE E 14 10.18 -48.73 -3.21
C ILE E 14 9.84 -49.63 -4.40
N SER E 15 9.46 -49.00 -5.51
CA SER E 15 9.09 -49.71 -6.72
C SER E 15 9.71 -49.03 -7.92
N GLN E 16 10.45 -49.80 -8.72
CA GLN E 16 11.01 -49.33 -9.97
C GLN E 16 10.01 -49.36 -11.11
N GLN E 17 8.82 -49.92 -10.88
CA GLN E 17 7.80 -50.00 -11.90
C GLN E 17 7.26 -48.61 -12.21
N PRO E 18 6.91 -48.34 -13.48
CA PRO E 18 6.35 -47.02 -13.82
C PRO E 18 5.07 -46.72 -13.05
N ALA E 19 4.85 -45.43 -12.80
CA ALA E 19 3.72 -44.99 -11.99
C ALA E 19 2.38 -45.38 -12.58
N SER E 20 2.30 -45.59 -13.90
CA SER E 20 1.05 -45.97 -14.53
C SER E 20 0.63 -47.35 -14.03
N VAL E 21 -0.39 -47.39 -13.18
CA VAL E 21 -0.86 -48.61 -12.52
C VAL E 21 0.33 -49.29 -11.85
N ARG E 22 0.89 -48.64 -10.84
CA ARG E 22 2.04 -49.21 -10.13
C ARG E 22 1.58 -50.00 -8.90
N LEU E 23 1.00 -49.31 -7.91
CA LEU E 23 0.37 -49.87 -6.72
C LEU E 23 -0.14 -48.69 -5.91
N PRO E 24 -1.18 -48.83 -5.09
CA PRO E 24 -1.56 -47.73 -4.20
C PRO E 24 -0.58 -47.56 -3.06
N GLY E 25 0.31 -46.58 -3.17
CA GLY E 25 1.28 -46.29 -2.13
C GLY E 25 2.56 -47.07 -2.35
N GLN E 26 3.62 -46.41 -2.84
CA GLN E 26 4.85 -47.14 -3.10
C GLN E 26 6.13 -46.46 -2.66
N CYS E 27 6.18 -45.12 -2.54
CA CYS E 27 7.37 -44.42 -2.09
C CYS E 27 8.56 -44.76 -2.98
N THR E 28 8.48 -44.25 -4.22
CA THR E 28 9.44 -44.54 -5.29
C THR E 28 10.89 -44.56 -4.82
N ASP E 29 11.25 -43.69 -3.88
CA ASP E 29 12.59 -43.69 -3.32
C ASP E 29 12.52 -43.53 -1.81
N ALA E 30 13.25 -44.37 -1.09
CA ALA E 30 13.31 -44.31 0.36
C ALA E 30 14.73 -44.60 0.82
N ILE E 31 15.25 -43.76 1.70
CA ILE E 31 16.60 -43.92 2.25
C ILE E 31 16.54 -43.67 3.75
N ASN E 32 17.11 -44.59 4.54
CA ASN E 32 17.16 -44.47 5.99
C ASN E 32 15.77 -44.35 6.60
N CYS E 33 14.94 -45.35 6.36
CA CYS E 33 13.55 -45.34 6.81
C CYS E 33 13.20 -46.69 7.43
N SER E 34 13.09 -46.72 8.76
CA SER E 34 12.54 -47.88 9.46
C SER E 34 11.05 -47.90 9.19
N MET E 35 10.65 -48.67 8.18
CA MET E 35 9.35 -48.52 7.54
C MET E 35 8.44 -49.63 8.03
N ASP E 36 7.63 -49.32 9.04
CA ASP E 36 6.87 -50.32 9.79
C ASP E 36 5.38 -50.04 9.69
N VAL E 37 4.58 -51.05 10.03
CA VAL E 37 3.13 -50.96 9.89
C VAL E 37 2.55 -49.92 10.83
N VAL E 38 2.94 -49.96 12.11
CA VAL E 38 2.31 -49.08 13.09
C VAL E 38 2.94 -47.70 13.08
N GLU E 39 4.26 -47.61 12.96
CA GLU E 39 4.97 -46.34 12.99
C GLU E 39 4.97 -45.62 11.65
N GLY E 40 4.41 -46.22 10.60
CA GLY E 40 4.43 -45.59 9.29
C GLY E 40 5.81 -45.61 8.67
N THR E 41 6.46 -44.45 8.59
CA THR E 41 7.80 -44.33 8.02
C THR E 41 8.63 -43.44 8.93
N LYS E 42 9.35 -44.04 9.87
CA LYS E 42 10.28 -43.32 10.72
C LYS E 42 11.65 -43.25 10.06
N SER E 43 12.65 -42.83 10.81
CA SER E 43 14.04 -42.90 10.39
C SER E 43 14.70 -44.14 10.99
N ARG E 44 15.75 -44.60 10.33
CA ARG E 44 16.42 -45.81 10.77
C ARG E 44 17.02 -45.61 12.17
N PRO E 45 17.04 -46.64 13.00
CA PRO E 45 17.65 -46.52 14.33
C PRO E 45 19.13 -46.23 14.23
N GLY E 46 19.65 -45.52 15.23
CA GLY E 46 21.03 -45.11 15.22
C GLY E 46 21.99 -46.24 15.56
N THR E 47 23.27 -45.92 15.43
CA THR E 47 24.35 -46.86 15.70
C THR E 47 25.09 -46.45 16.97
N VAL E 48 25.64 -47.44 17.67
CA VAL E 48 26.34 -47.22 18.92
C VAL E 48 27.77 -47.71 18.77
N HIS E 49 28.72 -46.82 19.05
CA HIS E 49 30.14 -47.17 19.00
C HIS E 49 30.53 -47.83 20.32
N ILE E 50 31.07 -49.04 20.23
CA ILE E 50 31.41 -49.82 21.42
C ILE E 50 32.92 -49.99 21.56
N ALA E 51 33.65 -50.16 20.45
CA ALA E 51 35.09 -50.38 20.52
C ALA E 51 35.67 -50.22 19.11
N ARG E 52 37.00 -50.13 19.07
CA ARG E 52 37.75 -50.08 17.82
C ARG E 52 38.50 -51.39 17.64
N LEU E 53 38.54 -51.88 16.40
CA LEU E 53 39.22 -53.14 16.11
C LEU E 53 40.69 -52.94 15.76
N GLY E 54 40.97 -52.07 14.79
CA GLY E 54 42.35 -51.86 14.39
C GLY E 54 42.52 -50.81 13.30
N ASP E 55 43.32 -51.11 12.30
CA ASP E 55 43.61 -50.19 11.21
C ASP E 55 42.80 -50.56 9.97
N LEU E 56 43.04 -49.84 8.87
CA LEU E 56 42.26 -50.05 7.66
C LEU E 56 42.57 -51.37 6.98
N GLY E 57 43.72 -51.98 7.25
CA GLY E 57 44.11 -53.19 6.56
C GLY E 57 43.47 -54.46 7.06
N LEU E 58 42.68 -54.39 8.12
CA LEU E 58 42.08 -55.60 8.69
C LEU E 58 41.10 -56.24 7.72
N ILE E 59 40.27 -55.45 7.05
CA ILE E 59 39.22 -55.95 6.18
C ILE E 59 39.55 -55.62 4.74
N GLN E 60 39.53 -56.64 3.89
CA GLN E 60 39.70 -56.52 2.45
C GLN E 60 38.50 -57.15 1.76
N ASP E 61 38.44 -56.99 0.44
CA ASP E 61 37.34 -57.59 -0.32
C ASP E 61 37.38 -59.11 -0.25
N ASN E 62 38.53 -59.70 0.03
CA ASN E 62 38.67 -61.15 0.13
C ASN E 62 38.58 -61.66 1.57
N THR E 63 38.41 -60.77 2.54
CA THR E 63 38.49 -61.16 3.95
C THR E 63 37.24 -61.92 4.38
N ASN E 64 37.44 -63.07 5.03
CA ASN E 64 36.36 -63.80 5.66
C ASN E 64 36.10 -63.26 7.05
N ILE E 65 34.82 -63.06 7.36
CA ILE E 65 34.39 -62.69 8.71
C ILE E 65 33.37 -63.75 9.14
N HIS E 66 33.68 -64.48 10.20
CA HIS E 66 32.79 -65.52 10.70
C HIS E 66 32.32 -65.16 12.10
N HIS E 67 31.05 -65.41 12.37
CA HIS E 67 30.43 -65.12 13.65
C HIS E 67 29.78 -66.38 14.20
N TYR E 68 29.91 -66.58 15.51
CA TYR E 68 29.23 -67.68 16.17
C TYR E 68 28.93 -67.27 17.60
N ARG E 69 27.93 -67.93 18.19
CA ARG E 69 27.43 -67.58 19.50
C ARG E 69 27.44 -68.82 20.39
N ARG E 70 27.72 -68.59 21.68
CA ARG E 70 27.79 -69.68 22.64
C ARG E 70 27.04 -69.30 23.91
N GLY E 71 26.40 -70.29 24.52
CA GLY E 71 25.76 -70.09 25.81
C GLY E 71 24.54 -69.18 25.72
N ASP E 72 24.19 -68.61 26.87
CA ASP E 72 23.00 -67.77 26.99
C ASP E 72 23.41 -66.29 26.91
N ASP E 73 23.68 -65.86 25.68
CA ASP E 73 23.91 -64.45 25.36
C ASP E 73 25.08 -63.86 26.15
N VAL E 74 26.17 -64.62 26.32
CA VAL E 74 27.34 -64.16 27.03
C VAL E 74 28.58 -64.18 26.13
N GLU E 75 28.75 -65.25 25.36
CA GLU E 75 29.92 -65.40 24.49
C GLU E 75 29.52 -65.13 23.04
N GLU E 76 30.18 -64.15 22.43
CA GLU E 76 30.09 -63.91 20.99
C GLU E 76 31.48 -63.55 20.49
N TYR E 77 31.91 -64.24 19.43
CA TYR E 77 33.24 -64.06 18.88
C TYR E 77 33.19 -63.82 17.39
N TRP E 78 34.02 -62.90 16.92
CA TRP E 78 34.17 -62.60 15.50
C TRP E 78 35.56 -63.06 15.07
N MET E 79 35.62 -63.91 14.05
CA MET E 79 36.88 -64.40 13.52
C MET E 79 37.14 -63.73 12.18
N ILE E 80 38.29 -63.08 12.06
CA ILE E 80 38.68 -62.34 10.86
C ILE E 80 39.93 -63.00 10.30
N THR E 81 39.91 -63.30 9.00
CA THR E 81 41.00 -64.00 8.34
C THR E 81 41.45 -63.20 7.13
N ASN E 82 42.55 -62.48 7.26
CA ASN E 82 43.16 -61.81 6.13
C ASN E 82 43.91 -62.81 5.27
N PRO E 83 44.11 -62.51 3.99
CA PRO E 83 44.82 -63.47 3.12
C PRO E 83 46.23 -63.74 3.62
N LEU E 84 46.63 -65.01 3.51
CA LEU E 84 47.96 -65.46 3.91
C LEU E 84 48.26 -65.10 5.36
N GLY E 85 47.45 -65.65 6.26
CA GLY E 85 47.66 -65.42 7.68
C GLY E 85 46.73 -66.26 8.51
N ILE E 86 47.06 -66.35 9.79
CA ILE E 86 46.24 -67.07 10.76
C ILE E 86 45.04 -66.22 11.13
N PRO E 87 43.90 -66.81 11.46
CA PRO E 87 42.72 -66.01 11.80
C PRO E 87 42.91 -65.22 13.09
N ASP E 88 42.22 -64.09 13.17
CA ASP E 88 42.21 -63.25 14.36
C ASP E 88 40.82 -63.29 14.99
N ILE E 89 40.79 -63.20 16.31
CA ILE E 89 39.57 -63.42 17.08
C ILE E 89 39.31 -62.21 17.98
N PHE E 90 38.07 -61.74 17.99
CA PHE E 90 37.66 -60.62 18.82
C PHE E 90 36.41 -61.00 19.61
N ASP E 91 36.28 -60.43 20.80
CA ASP E 91 35.19 -60.75 21.72
C ASP E 91 34.04 -59.75 21.56
N LYS E 92 33.10 -59.80 22.50
CA LYS E 92 31.95 -58.90 22.47
C LYS E 92 32.38 -57.45 22.59
N GLN E 93 33.30 -57.15 23.48
CA GLN E 93 33.73 -55.78 23.76
C GLN E 93 34.90 -55.33 22.90
N GLY E 94 35.29 -56.13 21.91
CA GLY E 94 36.35 -55.76 21.00
C GLY E 94 37.75 -56.08 21.47
N ARG E 95 37.90 -56.62 22.68
CA ARG E 95 39.22 -57.00 23.16
C ARG E 95 39.76 -58.16 22.34
N LYS E 96 41.04 -58.08 21.98
CA LYS E 96 41.67 -59.14 21.22
C LYS E 96 41.85 -60.38 22.08
N CYS E 97 41.73 -61.55 21.44
CA CYS E 97 41.90 -62.83 22.11
C CYS E 97 43.18 -63.50 21.62
N THR E 98 43.94 -64.04 22.57
CA THR E 98 45.21 -64.67 22.24
C THR E 98 44.98 -65.98 21.50
N VAL E 99 45.70 -66.17 20.40
CA VAL E 99 45.61 -67.38 19.58
C VAL E 99 46.97 -68.04 19.54
N THR E 100 47.01 -69.33 19.85
CA THR E 100 48.25 -70.10 19.81
C THR E 100 48.20 -71.11 18.67
N GLU E 101 49.34 -71.30 18.02
CA GLU E 101 49.45 -72.14 16.84
C GLU E 101 49.89 -73.55 17.22
N THR E 102 50.16 -74.37 16.21
CA THR E 102 50.59 -75.75 16.41
C THR E 102 51.31 -76.21 15.15
N GLU E 103 51.55 -77.50 15.04
CA GLU E 103 52.10 -78.06 13.82
C GLU E 103 51.10 -77.89 12.66
N GLY E 104 51.64 -77.60 11.48
CA GLY E 104 50.78 -77.38 10.33
C GLY E 104 49.88 -76.19 10.45
N ALA E 105 50.27 -75.19 11.24
CA ALA E 105 49.44 -74.00 11.40
C ALA E 105 49.47 -73.13 10.14
N ALA E 106 50.63 -72.63 9.78
CA ALA E 106 50.77 -71.83 8.57
C ALA E 106 51.10 -72.70 7.36
N SER E 107 50.35 -73.80 7.23
CA SER E 107 50.37 -74.62 6.02
C SER E 107 48.98 -75.00 5.52
N TYR E 108 47.97 -75.01 6.38
CA TYR E 108 46.59 -75.20 5.96
C TYR E 108 45.91 -73.89 5.58
N PHE E 109 46.46 -72.76 6.00
CA PHE E 109 45.94 -71.45 5.66
C PHE E 109 46.68 -70.82 4.48
N ASN E 110 47.22 -71.65 3.58
CA ASN E 110 47.97 -71.17 2.43
C ASN E 110 47.00 -70.90 1.30
N SER E 111 46.52 -69.66 1.22
CA SER E 111 45.59 -69.27 0.16
C SER E 111 45.67 -67.76 -0.05
N ASN E 112 45.16 -67.33 -1.20
CA ASN E 112 45.16 -65.91 -1.55
C ASN E 112 43.78 -65.29 -1.57
N ASN E 113 42.72 -66.09 -1.70
CA ASN E 113 41.34 -65.59 -1.70
C ASN E 113 40.56 -66.38 -0.65
N PRO E 114 40.71 -66.02 0.62
CA PRO E 114 40.04 -66.78 1.68
C PRO E 114 38.52 -66.76 1.60
N ARG E 115 37.93 -65.78 0.90
CA ARG E 115 36.48 -65.71 0.84
C ARG E 115 35.89 -66.96 0.20
N VAL E 116 36.51 -67.46 -0.87
CA VAL E 116 35.99 -68.63 -1.56
C VAL E 116 36.48 -69.93 -0.93
N ASP E 117 37.62 -69.90 -0.24
CA ASP E 117 38.26 -71.14 0.20
C ASP E 117 37.78 -71.59 1.58
N TYR E 118 37.96 -70.76 2.60
CA TYR E 118 37.73 -71.18 3.97
C TYR E 118 36.24 -71.14 4.29
N LYS E 119 35.67 -72.29 4.62
CA LYS E 119 34.31 -72.41 5.09
C LYS E 119 34.35 -72.89 6.54
N PHE E 120 33.72 -72.13 7.44
CA PHE E 120 33.78 -72.39 8.86
C PHE E 120 32.51 -73.07 9.35
N PHE E 121 32.63 -73.74 10.49
CA PHE E 121 31.48 -74.37 11.15
C PHE E 121 31.72 -74.35 12.65
N THR E 122 30.63 -74.43 13.41
CA THR E 122 30.70 -74.37 14.86
C THR E 122 29.75 -75.37 15.49
N VAL E 123 30.28 -76.23 16.36
CA VAL E 123 29.49 -77.08 17.22
C VAL E 123 30.03 -76.98 18.63
N GLY E 124 29.13 -76.74 19.59
CA GLY E 124 29.55 -76.55 20.97
C GLY E 124 30.54 -75.42 21.13
N ASP E 125 31.79 -75.78 21.45
CA ASP E 125 32.88 -74.82 21.49
C ASP E 125 33.86 -74.99 20.33
N THR E 126 34.01 -76.21 19.81
CA THR E 126 34.94 -76.46 18.73
C THR E 126 34.48 -75.78 17.45
N THR E 127 35.45 -75.34 16.66
CA THR E 127 35.19 -74.66 15.39
C THR E 127 35.98 -75.38 14.29
N PHE E 128 35.27 -75.83 13.27
CA PHE E 128 35.89 -76.56 12.17
C PHE E 128 36.23 -75.58 11.04
N VAL E 129 37.43 -75.73 10.49
CA VAL E 129 37.89 -74.91 9.37
C VAL E 129 38.20 -75.83 8.20
N VAL E 130 37.61 -75.56 7.05
CA VAL E 130 37.75 -76.39 5.86
C VAL E 130 38.37 -75.56 4.75
N ASN E 131 39.43 -76.08 4.15
CA ASN E 131 40.09 -75.45 3.01
C ASN E 131 39.77 -76.27 1.77
N ARG E 132 39.29 -75.58 0.73
CA ARG E 132 38.88 -76.24 -0.50
C ARG E 132 40.00 -76.37 -1.52
N THR E 133 41.22 -75.96 -1.18
CA THR E 133 42.34 -76.08 -2.09
C THR E 133 43.08 -77.40 -1.94
N LYS E 134 43.30 -77.85 -0.71
CA LYS E 134 44.05 -79.08 -0.46
C LYS E 134 43.23 -80.30 -0.86
N ILE E 135 43.93 -81.40 -1.09
CA ILE E 135 43.33 -82.68 -1.43
C ILE E 135 43.69 -83.67 -0.32
N VAL E 136 42.69 -84.35 0.22
CA VAL E 136 42.91 -85.29 1.31
C VAL E 136 43.71 -86.47 0.80
N ARG E 137 44.75 -86.85 1.54
CA ARG E 137 45.62 -87.95 1.19
C ARG E 137 45.61 -88.99 2.31
N ALA E 138 45.91 -90.23 1.94
CA ALA E 138 46.02 -91.32 2.90
C ALA E 138 47.45 -91.39 3.44
N ARG E 139 47.57 -91.88 4.67
CA ARG E 139 48.88 -91.97 5.31
C ARG E 139 49.76 -92.99 4.60
N ALA E 140 51.07 -92.74 4.67
CA ALA E 140 52.02 -93.58 3.94
C ALA E 140 52.16 -94.96 4.59
N ASP E 141 52.11 -95.01 5.93
CA ASP E 141 52.34 -96.27 6.63
C ASP E 141 51.24 -97.27 6.34
N LYS E 142 51.62 -98.54 6.28
CA LYS E 142 50.68 -99.64 6.07
C LYS E 142 50.96 -100.74 7.09
N THR E 143 49.94 -101.54 7.35
CA THR E 143 50.10 -102.67 8.24
C THR E 143 51.03 -103.71 7.61
N PRO E 144 51.70 -104.53 8.42
CA PRO E 144 52.60 -105.54 7.86
C PRO E 144 51.85 -106.49 6.92
N ALA E 145 52.54 -106.90 5.86
CA ALA E 145 51.93 -107.75 4.86
C ALA E 145 51.71 -109.17 5.41
N VAL E 146 51.24 -110.05 4.53
CA VAL E 146 50.99 -111.43 4.93
C VAL E 146 52.33 -112.10 5.25
N GLY E 147 52.56 -112.35 6.53
CA GLY E 147 53.82 -112.91 6.95
C GLY E 147 53.95 -114.39 6.63
N GLY E 148 55.19 -114.83 6.51
CA GLY E 148 55.46 -116.25 6.29
C GLY E 148 55.38 -117.10 7.53
N THR E 149 55.25 -116.49 8.70
CA THR E 149 55.17 -117.25 9.94
C THR E 149 53.95 -118.16 9.93
N ALA E 150 54.17 -119.43 10.30
CA ALA E 150 53.11 -120.43 10.31
C ALA E 150 53.23 -121.26 11.57
N LEU E 151 52.10 -121.84 11.99
CA LEU E 151 52.05 -122.71 13.14
C LEU E 151 51.30 -123.99 12.82
N VAL E 152 51.64 -125.06 13.52
CA VAL E 152 51.03 -126.37 13.33
C VAL E 152 50.70 -126.94 14.70
N PHE E 153 49.67 -127.78 14.76
CA PHE E 153 49.25 -128.38 16.01
C PHE E 153 48.49 -129.68 15.72
N SER E 154 48.35 -130.50 16.76
CA SER E 154 47.69 -131.78 16.66
C SER E 154 46.39 -131.78 17.46
N ALA E 155 45.44 -132.59 17.02
CA ALA E 155 44.13 -132.65 17.66
C ALA E 155 43.78 -134.02 18.22
N TYR E 156 43.91 -135.09 17.44
CA TYR E 156 43.42 -136.40 17.85
C TYR E 156 44.56 -137.41 18.05
N GLY E 157 45.37 -137.67 17.03
CA GLY E 157 46.52 -138.54 17.19
C GLY E 157 46.43 -139.90 16.53
N GLN E 158 45.28 -140.57 16.68
CA GLN E 158 45.04 -141.87 16.07
C GLN E 158 46.04 -142.93 16.51
N TYR E 159 46.05 -144.07 15.81
CA TYR E 159 46.97 -145.18 16.08
C TYR E 159 47.81 -145.48 14.84
N GLY E 160 49.10 -145.70 15.05
CA GLY E 160 49.98 -146.19 14.01
C GLY E 160 50.04 -145.31 12.78
N THR E 161 50.20 -144.01 12.97
CA THR E 161 50.20 -143.05 11.87
C THR E 161 51.60 -142.48 11.70
N ASN E 162 52.08 -142.48 10.46
CA ASN E 162 53.34 -141.82 10.12
C ASN E 162 53.05 -140.34 9.91
N TYR E 163 53.50 -139.50 10.82
CA TYR E 163 53.21 -138.07 10.77
C TYR E 163 54.35 -137.33 10.08
N GLN E 164 54.01 -136.53 9.08
CA GLN E 164 54.97 -135.82 8.27
C GLN E 164 54.77 -134.32 8.40
N ILE E 165 55.86 -133.57 8.27
CA ILE E 165 55.82 -132.11 8.24
C ILE E 165 56.59 -131.70 6.98
N ILE E 166 55.87 -131.54 5.88
CA ILE E 166 56.48 -131.16 4.60
C ILE E 166 56.74 -129.66 4.67
N ILE E 167 57.98 -129.28 4.92
CA ILE E 167 58.37 -127.88 5.03
C ILE E 167 58.97 -127.46 3.70
N ASN E 168 58.19 -126.72 2.91
CA ASN E 168 58.64 -126.13 1.65
C ASN E 168 59.26 -127.18 0.73
N GLY E 169 58.51 -128.25 0.48
CA GLY E 169 59.03 -129.30 -0.37
C GLY E 169 59.70 -130.43 0.40
N VAL E 170 61.03 -130.34 0.55
CA VAL E 170 61.80 -131.39 1.20
C VAL E 170 61.17 -131.79 2.53
N LYS E 171 61.19 -133.08 2.81
CA LYS E 171 60.56 -133.64 4.00
C LYS E 171 61.44 -133.43 5.23
N ALA E 172 60.78 -133.20 6.36
CA ALA E 172 61.48 -133.03 7.62
C ALA E 172 60.51 -133.33 8.76
N ALA E 173 61.07 -133.54 9.96
CA ALA E 173 60.30 -133.75 11.18
C ALA E 173 59.36 -134.95 11.04
N GLU E 174 59.98 -136.13 10.90
CA GLU E 174 59.25 -137.38 10.74
C GLU E 174 59.01 -138.05 12.08
N TYR E 175 57.83 -138.65 12.22
CA TYR E 175 57.49 -139.43 13.40
C TYR E 175 56.43 -140.46 13.02
N LYS E 176 56.47 -141.62 13.66
CA LYS E 176 55.54 -142.69 13.41
C LYS E 176 55.08 -143.30 14.73
N THR E 177 53.79 -143.62 14.81
CA THR E 177 53.21 -144.19 16.01
C THR E 177 53.23 -145.72 15.92
N ALA E 178 53.38 -146.36 17.08
CA ALA E 178 53.44 -147.82 17.14
C ALA E 178 52.09 -148.42 16.78
N SER E 179 52.06 -149.76 16.72
CA SER E 179 50.88 -150.46 16.23
C SER E 179 49.67 -150.23 17.11
N GLY E 180 49.85 -150.29 18.43
CA GLY E 180 48.74 -150.16 19.35
C GLY E 180 48.24 -151.46 19.94
N GLY E 181 48.79 -152.60 19.52
CA GLY E 181 48.41 -153.87 20.11
C GLY E 181 48.89 -154.05 21.54
N SER E 182 49.92 -153.31 21.94
CA SER E 182 50.41 -153.33 23.31
C SER E 182 49.75 -152.21 24.11
N ALA E 183 49.57 -152.47 25.41
CA ALA E 183 48.91 -151.49 26.27
C ALA E 183 49.74 -150.23 26.46
N SER E 184 51.03 -150.27 26.15
CA SER E 184 51.91 -149.13 26.37
C SER E 184 51.88 -148.10 25.25
N ASP E 185 51.21 -148.41 24.13
CA ASP E 185 51.18 -147.47 23.02
C ASP E 185 50.21 -146.31 23.26
N VAL E 186 49.42 -146.37 24.33
CA VAL E 186 48.49 -145.29 24.63
C VAL E 186 49.23 -143.99 24.86
N GLU E 187 50.40 -144.07 25.50
CA GLU E 187 51.18 -142.87 25.81
C GLU E 187 51.68 -142.17 24.57
N THR E 188 51.93 -142.89 23.49
CA THR E 188 52.56 -142.28 22.31
C THR E 188 51.57 -141.48 21.47
N ILE E 189 50.27 -141.61 21.72
CA ILE E 189 49.28 -140.95 20.87
C ILE E 189 48.79 -139.63 21.44
N ARG E 190 49.24 -139.25 22.64
CA ARG E 190 48.79 -138.00 23.24
C ARG E 190 49.30 -136.80 22.44
N THR E 191 48.53 -135.71 22.48
CA THR E 191 48.87 -134.53 21.70
C THR E 191 50.20 -133.93 22.16
N GLU E 192 50.41 -133.84 23.47
CA GLU E 192 51.68 -133.28 23.96
C GLU E 192 52.86 -134.13 23.54
N VAL E 193 52.74 -135.45 23.62
CA VAL E 193 53.82 -136.34 23.21
C VAL E 193 54.10 -136.18 21.72
N ILE E 194 53.05 -136.08 20.91
CA ILE E 194 53.23 -135.85 19.48
C ILE E 194 53.92 -134.52 19.24
N ALA E 195 53.48 -133.48 19.94
CA ALA E 195 54.02 -132.14 19.72
C ALA E 195 55.52 -132.08 20.02
N GLU E 196 55.93 -132.65 21.16
CA GLU E 196 57.34 -132.59 21.53
C GLU E 196 58.21 -133.45 20.61
N GLN E 197 57.71 -134.63 20.22
CA GLN E 197 58.48 -135.50 19.33
C GLN E 197 58.70 -134.84 17.98
N LEU E 198 57.65 -134.20 17.44
CA LEU E 198 57.79 -133.49 16.17
C LEU E 198 58.76 -132.32 16.31
N TYR E 199 58.72 -131.62 17.45
CA TYR E 199 59.63 -130.52 17.68
C TYR E 199 61.07 -130.99 17.71
N THR E 200 61.33 -132.12 18.38
CA THR E 200 62.69 -132.64 18.48
C THR E 200 63.25 -133.00 17.11
N ASN E 201 62.46 -133.70 16.30
CA ASN E 201 62.93 -134.07 14.97
C ASN E 201 63.16 -132.84 14.09
N LEU E 202 62.28 -131.86 14.18
CA LEU E 202 62.41 -130.66 13.36
C LEU E 202 63.68 -129.88 13.69
N LEU E 203 64.00 -129.78 14.98
CA LEU E 203 65.19 -129.02 15.38
C LEU E 203 66.46 -129.67 14.83
N THR E 204 66.54 -131.00 14.88
CA THR E 204 67.74 -131.68 14.41
C THR E 204 67.89 -131.63 12.90
N TRP E 205 66.83 -131.24 12.19
CA TRP E 205 66.88 -131.19 10.74
C TRP E 205 67.90 -130.15 10.27
N ALA E 206 68.54 -130.45 9.14
CA ALA E 206 69.62 -129.59 8.65
C ALA E 206 69.12 -128.19 8.32
N GLY E 207 67.94 -128.08 7.70
CA GLY E 207 67.42 -126.79 7.30
C GLY E 207 66.91 -125.94 8.45
N ALA E 208 66.88 -126.48 9.67
CA ALA E 208 66.35 -125.75 10.82
C ALA E 208 67.20 -124.53 11.17
N SER E 209 68.41 -124.42 10.63
CA SER E 209 69.25 -123.26 10.92
C SER E 209 68.71 -121.96 10.34
N ASP E 210 67.71 -122.03 9.45
CA ASP E 210 67.15 -120.85 8.84
C ASP E 210 65.83 -120.40 9.45
N TYR E 211 65.14 -121.29 10.15
CA TYR E 211 63.83 -120.99 10.73
C TYR E 211 63.91 -121.08 12.25
N SER E 212 63.36 -120.08 12.93
CA SER E 212 63.27 -120.07 14.38
C SER E 212 62.04 -120.87 14.80
N ILE E 213 62.25 -121.90 15.60
CA ILE E 213 61.20 -122.83 15.99
C ILE E 213 61.15 -122.90 17.52
N SER E 214 59.94 -122.78 18.07
CA SER E 214 59.74 -122.86 19.51
C SER E 214 58.48 -123.67 19.79
N ARG E 215 58.38 -124.17 21.02
CA ARG E 215 57.26 -125.01 21.43
C ARG E 215 56.58 -124.38 22.64
N MET E 216 55.26 -124.18 22.53
CA MET E 216 54.43 -123.74 23.64
C MET E 216 53.11 -124.51 23.57
N GLY E 217 52.74 -125.15 24.67
CA GLY E 217 51.54 -125.96 24.68
C GLY E 217 51.64 -127.08 23.65
N THR E 218 50.56 -127.27 22.88
CA THR E 218 50.52 -128.25 21.81
C THR E 218 50.70 -127.60 20.43
N THR E 219 51.43 -126.49 20.36
CA THR E 219 51.59 -125.74 19.12
C THR E 219 53.07 -125.56 18.81
N ILE E 220 53.42 -125.76 17.54
CA ILE E 220 54.77 -125.51 17.04
C ILE E 220 54.72 -124.31 16.12
N VAL E 221 55.49 -123.29 16.44
CA VAL E 221 55.50 -122.04 15.69
C VAL E 221 56.82 -121.91 14.96
N ILE E 222 56.75 -121.70 13.64
CA ILE E 222 57.92 -121.57 12.79
C ILE E 222 57.94 -120.15 12.24
N SER E 223 59.05 -119.45 12.47
CA SER E 223 59.21 -118.08 12.03
C SER E 223 60.37 -117.99 11.05
N SER E 224 60.14 -117.32 9.93
CA SER E 224 61.18 -117.17 8.92
C SER E 224 62.19 -116.10 9.33
N LEU E 225 63.33 -116.12 8.65
CA LEU E 225 64.37 -115.10 8.82
C LEU E 225 64.57 -114.44 7.47
N SER E 226 63.76 -113.41 7.20
CA SER E 226 63.78 -112.68 5.93
C SER E 226 63.54 -113.63 4.76
N GLY E 227 62.36 -114.24 4.75
CA GLY E 227 62.01 -115.19 3.72
C GLY E 227 60.53 -115.12 3.39
N ALA E 228 60.15 -115.87 2.36
CA ALA E 228 58.78 -115.90 1.88
C ALA E 228 57.99 -116.94 2.67
N SER E 229 56.80 -117.28 2.18
CA SER E 229 55.94 -118.24 2.87
C SER E 229 56.58 -119.62 2.87
N PHE E 230 56.27 -120.39 3.92
CA PHE E 230 56.84 -121.73 4.04
C PHE E 230 56.17 -122.72 3.10
N THR E 231 54.90 -122.52 2.77
CA THR E 231 54.13 -123.44 1.92
C THR E 231 54.16 -124.86 2.49
N VAL E 232 53.88 -124.97 3.79
CA VAL E 232 53.90 -126.27 4.45
C VAL E 232 52.73 -127.11 3.96
N ASP E 233 52.90 -128.43 4.03
CA ASP E 233 51.85 -129.38 3.67
C ASP E 233 51.39 -130.21 4.85
N THR E 234 52.32 -130.88 5.55
CA THR E 234 52.04 -131.61 6.78
C THR E 234 50.93 -132.66 6.56
N GLU E 235 51.23 -133.64 5.71
CA GLU E 235 50.30 -134.73 5.50
C GLU E 235 50.18 -135.58 6.77
N ASP E 236 49.02 -136.19 6.95
CA ASP E 236 48.72 -136.94 8.16
C ASP E 236 47.74 -138.06 7.84
N GLY E 237 47.40 -138.84 8.87
CA GLY E 237 46.55 -140.00 8.66
C GLY E 237 45.16 -139.63 8.19
N SER E 238 44.54 -138.64 8.84
CA SER E 238 43.21 -138.20 8.47
C SER E 238 43.30 -137.13 7.40
N LYS E 239 42.17 -136.48 7.11
CA LYS E 239 42.17 -135.42 6.10
C LYS E 239 42.71 -134.11 6.66
N GLY E 240 42.15 -133.65 7.78
CA GLY E 240 42.65 -132.45 8.43
C GLY E 240 42.57 -132.51 9.93
N LYS E 241 42.10 -133.63 10.47
CA LYS E 241 41.88 -133.74 11.91
C LYS E 241 43.21 -133.87 12.66
N ASP E 242 44.11 -134.71 12.16
CA ASP E 242 45.34 -135.01 12.89
C ASP E 242 46.21 -133.76 13.05
N LEU E 243 46.70 -133.22 11.94
CA LEU E 243 47.56 -132.06 11.94
C LEU E 243 46.93 -130.94 11.12
N VAL E 244 47.02 -129.72 11.64
CA VAL E 244 46.46 -128.54 10.99
C VAL E 244 47.59 -127.55 10.76
N ALA E 245 47.76 -127.13 9.51
CA ALA E 245 48.78 -126.16 9.12
C ALA E 245 48.09 -124.88 8.67
N ILE E 246 48.41 -123.76 9.34
CA ILE E 246 47.79 -122.48 9.07
C ILE E 246 48.88 -121.42 8.97
N GLN E 247 48.83 -120.61 7.92
CA GLN E 247 49.71 -119.45 7.81
C GLN E 247 48.99 -118.16 8.19
N TYR E 248 47.92 -117.81 7.47
CA TYR E 248 47.13 -116.65 7.82
C TYR E 248 45.64 -116.83 7.59
N LYS E 249 45.18 -118.00 7.16
CA LYS E 249 43.78 -118.20 6.79
C LYS E 249 43.28 -119.50 7.36
N VAL E 250 42.05 -119.46 7.88
CA VAL E 250 41.38 -120.64 8.42
C VAL E 250 40.00 -120.75 7.79
N THR E 251 39.49 -121.98 7.69
CA THR E 251 38.22 -122.24 7.04
C THR E 251 37.05 -122.33 8.01
N SER E 252 37.29 -122.20 9.31
CA SER E 252 36.23 -122.29 10.30
C SER E 252 36.74 -121.70 11.61
N THR E 253 35.89 -121.75 12.64
CA THR E 253 36.24 -121.22 13.96
C THR E 253 36.63 -122.31 14.96
N ASP E 254 36.11 -123.53 14.78
CA ASP E 254 36.46 -124.61 15.70
C ASP E 254 37.91 -125.06 15.51
N LEU E 255 38.44 -124.94 14.30
CA LEU E 255 39.80 -125.38 13.98
C LEU E 255 40.86 -124.43 14.53
N LEU E 256 40.51 -123.44 15.33
CA LEU E 256 41.50 -122.53 15.88
C LEU E 256 42.38 -123.28 16.88
N PRO E 257 43.69 -123.02 16.89
CA PRO E 257 44.57 -123.71 17.84
C PRO E 257 44.28 -123.31 19.27
N SER E 258 44.55 -124.25 20.18
CA SER E 258 44.33 -123.97 21.61
C SER E 258 45.26 -122.88 22.10
N LYS E 259 46.52 -122.89 21.67
CA LYS E 259 47.50 -121.89 22.05
C LYS E 259 48.07 -121.23 20.81
N ALA E 260 48.52 -120.00 20.97
CA ALA E 260 49.08 -119.22 19.86
C ALA E 260 50.00 -118.15 20.43
N PRO E 261 50.98 -117.69 19.65
CA PRO E 261 51.83 -116.60 20.12
C PRO E 261 51.05 -115.30 20.22
N VAL E 262 51.54 -114.41 21.08
CA VAL E 262 50.89 -113.12 21.27
C VAL E 262 51.02 -112.28 20.01
N GLY E 263 49.91 -111.70 19.58
CA GLY E 263 49.90 -110.84 18.42
C GLY E 263 49.80 -111.55 17.08
N TYR E 264 49.51 -112.85 17.08
CA TYR E 264 49.37 -113.58 15.82
C TYR E 264 48.11 -113.14 15.09
N LEU E 265 48.20 -113.07 13.77
CA LEU E 265 47.09 -112.67 12.92
C LEU E 265 46.54 -113.89 12.16
N VAL E 266 45.24 -113.84 11.87
CA VAL E 266 44.59 -114.93 11.15
C VAL E 266 43.37 -114.37 10.44
N GLN E 267 43.02 -115.01 9.32
CA GLN E 267 41.82 -114.66 8.56
C GLN E 267 40.77 -115.76 8.71
N VAL E 268 39.54 -115.35 9.00
CA VAL E 268 38.41 -116.26 9.14
C VAL E 268 37.49 -116.03 7.95
N TRP E 269 37.26 -117.08 7.17
CA TRP E 269 36.41 -117.01 5.99
C TRP E 269 35.88 -118.39 5.68
N PRO E 270 34.79 -118.81 6.33
CA PRO E 270 34.24 -120.14 6.06
C PRO E 270 33.79 -120.27 4.62
N THR E 271 34.01 -121.45 4.05
CA THR E 271 33.60 -121.71 2.68
C THR E 271 32.08 -121.63 2.56
N GLY E 272 31.61 -121.12 1.44
CA GLY E 272 30.18 -120.92 1.25
C GLY E 272 29.58 -119.88 2.17
N SER E 273 30.26 -118.74 2.33
CA SER E 273 29.77 -117.64 3.14
C SER E 273 29.98 -116.33 2.39
N LYS E 274 29.14 -115.35 2.72
CA LYS E 274 29.22 -114.06 2.05
C LYS E 274 30.52 -113.35 2.41
N PRO E 275 31.09 -112.57 1.47
CA PRO E 275 32.34 -111.86 1.75
C PRO E 275 32.24 -110.86 2.90
N GLU E 276 31.04 -110.39 3.24
CA GLU E 276 30.92 -109.44 4.34
C GLU E 276 31.11 -110.10 5.70
N SER E 277 31.03 -111.43 5.78
CA SER E 277 31.17 -112.11 7.05
C SER E 277 32.61 -112.38 7.46
N ARG E 278 33.57 -112.22 6.54
CA ARG E 278 34.96 -112.47 6.89
C ARG E 278 35.50 -111.34 7.75
N TYR E 279 36.48 -111.68 8.61
CA TYR E 279 37.11 -110.69 9.47
C TYR E 279 38.49 -111.19 9.87
N TRP E 280 39.30 -110.27 10.38
CA TRP E 280 40.63 -110.59 10.86
C TRP E 280 40.62 -110.68 12.37
N LEU E 281 41.27 -111.73 12.90
CA LEU E 281 41.34 -111.96 14.33
C LEU E 281 42.79 -111.87 14.79
N LYS E 282 42.96 -111.46 16.05
CA LYS E 282 44.28 -111.28 16.63
C LYS E 282 44.40 -112.13 17.89
N ALA E 283 45.48 -112.88 18.01
CA ALA E 283 45.71 -113.70 19.19
C ALA E 283 46.47 -112.88 20.23
N GLU E 284 45.84 -112.66 21.38
CA GLU E 284 46.40 -111.83 22.44
C GLU E 284 46.63 -112.67 23.68
N ALA E 285 47.65 -112.28 24.46
CA ALA E 285 48.05 -113.05 25.63
C ALA E 285 46.93 -113.10 26.67
N ALA E 286 46.66 -114.31 27.16
CA ALA E 286 45.62 -114.50 28.16
C ALA E 286 45.93 -115.73 28.97
N ASP E 287 45.29 -115.84 30.12
CA ASP E 287 45.46 -116.97 31.02
C ASP E 287 44.47 -118.09 30.69
N GLY E 288 44.73 -119.26 31.24
CA GLY E 288 43.98 -120.44 30.89
C GLY E 288 44.50 -121.11 29.63
N ASN E 289 44.13 -122.38 29.46
CA ASN E 289 44.61 -123.14 28.30
C ASN E 289 44.09 -122.53 27.01
N LEU E 290 42.82 -122.15 26.98
CA LEU E 290 42.25 -121.55 25.78
C LEU E 290 42.71 -120.10 25.65
N VAL E 291 42.97 -119.69 24.42
CA VAL E 291 43.37 -118.33 24.13
C VAL E 291 42.14 -117.55 23.67
N THR E 292 42.24 -116.23 23.68
CA THR E 292 41.16 -115.36 23.28
C THR E 292 41.56 -114.56 22.05
N TRP E 293 40.61 -114.38 21.14
CA TRP E 293 40.83 -113.68 19.89
C TRP E 293 40.02 -112.40 19.86
N GLN E 294 40.56 -111.37 19.24
CA GLN E 294 39.91 -110.07 19.12
C GLN E 294 39.96 -109.62 17.66
N GLU E 295 38.95 -108.85 17.28
CA GLU E 295 38.92 -108.29 15.94
C GLU E 295 40.04 -107.28 15.75
N THR E 296 40.59 -107.23 14.55
CA THR E 296 41.73 -106.36 14.26
C THR E 296 41.73 -106.01 12.78
N LEU E 297 42.51 -104.99 12.44
CA LEU E 297 42.59 -104.53 11.07
C LEU E 297 43.37 -105.52 10.22
N GLY E 298 43.02 -105.58 8.93
CA GLY E 298 43.62 -106.54 8.03
C GLY E 298 45.08 -106.25 7.74
N ALA E 299 45.75 -107.26 7.18
CA ALA E 299 47.16 -107.14 6.85
C ALA E 299 47.35 -106.39 5.55
N ASP E 300 48.42 -105.58 5.50
CA ASP E 300 48.81 -104.83 4.31
C ASP E 300 47.68 -103.89 3.85
N GLU E 301 47.24 -103.05 4.78
CA GLU E 301 46.19 -102.08 4.51
C GLU E 301 46.60 -100.71 5.02
N VAL E 302 46.02 -99.68 4.40
CA VAL E 302 46.30 -98.31 4.81
C VAL E 302 45.69 -98.05 6.18
N LEU E 303 46.45 -97.38 7.05
CA LEU E 303 45.98 -97.13 8.41
C LEU E 303 44.81 -96.16 8.42
N GLY E 304 45.04 -94.93 8.01
CA GLY E 304 44.00 -93.93 8.11
C GLY E 304 44.38 -92.64 7.42
N PHE E 305 43.59 -91.61 7.69
CA PHE E 305 43.74 -90.33 7.03
C PHE E 305 45.02 -89.63 7.47
N ASP E 306 45.62 -88.90 6.52
CA ASP E 306 46.77 -88.06 6.83
C ASP E 306 46.27 -86.75 7.44
N GLY E 307 46.74 -86.44 8.65
CA GLY E 307 46.25 -85.26 9.36
C GLY E 307 46.70 -83.95 8.78
N SER E 308 47.76 -83.95 7.95
CA SER E 308 48.27 -82.71 7.39
C SER E 308 47.32 -82.09 6.38
N THR E 309 46.39 -82.87 5.81
CA THR E 309 45.48 -82.37 4.80
C THR E 309 44.03 -82.33 5.27
N MET E 310 43.73 -82.89 6.43
CA MET E 310 42.35 -82.91 6.90
C MET E 310 42.00 -81.59 7.58
N PRO E 311 40.71 -81.26 7.69
CA PRO E 311 40.33 -79.98 8.29
C PRO E 311 40.81 -79.85 9.73
N TYR E 312 41.17 -78.62 10.10
CA TYR E 312 41.72 -78.33 11.42
C TYR E 312 40.61 -77.91 12.38
N ILE E 313 40.97 -77.78 13.65
CA ILE E 313 40.04 -77.46 14.72
C ILE E 313 40.51 -76.19 15.42
N ILE E 314 39.57 -75.31 15.74
CA ILE E 314 39.81 -74.15 16.58
C ILE E 314 38.94 -74.28 17.82
N GLU E 315 39.58 -74.27 18.98
CA GLU E 315 38.89 -74.52 20.24
C GLU E 315 39.24 -73.45 21.26
N ARG E 316 38.24 -73.04 22.04
CA ARG E 316 38.43 -72.07 23.12
C ARG E 316 38.59 -72.85 24.42
N THR E 317 39.82 -72.90 24.94
CA THR E 317 40.10 -73.70 26.12
C THR E 317 39.48 -73.08 27.37
N ASN E 318 39.91 -71.87 27.71
CA ASN E 318 39.47 -71.22 28.94
C ASN E 318 39.55 -69.71 28.75
N ILE E 319 39.28 -68.98 29.82
CA ILE E 319 39.34 -67.52 29.83
C ILE E 319 40.26 -67.10 30.96
N VAL E 320 41.33 -66.39 30.63
CA VAL E 320 42.32 -65.94 31.60
C VAL E 320 42.21 -64.43 31.72
N GLY E 321 41.87 -63.96 32.92
CA GLY E 321 41.76 -62.53 33.17
C GLY E 321 40.75 -61.82 32.29
N GLY E 322 39.63 -62.46 31.99
CA GLY E 322 38.62 -61.86 31.13
C GLY E 322 38.90 -61.99 29.65
N ILE E 323 40.01 -62.61 29.26
CA ILE E 323 40.36 -62.80 27.86
C ILE E 323 40.41 -64.29 27.58
N ALA E 324 39.61 -64.74 26.62
CA ALA E 324 39.58 -66.15 26.27
C ALA E 324 40.83 -66.53 25.47
N GLN E 325 41.31 -67.75 25.68
CA GLN E 325 42.45 -68.28 24.96
C GLN E 325 41.97 -69.29 23.94
N PHE E 326 42.40 -69.12 22.70
CA PHE E 326 41.99 -69.99 21.60
C PHE E 326 43.18 -70.78 21.11
N THR E 327 42.98 -72.09 20.90
CA THR E 327 44.01 -72.98 20.42
C THR E 327 43.56 -73.62 19.11
N ILE E 328 44.39 -73.50 18.09
CA ILE E 328 44.17 -74.18 16.81
C ILE E 328 45.06 -75.42 16.79
N LYS E 329 44.49 -76.55 16.36
CA LYS E 329 45.22 -77.80 16.38
C LYS E 329 44.63 -78.76 15.36
N GLN E 330 45.39 -79.81 15.06
CA GLN E 330 44.94 -80.83 14.13
C GLN E 330 43.77 -81.60 14.72
N GLY E 331 42.92 -82.12 13.84
CA GLY E 331 41.74 -82.82 14.29
C GLY E 331 42.06 -84.12 14.99
N TYR E 332 41.18 -84.51 15.91
CA TYR E 332 41.31 -85.76 16.65
C TYR E 332 40.63 -86.90 15.90
N TRP E 333 41.00 -87.08 14.64
CA TRP E 333 40.30 -88.01 13.76
C TRP E 333 40.56 -89.45 14.17
N ASP E 334 39.50 -90.22 14.32
CA ASP E 334 39.63 -91.63 14.68
C ASP E 334 40.28 -92.41 13.55
N ASP E 335 41.10 -93.39 13.92
CA ASP E 335 41.78 -94.23 12.95
C ASP E 335 41.01 -95.54 12.75
N ARG E 336 41.17 -96.12 11.57
CA ARG E 336 40.53 -97.39 11.27
C ARG E 336 41.11 -98.48 12.17
N ALA E 337 40.23 -99.30 12.73
CA ALA E 337 40.63 -100.33 13.69
C ALA E 337 40.27 -101.74 13.25
N VAL E 338 39.07 -101.95 12.73
CA VAL E 338 38.56 -103.28 12.45
C VAL E 338 38.27 -103.42 10.96
N GLY E 339 38.32 -104.65 10.48
CA GLY E 339 37.93 -104.98 9.13
C GLY E 339 39.04 -104.80 8.11
N ASP E 340 38.79 -105.32 6.92
CA ASP E 340 39.71 -105.20 5.80
C ASP E 340 39.23 -104.10 4.86
N GLU E 341 39.87 -104.00 3.70
CA GLU E 341 39.54 -102.94 2.76
C GLU E 341 38.14 -103.09 2.18
N LEU E 342 37.67 -104.32 2.00
CA LEU E 342 36.36 -104.52 1.37
C LEU E 342 35.23 -104.16 2.32
N THR E 343 35.33 -104.58 3.58
CA THR E 343 34.24 -104.39 4.53
C THR E 343 34.34 -103.08 5.30
N ASN E 344 35.51 -102.45 5.32
CA ASN E 344 35.71 -101.14 5.96
C ASN E 344 36.46 -100.25 4.98
N PRO E 345 35.82 -99.89 3.87
CA PRO E 345 36.54 -99.17 2.81
C PRO E 345 36.80 -97.72 3.17
N MET E 346 37.81 -97.17 2.52
CA MET E 346 38.06 -95.73 2.61
C MET E 346 36.92 -94.98 1.94
N PRO E 347 36.34 -93.98 2.58
CA PRO E 347 35.29 -93.19 1.93
C PRO E 347 35.83 -92.51 0.68
N SER E 348 34.96 -92.39 -0.33
CA SER E 348 35.38 -91.97 -1.66
C SER E 348 35.91 -90.55 -1.71
N PHE E 349 35.68 -89.74 -0.67
CA PHE E 349 36.17 -88.36 -0.71
C PHE E 349 37.69 -88.27 -0.63
N VAL E 350 38.37 -89.38 -0.32
CA VAL E 350 39.82 -89.38 -0.37
C VAL E 350 40.25 -89.16 -1.82
N ASP E 351 41.42 -88.52 -1.99
CA ASP E 351 41.95 -88.16 -3.31
C ASP E 351 41.02 -87.17 -4.01
N GLN E 352 40.31 -86.36 -3.22
CA GLN E 352 39.44 -85.31 -3.74
C GLN E 352 39.58 -84.09 -2.85
N SER E 353 38.86 -83.03 -3.19
CA SER E 353 38.89 -81.79 -2.43
C SER E 353 37.54 -81.56 -1.75
N LEU E 354 37.59 -81.14 -0.50
CA LEU E 354 36.35 -80.90 0.24
C LEU E 354 35.59 -79.71 -0.33
N SER E 355 34.29 -79.73 -0.14
CA SER E 355 33.41 -78.67 -0.61
C SER E 355 32.67 -77.95 0.51
N ASP E 356 32.13 -78.69 1.48
CA ASP E 356 31.39 -78.08 2.57
C ASP E 356 31.39 -79.01 3.77
N ILE E 357 31.16 -78.42 4.94
CA ILE E 357 31.01 -79.13 6.19
C ILE E 357 29.68 -78.73 6.82
N PHE E 358 28.93 -79.71 7.32
CA PHE E 358 27.66 -79.47 7.99
C PHE E 358 27.32 -80.72 8.78
N MET E 359 26.10 -80.78 9.32
CA MET E 359 25.74 -81.89 10.18
C MET E 359 24.22 -82.08 10.17
N VAL E 360 23.81 -83.34 10.27
CA VAL E 360 22.40 -83.72 10.30
C VAL E 360 22.22 -84.82 11.34
N GLN E 361 21.22 -84.66 12.21
CA GLN E 361 20.88 -85.65 13.23
C GLN E 361 22.09 -86.03 14.08
N ASN E 362 22.81 -85.00 14.54
CA ASN E 362 23.98 -85.14 15.40
C ASN E 362 25.09 -85.94 14.73
N ARG E 363 25.05 -86.06 13.40
CA ARG E 363 26.09 -86.74 12.63
C ARG E 363 26.81 -85.72 11.76
N LEU E 364 28.13 -85.66 11.89
CA LEU E 364 28.90 -84.77 11.04
C LEU E 364 28.78 -85.21 9.59
N CYS E 365 28.81 -84.23 8.68
CA CYS E 365 28.52 -84.49 7.27
C CYS E 365 29.64 -83.93 6.43
N LEU E 366 30.46 -84.81 5.87
CA LEU E 366 31.57 -84.42 5.01
C LEU E 366 31.13 -84.51 3.55
N ALA E 367 30.83 -83.36 2.95
CA ALA E 367 30.37 -83.29 1.58
C ALA E 367 31.52 -82.80 0.70
N ALA E 368 32.01 -83.66 -0.18
CA ALA E 368 33.10 -83.33 -1.10
C ALA E 368 32.72 -83.85 -2.48
N GLY E 369 32.43 -82.93 -3.39
CA GLY E 369 32.06 -83.31 -4.75
C GLY E 369 30.84 -84.19 -4.74
N GLU E 370 30.90 -85.29 -5.50
CA GLU E 370 29.79 -86.24 -5.55
C GLU E 370 29.58 -86.92 -4.21
N SER E 371 30.63 -87.03 -3.40
CA SER E 371 30.57 -87.82 -2.18
C SER E 371 30.14 -86.99 -0.98
N CYS E 372 29.27 -87.57 -0.17
CA CYS E 372 28.96 -87.04 1.15
C CYS E 372 28.98 -88.20 2.13
N ILE E 373 29.65 -88.01 3.27
CA ILE E 373 29.89 -89.07 4.24
C ILE E 373 29.20 -88.69 5.55
N MET E 374 28.45 -89.64 6.11
CA MET E 374 27.76 -89.42 7.37
C MET E 374 28.62 -89.97 8.50
N SER E 375 28.92 -89.13 9.48
CA SER E 375 29.71 -89.57 10.62
C SER E 375 28.87 -90.39 11.58
N ARG E 376 29.55 -91.06 12.51
CA ARG E 376 28.86 -91.81 13.55
C ARG E 376 28.14 -90.85 14.50
N THR E 377 26.97 -91.28 14.96
CA THR E 377 26.18 -90.45 15.87
C THR E 377 26.95 -90.17 17.14
N SER E 378 26.94 -88.90 17.56
CA SER E 378 27.60 -88.41 18.77
C SER E 378 29.11 -88.57 18.74
N TYR E 379 29.68 -88.90 17.58
CA TYR E 379 31.13 -89.05 17.43
C TYR E 379 31.50 -88.53 16.05
N PHE E 380 31.96 -87.27 16.00
CA PHE E 380 32.16 -86.58 14.74
C PHE E 380 33.44 -86.99 14.03
N PHE E 381 34.41 -87.55 14.74
CA PHE E 381 35.73 -87.80 14.19
C PHE E 381 35.93 -89.21 13.66
N GLN E 382 34.89 -90.04 13.68
CA GLN E 382 34.99 -91.43 13.23
C GLN E 382 34.08 -91.64 12.03
N PHE E 383 34.62 -92.29 10.99
CA PHE E 383 33.85 -92.59 9.79
C PHE E 383 33.91 -94.07 9.44
N PHE E 384 34.29 -94.92 10.39
CA PHE E 384 34.43 -96.35 10.14
C PHE E 384 33.63 -97.13 11.16
N ARG E 385 33.14 -98.29 10.74
CA ARG E 385 32.32 -99.13 11.60
C ARG E 385 33.13 -99.61 12.80
N GLN E 386 32.50 -99.56 13.99
CA GLN E 386 33.18 -99.99 15.21
C GLN E 386 33.53 -101.48 15.15
N THR E 387 32.60 -102.29 14.67
CA THR E 387 32.83 -103.72 14.51
C THR E 387 32.35 -104.16 13.13
N VAL E 388 33.08 -105.09 12.54
CA VAL E 388 32.73 -105.60 11.22
C VAL E 388 31.80 -106.80 11.29
N LEU E 389 31.78 -107.51 12.41
CA LEU E 389 30.97 -108.73 12.52
C LEU E 389 29.48 -108.43 12.37
N SER E 390 29.02 -107.34 12.98
CA SER E 390 27.62 -106.98 12.96
C SER E 390 27.46 -105.51 12.61
N ALA E 391 26.30 -105.16 12.05
CA ALA E 391 26.00 -103.80 11.65
C ALA E 391 24.89 -103.23 12.52
N VAL E 392 25.06 -101.98 12.94
CA VAL E 392 24.09 -101.28 13.76
C VAL E 392 23.76 -99.94 13.12
N ASP E 393 22.64 -99.36 13.52
CA ASP E 393 22.18 -98.10 12.94
C ASP E 393 23.14 -96.96 13.24
N THR E 394 23.78 -96.98 14.41
CA THR E 394 24.68 -95.90 14.80
C THR E 394 25.91 -95.82 13.90
N ASP E 395 26.19 -96.88 13.13
CA ASP E 395 27.40 -96.91 12.32
C ASP E 395 27.35 -95.83 11.24
N PRO E 396 28.51 -95.36 10.78
CA PRO E 396 28.53 -94.30 9.77
C PRO E 396 27.89 -94.73 8.46
N ILE E 397 27.33 -93.77 7.75
CA ILE E 397 26.56 -94.01 6.53
C ILE E 397 27.23 -93.26 5.38
N ASP E 398 27.11 -93.84 4.18
CA ASP E 398 27.58 -93.21 2.96
C ASP E 398 26.40 -93.09 2.01
N VAL E 399 26.16 -91.88 1.51
CA VAL E 399 25.03 -91.59 0.62
C VAL E 399 25.59 -91.03 -0.68
N PHE E 400 25.26 -91.68 -1.79
CA PHE E 400 25.76 -91.27 -3.11
C PHE E 400 24.62 -90.99 -4.09
N ALA E 401 23.39 -90.81 -3.61
CA ALA E 401 22.25 -90.71 -4.49
C ALA E 401 22.27 -89.46 -5.38
N ASP E 402 23.13 -88.48 -5.08
CA ASP E 402 23.22 -87.30 -5.91
C ASP E 402 23.77 -87.66 -7.29
N ALA E 403 23.22 -87.01 -8.31
CA ALA E 403 23.68 -87.24 -9.67
C ALA E 403 25.08 -86.67 -9.89
N SER E 404 25.86 -87.37 -10.71
CA SER E 404 27.23 -86.93 -11.00
C SER E 404 27.30 -85.77 -11.97
N GLU E 405 26.21 -85.49 -12.70
CA GLU E 405 26.18 -84.28 -13.50
C GLU E 405 26.15 -83.03 -12.64
N VAL E 406 25.79 -83.16 -11.37
CA VAL E 406 25.89 -82.06 -10.41
C VAL E 406 27.31 -82.05 -9.84
N TYR E 407 27.95 -80.88 -9.91
CA TYR E 407 29.32 -80.73 -9.41
C TYR E 407 29.27 -80.62 -7.88
N ALA E 408 30.40 -80.25 -7.27
CA ALA E 408 30.53 -80.18 -5.83
C ALA E 408 29.47 -79.27 -5.21
N LEU E 409 28.59 -79.85 -4.39
CA LEU E 409 27.58 -79.06 -3.69
C LEU E 409 28.23 -78.17 -2.64
N LYS E 410 27.56 -77.06 -2.34
CA LYS E 410 28.17 -75.99 -1.54
C LYS E 410 27.45 -75.73 -0.23
N HIS E 411 26.13 -75.63 -0.23
CA HIS E 411 25.39 -75.20 0.95
C HIS E 411 24.35 -76.21 1.38
N ALA E 412 23.97 -76.13 2.66
CA ALA E 412 22.96 -77.00 3.24
C ALA E 412 22.10 -76.19 4.19
N LYS E 413 20.80 -76.46 4.18
CA LYS E 413 19.86 -75.74 5.03
C LYS E 413 18.72 -76.69 5.40
N VAL E 414 17.98 -76.32 6.45
CA VAL E 414 16.86 -77.09 6.94
C VAL E 414 15.57 -76.40 6.55
N LEU E 415 14.57 -77.19 6.14
CA LEU E 415 13.31 -76.64 5.64
C LEU E 415 12.19 -77.63 5.93
N ASP E 416 11.43 -77.37 6.98
CA ASP E 416 10.18 -78.07 7.29
C ASP E 416 10.40 -79.59 7.29
N GLY E 417 11.17 -80.05 8.27
CA GLY E 417 11.37 -81.47 8.46
C GLY E 417 12.36 -82.12 7.53
N ASP E 418 12.97 -81.35 6.63
CA ASP E 418 13.93 -81.88 5.66
C ASP E 418 15.13 -80.94 5.61
N THR E 419 16.26 -81.50 5.19
CA THR E 419 17.47 -80.74 4.97
C THR E 419 17.71 -80.62 3.47
N VAL E 420 17.78 -79.38 2.98
CA VAL E 420 17.94 -79.10 1.56
C VAL E 420 19.41 -78.80 1.29
N LEU E 421 19.95 -79.41 0.25
CA LEU E 421 21.36 -79.29 -0.10
C LEU E 421 21.46 -78.51 -1.40
N PHE E 422 22.18 -77.40 -1.39
CA PHE E 422 22.22 -76.47 -2.51
C PHE E 422 23.47 -76.71 -3.35
N SER E 423 23.27 -76.83 -4.65
CA SER E 423 24.36 -76.91 -5.63
C SER E 423 24.29 -75.71 -6.56
N ASP E 424 25.23 -75.68 -7.50
CA ASP E 424 25.27 -74.58 -8.46
C ASP E 424 24.24 -74.72 -9.58
N ASN E 425 23.69 -75.91 -9.79
CA ASN E 425 22.73 -76.11 -10.86
C ASN E 425 21.53 -76.97 -10.47
N ALA E 426 21.46 -77.47 -9.24
CA ALA E 426 20.35 -78.31 -8.82
C ALA E 426 20.25 -78.28 -7.31
N GLN E 427 19.19 -78.90 -6.79
CA GLN E 427 18.95 -78.98 -5.36
C GLN E 427 18.54 -80.40 -5.01
N PHE E 428 18.77 -80.78 -3.75
CA PHE E 428 18.46 -82.10 -3.26
C PHE E 428 17.76 -81.99 -1.91
N ILE E 429 16.94 -83.00 -1.60
CA ILE E 429 16.20 -83.06 -0.36
C ILE E 429 16.54 -84.38 0.34
N LEU E 430 17.00 -84.29 1.59
CA LEU E 430 17.30 -85.46 2.39
C LEU E 430 16.19 -85.68 3.39
N PRO E 431 15.37 -86.72 3.25
CA PRO E 431 14.24 -86.90 4.16
C PRO E 431 14.70 -87.12 5.59
N GLY E 432 13.89 -86.61 6.52
CA GLY E 432 14.17 -86.76 7.94
C GLY E 432 13.05 -87.42 8.70
N ASP E 433 12.05 -87.92 7.97
CA ASP E 433 10.92 -88.58 8.62
C ASP E 433 11.36 -89.84 9.36
N LYS E 434 12.24 -90.62 8.76
CA LYS E 434 12.72 -91.86 9.35
C LYS E 434 14.18 -91.72 9.77
N PRO E 435 14.60 -92.45 10.80
CA PRO E 435 16.02 -92.41 11.19
C PRO E 435 16.90 -92.91 10.05
N LEU E 436 18.06 -92.26 9.91
CA LEU E 436 18.97 -92.59 8.81
C LEU E 436 19.72 -93.87 9.13
N THR E 437 19.58 -94.87 8.27
CA THR E 437 20.33 -96.11 8.35
C THR E 437 21.05 -96.32 7.01
N LYS E 438 21.75 -97.45 6.92
CA LYS E 438 22.45 -97.78 5.68
C LYS E 438 21.50 -98.07 4.54
N ALA E 439 20.25 -98.45 4.84
CA ALA E 439 19.29 -98.82 3.81
C ALA E 439 18.11 -97.86 3.71
N THR E 440 18.16 -96.71 4.39
CA THR E 440 17.05 -95.77 4.37
C THR E 440 17.42 -94.39 3.87
N ALA E 441 18.61 -93.89 4.23
CA ALA E 441 19.00 -92.54 3.84
C ALA E 441 19.33 -92.49 2.35
N LEU E 442 18.79 -91.48 1.67
CA LEU E 442 19.07 -91.28 0.25
C LEU E 442 18.77 -89.83 -0.11
N LEU E 443 19.46 -89.34 -1.13
CA LEU E 443 19.25 -87.99 -1.64
C LEU E 443 18.19 -88.02 -2.72
N ARG E 444 17.26 -87.07 -2.66
CA ARG E 444 16.14 -87.00 -3.61
C ARG E 444 16.24 -85.70 -4.41
N PRO E 445 16.72 -85.73 -5.64
CA PRO E 445 16.81 -84.51 -6.45
C PRO E 445 15.41 -84.01 -6.81
N THR E 446 15.09 -82.81 -6.32
CA THR E 446 13.74 -82.27 -6.42
C THR E 446 13.62 -81.12 -7.40
N THR E 447 14.42 -80.07 -7.25
CA THR E 447 14.30 -78.87 -8.06
C THR E 447 15.59 -78.62 -8.83
N THR E 448 15.45 -77.95 -9.97
CA THR E 448 16.58 -77.64 -10.85
C THR E 448 16.76 -76.14 -11.04
N PHE E 449 16.45 -75.36 -10.02
CA PHE E 449 16.58 -73.90 -10.11
C PHE E 449 18.04 -73.50 -10.22
N GLU E 450 18.27 -72.38 -10.90
CA GLU E 450 19.62 -71.82 -11.01
C GLU E 450 19.94 -71.04 -9.75
N VAL E 451 20.99 -71.45 -9.05
CA VAL E 451 21.37 -70.85 -7.78
C VAL E 451 22.85 -70.53 -7.81
N ASP E 452 23.21 -69.33 -7.37
CA ASP E 452 24.60 -68.93 -7.22
C ASP E 452 25.07 -69.32 -5.82
N THR E 453 26.19 -70.03 -5.75
CA THR E 453 26.74 -70.52 -4.50
C THR E 453 27.76 -69.56 -3.88
N ASN E 454 27.97 -68.39 -4.48
CA ASN E 454 28.93 -67.44 -3.93
C ASN E 454 28.52 -66.96 -2.55
N VAL E 455 27.24 -66.69 -2.36
CA VAL E 455 26.73 -66.18 -1.09
C VAL E 455 25.97 -67.30 -0.39
N ALA E 456 25.98 -67.26 0.94
CA ALA E 456 25.33 -68.29 1.74
C ALA E 456 23.82 -68.01 1.82
N PRO E 457 22.97 -68.94 1.42
CA PRO E 457 21.52 -68.73 1.58
C PRO E 457 21.14 -68.66 3.05
N VAL E 458 20.09 -67.90 3.32
CA VAL E 458 19.60 -67.70 4.69
C VAL E 458 18.21 -68.29 4.81
N VAL E 459 17.77 -68.46 6.05
CA VAL E 459 16.47 -69.04 6.36
C VAL E 459 15.66 -68.02 7.14
N THR E 460 14.39 -67.88 6.78
CA THR E 460 13.48 -66.94 7.42
C THR E 460 12.34 -67.66 8.12
N GLY E 461 12.57 -68.88 8.59
CA GLY E 461 11.54 -69.65 9.23
C GLY E 461 10.94 -70.70 8.32
N GLU E 462 9.75 -70.42 7.79
CA GLU E 462 9.07 -71.36 6.90
C GLU E 462 9.63 -71.34 5.48
N ALA E 463 10.53 -70.42 5.17
CA ALA E 463 11.07 -70.29 3.82
C ALA E 463 12.57 -70.06 3.89
N VAL E 464 13.24 -70.39 2.79
CA VAL E 464 14.69 -70.22 2.65
C VAL E 464 14.93 -69.23 1.52
N MET E 465 15.74 -68.20 1.80
CA MET E 465 15.94 -67.10 0.88
C MET E 465 17.34 -67.22 0.27
N PHE E 466 17.41 -67.31 -1.05
CA PHE E 466 18.68 -67.44 -1.75
C PHE E 466 18.73 -66.44 -2.89
N ALA E 467 19.95 -65.99 -3.21
CA ALA E 467 20.17 -64.96 -4.20
C ALA E 467 20.76 -65.57 -5.47
N THR E 468 20.42 -64.97 -6.62
CA THR E 468 20.94 -65.38 -7.91
C THR E 468 21.58 -64.19 -8.61
N LYS E 469 22.59 -64.47 -9.41
CA LYS E 469 23.35 -63.44 -10.12
C LYS E 469 23.03 -63.49 -11.61
N ASP E 470 22.92 -62.31 -12.22
CA ASP E 470 22.63 -62.21 -13.65
C ASP E 470 23.07 -60.86 -14.16
N GLY E 471 24.00 -60.85 -15.12
CA GLY E 471 24.47 -59.59 -15.67
C GLY E 471 25.11 -58.72 -14.59
N ALA E 472 24.71 -57.46 -14.57
CA ALA E 472 25.20 -56.50 -13.58
C ALA E 472 24.21 -56.29 -12.44
N TYR E 473 23.19 -57.13 -12.35
CA TYR E 473 22.17 -57.02 -11.32
C TYR E 473 22.00 -58.38 -10.66
N SER E 474 21.03 -58.47 -9.74
CA SER E 474 20.79 -59.71 -9.03
C SER E 474 19.36 -59.73 -8.50
N ASN E 475 18.74 -60.90 -8.58
CA ASN E 475 17.41 -61.13 -8.05
C ASN E 475 17.47 -62.06 -6.86
N ILE E 476 16.42 -62.04 -6.06
CA ILE E 476 16.32 -62.86 -4.85
C ILE E 476 15.01 -63.63 -4.91
N ARG E 477 15.08 -64.94 -4.67
CA ARG E 477 13.93 -65.82 -4.78
C ARG E 477 13.59 -66.41 -3.42
N GLU E 478 12.34 -66.82 -3.26
CA GLU E 478 11.85 -67.44 -2.04
C GLU E 478 11.59 -68.92 -2.30
N PHE E 479 12.08 -69.77 -1.39
CA PHE E 479 11.92 -71.21 -1.50
C PHE E 479 10.97 -71.67 -0.39
N TYR E 480 9.81 -72.19 -0.76
CA TYR E 480 8.79 -72.57 0.21
C TYR E 480 7.99 -73.74 -0.33
N THR E 481 7.03 -74.19 0.46
CA THR E 481 6.17 -75.33 0.12
C THR E 481 4.85 -74.81 -0.43
N ASP E 482 4.41 -75.40 -1.54
CA ASP E 482 3.20 -74.95 -2.22
C ASP E 482 1.98 -75.64 -1.63
N SER E 483 0.82 -75.42 -2.25
CA SER E 483 -0.45 -75.97 -1.78
C SER E 483 -0.70 -77.37 -2.35
N TYR E 484 0.35 -78.07 -2.76
CA TYR E 484 0.20 -79.39 -3.34
C TYR E 484 0.21 -80.51 -2.32
N SER E 485 0.45 -80.21 -1.04
CA SER E 485 0.74 -81.26 -0.06
C SER E 485 2.02 -81.99 -0.45
N ASP E 486 3.16 -81.34 -0.15
CA ASP E 486 4.52 -81.78 -0.48
C ASP E 486 4.91 -81.69 -1.96
N THR E 487 4.94 -80.46 -2.47
CA THR E 487 5.76 -80.07 -3.60
C THR E 487 6.21 -78.63 -3.42
N LYS E 488 7.48 -78.37 -3.69
CA LYS E 488 8.09 -77.08 -3.44
C LYS E 488 8.43 -76.38 -4.75
N LYS E 489 8.11 -75.09 -4.81
CA LYS E 489 8.46 -74.25 -5.95
C LYS E 489 9.11 -72.97 -5.43
N ALA E 490 9.75 -72.24 -6.33
CA ALA E 490 10.45 -71.01 -5.97
C ALA E 490 9.89 -69.86 -6.80
N GLN E 491 9.69 -68.72 -6.15
CA GLN E 491 9.17 -67.54 -6.79
C GLN E 491 10.07 -66.34 -6.48
N PRO E 492 10.20 -65.41 -7.42
CA PRO E 492 11.05 -64.23 -7.16
C PRO E 492 10.26 -63.18 -6.40
N VAL E 493 10.87 -62.65 -5.34
CA VAL E 493 10.27 -61.59 -4.55
C VAL E 493 10.75 -60.22 -4.96
N THR E 494 11.61 -60.13 -5.98
CA THR E 494 12.11 -58.87 -6.51
C THR E 494 11.56 -58.62 -7.91
N SER E 495 10.31 -59.02 -8.15
CA SER E 495 9.73 -58.89 -9.48
C SER E 495 9.57 -57.42 -9.87
N HIS E 496 8.97 -56.62 -8.99
CA HIS E 496 8.76 -55.21 -9.30
C HIS E 496 10.01 -54.37 -9.18
N VAL E 497 11.03 -54.86 -8.48
CA VAL E 497 12.32 -54.17 -8.37
C VAL E 497 13.41 -55.20 -8.67
N ASN E 498 13.84 -55.24 -9.93
CA ASN E 498 14.91 -56.15 -10.35
C ASN E 498 16.20 -55.43 -10.72
N LYS E 499 16.12 -54.18 -11.17
CA LYS E 499 17.31 -53.40 -11.49
C LYS E 499 17.80 -52.56 -10.31
N LEU E 500 17.14 -52.66 -9.15
CA LEU E 500 17.57 -51.89 -8.00
C LEU E 500 18.95 -52.32 -7.51
N ILE E 501 19.20 -53.62 -7.47
CA ILE E 501 20.45 -54.13 -6.92
C ILE E 501 21.51 -54.12 -8.02
N ARG E 502 22.56 -53.34 -7.81
CA ARG E 502 23.68 -53.29 -8.74
C ARG E 502 24.71 -54.35 -8.39
N GLY E 503 25.47 -54.79 -9.40
CA GLY E 503 26.46 -55.83 -9.18
C GLY E 503 25.81 -57.12 -8.72
N GLY E 504 26.47 -57.79 -7.78
CA GLY E 504 25.97 -59.03 -7.21
C GLY E 504 25.89 -58.95 -5.70
N ILE E 505 25.48 -60.07 -5.11
CA ILE E 505 25.34 -60.20 -3.66
C ILE E 505 26.54 -60.97 -3.12
N TYR E 506 27.17 -60.44 -2.07
CA TYR E 506 28.27 -61.12 -1.42
C TYR E 506 28.00 -61.43 0.05
N HIS E 507 26.88 -61.00 0.61
CA HIS E 507 26.56 -61.28 2.00
C HIS E 507 25.08 -61.06 2.22
N MET E 508 24.51 -61.88 3.11
CA MET E 508 23.11 -61.77 3.50
C MET E 508 22.99 -61.99 5.00
N ALA E 509 21.90 -61.47 5.57
CA ALA E 509 21.58 -61.67 6.97
C ALA E 509 20.08 -61.53 7.15
N SER E 510 19.51 -62.40 7.98
CA SER E 510 18.07 -62.41 8.21
C SER E 510 17.76 -62.17 9.68
N SER E 511 16.47 -62.03 9.97
CA SER E 511 16.00 -61.81 11.33
C SER E 511 14.55 -62.29 11.39
N THR E 512 14.34 -63.48 11.95
CA THR E 512 13.00 -64.06 11.96
C THR E 512 12.05 -63.27 12.86
N ASN E 513 12.54 -62.79 14.00
CA ASN E 513 11.68 -62.05 14.93
C ASN E 513 11.22 -60.74 14.31
N PHE E 514 12.12 -60.03 13.62
CA PHE E 514 11.79 -58.77 12.98
C PHE E 514 11.24 -58.95 11.57
N ASN E 515 11.31 -60.17 11.03
CA ASN E 515 10.87 -60.45 9.66
C ASN E 515 11.64 -59.60 8.66
N ARG E 516 12.89 -59.30 8.99
CA ARG E 516 13.74 -58.39 8.23
C ARG E 516 14.83 -59.16 7.50
N LEU E 517 15.22 -58.64 6.35
CA LEU E 517 16.27 -59.24 5.52
C LEU E 517 17.24 -58.14 5.08
N PHE E 518 18.52 -58.50 4.98
CA PHE E 518 19.57 -57.56 4.60
C PHE E 518 20.36 -58.12 3.43
N ALA E 519 20.84 -57.24 2.55
CA ALA E 519 21.65 -57.62 1.41
C ALA E 519 22.72 -56.56 1.18
N LEU E 520 23.78 -56.97 0.48
CA LEU E 520 24.89 -56.09 0.16
C LEU E 520 25.30 -56.27 -1.29
N SER E 521 25.90 -55.23 -1.86
CA SER E 521 26.32 -55.23 -3.25
C SER E 521 27.76 -54.75 -3.36
N GLU E 522 28.47 -55.28 -4.36
CA GLU E 522 29.87 -54.93 -4.55
C GLU E 522 30.04 -53.58 -5.22
N ASP E 523 29.01 -53.09 -5.92
CA ASP E 523 29.15 -51.82 -6.63
C ASP E 523 29.18 -50.62 -5.68
N ASN E 524 28.71 -50.79 -4.44
CA ASN E 524 28.79 -49.72 -3.47
C ASN E 524 28.75 -50.35 -2.08
N ARG E 525 29.90 -50.36 -1.40
CA ARG E 525 29.97 -50.97 -0.07
C ARG E 525 29.20 -50.17 0.96
N SER E 526 28.93 -48.89 0.67
CA SER E 526 28.25 -48.03 1.63
C SER E 526 26.74 -48.12 1.55
N ARG E 527 26.19 -48.94 0.65
CA ARG E 527 24.76 -49.07 0.46
C ARG E 527 24.31 -50.46 0.88
N VAL E 528 23.32 -50.53 1.75
CA VAL E 528 22.75 -51.78 2.22
C VAL E 528 21.25 -51.77 1.97
N PHE E 529 20.74 -52.86 1.43
CA PHE E 529 19.32 -52.98 1.10
C PHE E 529 18.61 -53.75 2.21
N VAL E 530 17.47 -53.22 2.64
CA VAL E 530 16.64 -53.83 3.67
C VAL E 530 15.33 -54.25 3.04
N TYR E 531 14.99 -55.53 3.16
CA TYR E 531 13.73 -56.06 2.65
C TYR E 531 12.87 -56.48 3.83
N ASP E 532 11.69 -55.89 3.96
CA ASP E 532 10.78 -56.16 5.06
C ASP E 532 9.53 -56.85 4.52
N TRP E 533 8.98 -57.74 5.33
CA TRP E 533 7.81 -58.53 4.94
C TRP E 533 7.03 -58.90 6.19
N LEU E 534 5.73 -59.15 6.01
CA LEU E 534 4.88 -59.53 7.14
C LEU E 534 3.73 -60.36 6.61
N TRP E 535 3.71 -61.65 6.96
CA TRP E 535 2.63 -62.53 6.57
C TRP E 535 1.40 -62.28 7.44
N GLN E 536 0.23 -62.52 6.85
CA GLN E 536 -1.02 -62.36 7.57
C GLN E 536 -2.06 -63.24 6.88
N GLY E 537 -2.54 -64.27 7.56
CA GLY E 537 -3.45 -65.20 6.95
C GLY E 537 -2.76 -66.07 5.91
N THR E 538 -3.07 -65.83 4.64
CA THR E 538 -2.45 -66.58 3.54
C THR E 538 -1.85 -65.65 2.49
N ASP E 539 -1.65 -64.37 2.81
CA ASP E 539 -1.12 -63.41 1.85
C ASP E 539 -0.12 -62.49 2.54
N LYS E 540 0.77 -61.91 1.73
CA LYS E 540 1.77 -60.97 2.22
C LYS E 540 1.16 -59.57 2.19
N VAL E 541 0.79 -59.06 3.36
CA VAL E 541 0.23 -57.70 3.44
C VAL E 541 1.28 -56.62 3.29
N GLN E 542 2.56 -56.99 3.30
CA GLN E 542 3.65 -56.02 3.17
C GLN E 542 4.88 -56.72 2.61
N SER E 543 5.50 -56.09 1.61
CA SER E 543 6.79 -56.57 1.07
C SER E 543 7.55 -55.32 0.64
N ALA E 544 8.39 -54.82 1.56
CA ALA E 544 8.99 -53.50 1.42
C ALA E 544 10.47 -53.61 1.12
N TRP E 545 10.94 -52.67 0.27
CA TRP E 545 12.36 -52.53 -0.04
C TRP E 545 12.77 -51.08 0.15
N HIS E 546 13.95 -50.88 0.73
CA HIS E 546 14.50 -49.55 0.90
C HIS E 546 16.00 -49.68 1.18
N LYS E 547 16.69 -48.55 1.23
CA LYS E 547 18.14 -48.52 1.31
C LYS E 547 18.59 -47.66 2.48
N TRP E 548 19.77 -47.99 3.00
CA TRP E 548 20.44 -47.21 4.04
C TRP E 548 21.81 -46.80 3.54
N GLU E 549 22.31 -45.67 4.04
CA GLU E 549 23.55 -45.09 3.55
C GLU E 549 24.45 -44.66 4.70
N PHE E 550 25.75 -44.65 4.42
CA PHE E 550 26.76 -44.14 5.33
C PHE E 550 27.85 -43.48 4.51
N TYR E 551 28.39 -42.37 5.02
CA TYR E 551 29.40 -41.60 4.31
C TYR E 551 30.75 -42.28 4.43
N GLY E 552 31.34 -42.63 3.29
CA GLY E 552 32.71 -43.16 3.25
C GLY E 552 32.91 -44.39 4.11
N ALA E 553 31.98 -45.32 4.06
CA ALA E 553 32.02 -46.50 4.92
C ALA E 553 31.95 -47.76 4.07
N THR E 554 32.77 -48.74 4.44
CA THR E 554 32.75 -50.07 3.83
C THR E 554 32.30 -51.07 4.87
N ILE E 555 31.27 -51.85 4.54
CA ILE E 555 30.64 -52.77 5.47
C ILE E 555 31.24 -54.15 5.25
N GLY E 556 31.90 -54.68 6.28
CA GLY E 556 32.41 -56.04 6.21
C GLY E 556 31.29 -57.06 6.20
N GLY E 557 30.26 -56.86 7.01
CA GLY E 557 29.14 -57.77 7.03
C GLY E 557 28.19 -57.40 8.16
N LEU E 558 26.96 -57.90 8.04
CA LEU E 558 25.93 -57.71 9.03
C LEU E 558 25.78 -59.00 9.83
N TYR E 559 25.67 -58.87 11.15
CA TYR E 559 25.56 -60.02 12.05
C TYR E 559 24.45 -59.77 13.04
N TYR E 560 23.27 -60.31 12.76
CA TYR E 560 22.10 -60.13 13.61
C TYR E 560 22.15 -61.17 14.72
N SER E 561 22.44 -60.72 15.94
CA SER E 561 22.60 -61.61 17.09
C SER E 561 21.61 -61.23 18.16
N GLY E 562 20.52 -62.00 18.26
CA GLY E 562 19.57 -61.81 19.34
C GLY E 562 18.94 -60.43 19.33
N GLU E 563 19.04 -59.76 20.47
CA GLU E 563 18.43 -58.45 20.66
C GLU E 563 19.14 -57.32 19.92
N THR E 564 20.34 -57.57 19.42
CA THR E 564 21.17 -56.52 18.85
C THR E 564 21.63 -56.89 17.43
N LEU E 565 21.99 -55.87 16.67
CA LEU E 565 22.57 -56.02 15.35
C LEU E 565 23.97 -55.42 15.37
N TYR E 566 24.98 -56.27 15.18
CA TYR E 566 26.38 -55.84 15.24
C TYR E 566 26.89 -55.56 13.84
N LEU E 567 27.53 -54.41 13.67
CA LEU E 567 28.08 -54.00 12.39
C LEU E 567 29.58 -53.81 12.52
N ILE E 568 30.32 -54.33 11.54
CA ILE E 568 31.74 -54.03 11.39
C ILE E 568 31.89 -53.10 10.19
N ILE E 569 32.51 -51.95 10.43
CA ILE E 569 32.59 -50.89 9.43
C ILE E 569 34.04 -50.45 9.28
N LYS E 570 34.39 -50.02 8.08
CA LYS E 570 35.71 -49.47 7.77
C LYS E 570 35.56 -47.97 7.59
N ARG E 571 35.65 -47.24 8.70
CA ARG E 571 35.58 -45.78 8.64
C ARG E 571 36.92 -45.20 8.18
N ASN E 572 36.95 -43.87 8.06
CA ASN E 572 38.14 -43.20 7.56
C ASN E 572 39.32 -43.36 8.51
N ASP E 573 39.09 -43.25 9.82
CA ASP E 573 40.16 -43.26 10.80
C ASP E 573 40.39 -44.65 11.40
N GLY E 574 39.76 -45.68 10.85
CA GLY E 574 39.95 -47.02 11.38
C GLY E 574 38.70 -47.87 11.31
N VAL E 575 38.83 -49.14 11.69
CA VAL E 575 37.71 -50.08 11.67
C VAL E 575 37.13 -50.18 13.07
N PHE E 576 35.84 -49.93 13.20
CA PHE E 576 35.15 -49.97 14.48
C PHE E 576 34.03 -51.00 14.43
N LEU E 577 33.62 -51.44 15.62
CA LEU E 577 32.45 -52.30 15.77
C LEU E 577 31.29 -51.48 16.29
N GLU E 578 30.20 -51.45 15.53
CA GLU E 578 29.04 -50.65 15.88
C GLU E 578 27.83 -51.55 16.03
N ALA E 579 27.06 -51.31 17.09
CA ALA E 579 25.87 -52.09 17.40
C ALA E 579 24.65 -51.21 17.24
N MET E 580 23.60 -51.76 16.62
CA MET E 580 22.36 -51.03 16.39
C MET E 580 21.28 -51.60 17.30
N TYR E 581 20.70 -50.73 18.13
CA TYR E 581 19.55 -51.11 18.94
C TYR E 581 18.27 -50.87 18.13
N MET E 582 18.16 -51.66 17.05
CA MET E 582 17.10 -51.45 16.07
C MET E 582 15.71 -51.83 16.61
N GLY E 583 15.60 -52.19 17.87
CA GLY E 583 14.33 -52.28 18.55
C GLY E 583 13.92 -51.00 19.24
N ASP E 584 14.58 -49.87 18.89
CA ASP E 584 14.41 -48.49 19.33
C ASP E 584 13.88 -48.37 20.76
N PRO E 585 14.65 -48.85 21.76
CA PRO E 585 14.20 -48.70 23.15
C PRO E 585 14.45 -47.28 23.64
N LEU E 586 13.46 -46.72 24.32
CA LEU E 586 13.56 -45.37 24.88
C LEU E 586 14.19 -45.51 26.26
N LEU E 587 15.53 -45.50 26.30
CA LEU E 587 16.24 -45.64 27.56
C LEU E 587 16.00 -44.45 28.48
N SER E 588 16.00 -43.24 27.92
CA SER E 588 15.80 -42.03 28.70
C SER E 588 15.49 -40.90 27.74
N GLY E 589 14.92 -39.83 28.28
CA GLY E 589 14.56 -38.66 27.50
C GLY E 589 13.18 -38.78 26.87
N SER E 590 12.69 -37.64 26.40
CA SER E 590 11.36 -37.59 25.80
C SER E 590 11.30 -38.41 24.51
N ASP E 591 12.33 -38.31 23.68
CA ASP E 591 12.32 -38.95 22.37
C ASP E 591 13.61 -39.72 22.17
N GLN E 592 13.55 -40.72 21.29
CA GLN E 592 14.74 -41.47 20.90
C GLN E 592 15.75 -40.53 20.24
N VAL E 593 16.96 -41.05 20.07
CA VAL E 593 18.04 -40.33 19.40
C VAL E 593 18.34 -41.04 18.08
N ARG E 594 18.35 -40.28 17.00
CA ARG E 594 18.71 -40.77 15.67
C ARG E 594 20.10 -40.23 15.36
N MET E 595 21.10 -41.09 15.42
CA MET E 595 22.48 -40.62 15.42
C MET E 595 23.37 -41.75 14.94
N ASP E 596 24.28 -41.44 14.01
CA ASP E 596 25.23 -42.43 13.50
C ASP E 596 26.46 -42.40 14.38
N ARG E 597 26.74 -43.54 15.05
CA ARG E 597 27.82 -43.67 16.03
C ARG E 597 27.56 -42.79 17.23
N THR E 598 27.49 -43.38 18.43
CA THR E 598 27.16 -42.64 19.63
C THR E 598 28.17 -42.93 20.71
N VAL E 599 28.64 -41.87 21.37
CA VAL E 599 29.51 -41.98 22.54
C VAL E 599 29.01 -40.99 23.59
N THR E 600 29.04 -41.40 24.84
CA THR E 600 28.60 -40.56 25.94
C THR E 600 29.78 -39.76 26.48
N VAL E 601 29.66 -38.45 26.46
CA VAL E 601 30.72 -37.55 26.93
C VAL E 601 30.22 -36.81 28.16
N SER E 602 31.17 -36.21 28.88
CA SER E 602 30.88 -35.44 30.08
C SER E 602 31.20 -33.97 29.84
N LEU E 603 30.35 -33.10 30.39
CA LEU E 603 30.51 -31.66 30.24
C LEU E 603 30.82 -31.05 31.59
N THR E 604 31.89 -30.25 31.65
CA THR E 604 32.32 -29.60 32.87
C THR E 604 32.47 -28.11 32.62
N TRP E 605 32.10 -27.31 33.62
CA TRP E 605 32.20 -25.87 33.50
C TRP E 605 33.67 -25.42 33.54
N ASP E 606 33.95 -24.32 32.85
CA ASP E 606 35.30 -23.77 32.79
C ASP E 606 35.21 -22.27 33.00
N GLU E 607 35.76 -21.79 34.11
CA GLU E 607 35.73 -20.37 34.42
C GLU E 607 36.81 -19.58 33.71
N ALA E 608 37.77 -20.26 33.07
CA ALA E 608 38.81 -19.53 32.34
C ALA E 608 38.24 -18.77 31.16
N THR E 609 37.31 -19.40 30.42
CA THR E 609 36.70 -18.77 29.26
C THR E 609 35.18 -18.66 29.37
N LEU E 610 34.60 -19.03 30.52
CA LEU E 610 33.16 -18.99 30.73
C LEU E 610 32.43 -19.82 29.66
N SER E 611 32.77 -21.11 29.61
CA SER E 611 32.19 -22.01 28.63
C SER E 611 32.30 -23.44 29.16
N TRP E 612 31.52 -24.33 28.56
CA TRP E 612 31.55 -25.73 28.92
C TRP E 612 32.57 -26.48 28.08
N LYS E 613 33.31 -27.38 28.73
CA LYS E 613 34.32 -28.19 28.08
C LYS E 613 33.96 -29.66 28.18
N SER E 614 34.30 -30.42 27.15
CA SER E 614 33.92 -31.81 27.04
C SER E 614 35.14 -32.71 27.04
N SER E 615 34.91 -33.98 27.37
CA SER E 615 35.97 -34.97 27.31
C SER E 615 36.40 -35.19 25.86
N PRO E 616 37.66 -35.59 25.63
CA PRO E 616 38.13 -35.80 24.27
C PRO E 616 37.29 -36.84 23.53
N LEU E 617 37.04 -36.57 22.25
CA LEU E 617 36.24 -37.46 21.43
C LEU E 617 37.07 -38.67 20.99
N PRO E 618 36.63 -39.89 21.29
CA PRO E 618 37.48 -41.05 21.03
C PRO E 618 37.81 -41.29 19.57
N TRP E 619 37.03 -40.76 18.63
CA TRP E 619 37.22 -41.05 17.22
C TRP E 619 37.29 -39.76 16.42
N VAL E 620 37.82 -39.87 15.20
CA VAL E 620 37.95 -38.74 14.29
C VAL E 620 36.68 -38.67 13.45
N PRO E 621 35.93 -37.58 13.49
CA PRO E 621 34.71 -37.49 12.69
C PRO E 621 35.02 -37.42 11.21
N THR E 622 34.10 -37.96 10.40
CA THR E 622 34.25 -37.90 8.95
C THR E 622 34.07 -36.48 8.45
N GLN E 623 32.99 -35.82 8.88
CA GLN E 623 32.70 -34.45 8.47
C GLN E 623 32.43 -33.62 9.71
N VAL E 624 33.14 -32.49 9.84
CA VAL E 624 32.99 -31.65 11.02
C VAL E 624 31.60 -31.05 11.09
N GLU E 625 31.11 -30.53 9.96
CA GLU E 625 29.83 -29.86 9.93
C GLU E 625 28.65 -30.82 10.04
N MET E 626 28.88 -32.11 9.78
CA MET E 626 27.77 -33.05 9.70
C MET E 626 27.23 -33.38 11.09
N LEU E 627 28.13 -33.55 12.07
CA LEU E 627 27.74 -34.02 13.38
C LEU E 627 27.05 -32.92 14.18
N GLU E 628 26.40 -33.34 15.27
CA GLU E 628 25.81 -32.41 16.23
C GLU E 628 25.79 -33.10 17.58
N ALA E 629 25.64 -32.31 18.64
CA ALA E 629 25.66 -32.80 20.02
C ALA E 629 24.27 -32.73 20.62
N VAL E 630 23.91 -33.74 21.40
CA VAL E 630 22.60 -33.83 22.03
C VAL E 630 22.79 -33.96 23.53
N LEU E 631 22.19 -33.05 24.29
CA LEU E 631 22.21 -33.14 25.73
C LEU E 631 21.31 -34.27 26.22
N THR E 632 21.72 -34.95 27.30
CA THR E 632 20.96 -36.05 27.85
C THR E 632 20.76 -35.97 29.37
N ASN E 633 21.49 -35.11 30.07
CA ASN E 633 21.33 -34.98 31.52
C ASN E 633 21.78 -33.59 31.92
N GLY E 634 20.83 -32.76 32.35
CA GLY E 634 21.15 -31.40 32.73
C GLY E 634 19.97 -30.66 33.33
N ASP E 635 19.79 -29.40 32.91
CA ASP E 635 18.65 -28.63 33.38
C ASP E 635 17.35 -29.31 32.94
N PRO E 636 16.32 -29.34 33.78
CA PRO E 636 15.07 -30.00 33.40
C PRO E 636 14.44 -29.43 32.13
N ALA E 637 14.58 -28.12 31.90
CA ALA E 637 13.97 -27.54 30.71
C ALA E 637 14.73 -27.92 29.44
N TYR E 638 16.06 -28.00 29.52
CA TYR E 638 16.88 -28.24 28.34
C TYR E 638 17.10 -29.73 28.05
N LEU E 639 16.45 -30.62 28.80
CA LEU E 639 16.68 -32.05 28.65
C LEU E 639 16.28 -32.53 27.26
N GLY E 640 17.11 -33.38 26.67
CA GLY E 640 16.79 -34.03 25.42
C GLY E 640 16.85 -33.15 24.19
N GLY E 641 17.52 -32.01 24.26
CA GLY E 641 17.61 -31.09 23.13
C GLY E 641 19.07 -30.92 22.70
N ALA E 642 19.26 -30.69 21.40
CA ALA E 642 20.58 -30.42 20.87
C ALA E 642 21.04 -29.01 21.28
N PHE E 643 22.25 -28.66 20.88
CA PHE E 643 22.78 -27.34 21.17
C PHE E 643 23.95 -27.05 20.23
N LEU E 644 24.26 -25.75 20.10
CA LEU E 644 25.38 -25.31 19.27
C LEU E 644 26.68 -25.44 20.06
N PHE E 645 27.79 -25.58 19.33
CA PHE E 645 29.07 -25.80 19.95
C PHE E 645 30.17 -25.40 18.98
N GLU E 646 31.41 -25.44 19.47
CA GLU E 646 32.59 -25.24 18.65
C GLU E 646 33.51 -26.44 18.87
N TYR E 647 33.98 -27.04 17.78
CA TYR E 647 34.75 -28.26 17.82
C TYR E 647 36.20 -27.96 17.41
N ASP E 648 37.14 -28.33 18.27
CA ASP E 648 38.56 -28.18 17.99
C ASP E 648 39.09 -29.52 17.50
N ALA E 649 39.66 -29.53 16.30
CA ALA E 649 40.10 -30.79 15.69
C ALA E 649 41.32 -31.35 16.41
N ASN E 650 42.31 -30.50 16.70
CA ASN E 650 43.56 -30.99 17.28
C ASN E 650 43.34 -31.59 18.66
N THR E 651 42.55 -30.91 19.50
CA THR E 651 42.33 -31.35 20.86
C THR E 651 41.06 -32.19 21.01
N ARG E 652 40.36 -32.47 19.92
CA ARG E 652 39.13 -33.27 19.88
C ARG E 652 38.22 -32.95 21.07
N ILE E 653 38.00 -31.66 21.28
CA ILE E 653 37.22 -31.16 22.40
C ILE E 653 36.13 -30.24 21.87
N LEU E 654 34.90 -30.43 22.33
CA LEU E 654 33.77 -29.59 21.98
C LEU E 654 33.58 -28.52 23.04
N SER E 655 33.47 -27.27 22.61
CA SER E 655 33.28 -26.14 23.51
C SER E 655 31.92 -25.51 23.24
N THR E 656 31.20 -25.19 24.31
CA THR E 656 29.86 -24.63 24.21
C THR E 656 29.72 -23.47 25.18
N LYS E 657 29.12 -22.38 24.70
CA LYS E 657 28.86 -21.22 25.53
C LYS E 657 27.41 -21.15 26.01
N TYR E 658 26.58 -22.13 25.65
CA TYR E 658 25.18 -22.11 26.06
C TYR E 658 25.06 -22.32 27.57
N GLY E 659 23.99 -21.76 28.14
CA GLY E 659 23.70 -21.99 29.54
C GLY E 659 22.95 -23.29 29.74
N LEU E 660 23.62 -24.30 30.28
CA LEU E 660 23.04 -25.62 30.46
C LEU E 660 22.41 -25.82 31.84
N GLY E 661 22.42 -24.80 32.68
CA GLY E 661 21.87 -24.94 34.02
C GLY E 661 22.87 -24.53 35.10
N ASP E 662 22.94 -25.32 36.18
CA ASP E 662 23.90 -25.04 37.24
C ASP E 662 25.31 -25.24 36.73
N THR E 663 26.20 -24.31 37.07
CA THR E 663 27.58 -24.34 36.61
C THR E 663 28.52 -25.04 37.59
N SER E 664 28.02 -25.53 38.72
CA SER E 664 28.86 -26.18 39.71
C SER E 664 28.85 -27.70 39.60
N GLN E 665 28.03 -28.26 38.71
CA GLN E 665 27.90 -29.71 38.56
C GLN E 665 28.52 -30.15 37.25
N ILE E 666 28.39 -31.44 36.96
CA ILE E 666 28.88 -32.05 35.74
C ILE E 666 27.71 -32.68 35.00
N TRP E 667 27.57 -32.36 33.72
CA TRP E 667 26.48 -32.85 32.89
C TRP E 667 27.02 -33.77 31.80
N ALA E 668 26.12 -34.60 31.28
CA ALA E 668 26.46 -35.58 30.26
C ALA E 668 25.73 -35.25 28.97
N ALA E 669 26.39 -35.51 27.85
CA ALA E 669 25.83 -35.21 26.53
C ALA E 669 26.15 -36.36 25.58
N LYS E 670 25.33 -36.47 24.54
CA LYS E 670 25.51 -37.47 23.48
C LYS E 670 26.08 -36.78 22.24
N VAL E 671 27.13 -37.37 21.68
CA VAL E 671 27.81 -36.80 20.52
C VAL E 671 28.02 -37.90 19.49
N GLY E 672 27.76 -37.58 18.23
CA GLY E 672 27.98 -38.54 17.17
C GLY E 672 27.69 -37.93 15.82
N GLN E 673 27.93 -38.72 14.78
CA GLN E 673 27.70 -38.30 13.42
C GLN E 673 26.21 -38.40 13.07
N MET E 674 25.81 -37.64 12.05
CA MET E 674 24.42 -37.52 11.65
C MET E 674 24.24 -38.09 10.25
N TYR E 675 23.04 -38.60 9.99
CA TYR E 675 22.71 -39.19 8.69
C TYR E 675 21.42 -38.59 8.16
N LYS E 676 21.39 -38.34 6.86
CA LYS E 676 20.22 -37.73 6.23
C LYS E 676 19.13 -38.77 6.00
N VAL E 677 17.89 -38.30 5.99
CA VAL E 677 16.73 -39.12 5.67
C VAL E 677 16.10 -38.55 4.41
N GLU E 678 15.96 -39.39 3.38
CA GLU E 678 15.46 -38.95 2.08
C GLU E 678 14.23 -39.76 1.70
N PHE E 679 13.22 -39.07 1.17
CA PHE E 679 11.93 -39.65 0.87
C PHE E 679 11.37 -39.01 -0.40
N VAL E 680 10.89 -39.85 -1.31
CA VAL E 680 10.28 -39.38 -2.56
C VAL E 680 9.01 -40.18 -2.81
N PRO E 681 7.83 -39.63 -2.51
CA PRO E 681 6.58 -40.33 -2.80
C PRO E 681 6.32 -40.41 -4.30
N THR E 682 5.52 -41.39 -4.67
CA THR E 682 5.18 -41.61 -6.07
C THR E 682 4.25 -40.51 -6.58
N ASP E 683 4.24 -40.34 -7.89
CA ASP E 683 3.34 -39.39 -8.52
C ASP E 683 1.90 -39.89 -8.43
N VAL E 684 0.96 -38.94 -8.45
CA VAL E 684 -0.46 -39.25 -8.28
C VAL E 684 -1.16 -39.18 -9.64
N ILE E 685 -1.91 -40.23 -9.96
CA ILE E 685 -2.70 -40.32 -11.18
C ILE E 685 -4.13 -40.64 -10.79
N ILE E 686 -5.09 -40.00 -11.46
CA ILE E 686 -6.50 -40.21 -11.13
C ILE E 686 -6.90 -41.63 -11.49
N ARG E 687 -7.51 -42.32 -10.53
CA ARG E 687 -7.99 -43.69 -10.73
C ARG E 687 -9.51 -43.65 -10.77
N ASP E 688 -10.08 -43.94 -11.94
CA ASP E 688 -11.52 -43.92 -12.11
C ASP E 688 -12.17 -45.10 -11.39
N SER E 689 -13.49 -45.02 -11.24
CA SER E 689 -14.23 -46.07 -10.54
C SER E 689 -14.19 -47.39 -11.29
N GLN E 690 -13.96 -47.38 -12.60
CA GLN E 690 -13.85 -48.60 -13.39
C GLN E 690 -12.43 -49.14 -13.46
N ASP E 691 -11.49 -48.52 -12.75
CA ASP E 691 -10.12 -48.99 -12.63
C ASP E 691 -9.40 -48.99 -13.99
N ARG E 692 -9.37 -47.80 -14.60
CA ARG E 692 -8.57 -47.55 -15.78
C ARG E 692 -7.84 -46.23 -15.62
N VAL E 693 -6.70 -46.11 -16.28
CA VAL E 693 -5.78 -45.00 -16.07
C VAL E 693 -5.66 -44.18 -17.34
N SER E 694 -5.41 -42.88 -17.16
CA SER E 694 -5.13 -41.96 -18.26
C SER E 694 -3.84 -41.22 -17.92
N TYR E 695 -2.72 -41.63 -18.52
CA TYR E 695 -1.43 -41.07 -18.14
C TYR E 695 -1.28 -39.64 -18.65
N GLN E 696 -2.07 -39.24 -19.64
CA GLN E 696 -1.98 -37.86 -20.12
C GLN E 696 -2.92 -36.94 -19.36
N ASP E 697 -4.11 -37.42 -19.01
CA ASP E 697 -5.06 -36.65 -18.21
C ASP E 697 -4.55 -36.61 -16.77
N VAL E 698 -3.81 -35.55 -16.44
CA VAL E 698 -3.12 -35.45 -15.16
C VAL E 698 -3.70 -34.26 -14.41
N PRO E 699 -4.12 -34.42 -13.15
CA PRO E 699 -4.63 -33.28 -12.39
C PRO E 699 -3.52 -32.30 -12.05
N VAL E 700 -3.92 -31.06 -11.80
CA VAL E 700 -3.01 -30.01 -11.38
C VAL E 700 -3.01 -29.95 -9.86
N ILE E 701 -1.87 -30.21 -9.25
CA ILE E 701 -1.76 -30.26 -7.79
C ILE E 701 -1.66 -28.85 -7.25
N GLY E 702 -2.57 -28.51 -6.34
CA GLY E 702 -2.56 -27.19 -5.74
C GLY E 702 -1.82 -27.12 -4.42
N LEU E 703 -2.17 -28.03 -3.50
CA LEU E 703 -1.51 -28.08 -2.20
C LEU E 703 -1.29 -29.54 -1.81
N VAL E 704 -0.27 -29.77 -1.01
CA VAL E 704 0.05 -31.09 -0.51
C VAL E 704 0.06 -31.03 1.01
N HIS E 705 -0.77 -31.85 1.65
CA HIS E 705 -0.88 -31.89 3.10
C HIS E 705 -0.20 -33.15 3.63
N LEU E 706 0.68 -32.96 4.61
CA LEU E 706 1.40 -34.06 5.25
C LEU E 706 0.91 -34.19 6.68
N ASN E 707 0.51 -35.39 7.07
CA ASN E 707 0.11 -35.68 8.44
C ASN E 707 1.27 -36.33 9.16
N LEU E 708 1.72 -35.71 10.25
CA LEU E 708 2.89 -36.16 10.98
C LEU E 708 2.55 -36.29 12.46
N ASP E 709 3.24 -37.21 13.13
CA ASP E 709 3.08 -37.42 14.56
C ASP E 709 4.27 -36.93 15.37
N ARG E 710 5.49 -37.11 14.88
CA ARG E 710 6.69 -36.61 15.52
C ARG E 710 7.62 -36.10 14.44
N TYR E 711 8.02 -34.83 14.53
CA TYR E 711 8.85 -34.27 13.49
C TYR E 711 9.68 -33.11 13.98
N PRO E 712 10.96 -33.05 13.62
CA PRO E 712 11.75 -31.84 13.87
C PRO E 712 11.66 -30.89 12.69
N ASP E 713 12.38 -29.77 12.74
CA ASP E 713 12.44 -28.89 11.59
C ASP E 713 13.20 -29.55 10.45
N PHE E 714 12.69 -29.40 9.23
CA PHE E 714 13.28 -30.03 8.06
C PHE E 714 12.96 -29.18 6.83
N THR E 715 13.42 -29.65 5.68
CA THR E 715 13.21 -28.95 4.42
C THR E 715 12.63 -29.91 3.38
N VAL E 716 11.89 -29.34 2.44
CA VAL E 716 11.31 -30.09 1.33
C VAL E 716 11.84 -29.48 0.04
N GLU E 717 12.40 -30.31 -0.82
CA GLU E 717 13.02 -29.86 -2.07
C GLU E 717 12.06 -30.10 -3.22
N ILE E 718 11.87 -29.08 -4.05
CA ILE E 718 11.01 -29.15 -5.22
C ILE E 718 11.89 -29.03 -6.46
N THR E 719 11.77 -29.98 -7.37
CA THR E 719 12.54 -30.00 -8.60
C THR E 719 11.61 -30.11 -9.79
N ASN E 720 12.03 -29.56 -10.93
CA ASN E 720 11.25 -29.59 -12.16
C ASN E 720 12.07 -30.28 -13.24
N ARG E 721 11.46 -31.23 -13.93
CA ARG E 721 12.16 -32.00 -14.95
C ARG E 721 12.30 -31.26 -16.27
N LYS E 722 11.56 -30.17 -16.48
CA LYS E 722 11.59 -29.44 -17.73
C LYS E 722 12.41 -28.15 -17.63
N SER E 723 12.12 -27.30 -16.63
CA SER E 723 12.87 -26.07 -16.45
C SER E 723 14.18 -26.28 -15.70
N GLY E 724 14.23 -27.26 -14.80
CA GLY E 724 15.42 -27.51 -14.01
C GLY E 724 15.57 -26.65 -12.78
N ALA E 725 14.66 -25.71 -12.55
CA ALA E 725 14.73 -24.87 -11.36
C ALA E 725 14.42 -25.68 -10.11
N VAL E 726 15.04 -25.28 -9.00
CA VAL E 726 14.87 -25.96 -7.72
C VAL E 726 14.29 -24.95 -6.73
N ARG E 727 13.27 -25.39 -5.98
CA ARG E 727 12.65 -24.58 -4.96
C ARG E 727 12.68 -25.33 -3.63
N VAL E 728 12.99 -24.61 -2.56
CA VAL E 728 13.13 -25.19 -1.23
C VAL E 728 12.11 -24.55 -0.31
N ALA E 729 11.31 -25.37 0.36
CA ALA E 729 10.34 -24.93 1.35
C ALA E 729 10.76 -25.48 2.71
N LYS E 730 11.11 -24.59 3.63
CA LYS E 730 11.64 -24.97 4.93
C LYS E 730 10.50 -25.00 5.95
N ALA E 731 10.39 -26.11 6.68
CA ALA E 731 9.36 -26.30 7.69
C ALA E 731 10.01 -26.40 9.06
N SER E 732 9.35 -25.81 10.06
CA SER E 732 9.82 -25.86 11.43
C SER E 732 8.69 -26.34 12.33
N ASN E 733 9.06 -26.91 13.47
CA ASN E 733 8.10 -27.44 14.42
C ASN E 733 7.61 -26.40 15.42
N ARG E 734 8.04 -25.16 15.30
CA ARG E 734 7.60 -24.08 16.18
C ARG E 734 6.36 -23.43 15.56
N VAL E 735 5.23 -23.51 16.28
CA VAL E 735 4.00 -22.85 15.88
C VAL E 735 3.47 -22.09 17.09
N GLY E 736 3.07 -20.84 16.87
CA GLY E 736 2.68 -19.99 17.98
C GLY E 736 1.46 -20.51 18.72
N GLY E 737 1.47 -20.31 20.03
CA GLY E 737 0.37 -20.70 20.88
C GLY E 737 0.32 -22.17 21.25
N ALA E 738 1.27 -22.97 20.80
CA ALA E 738 1.28 -24.40 21.05
C ALA E 738 2.05 -24.72 22.33
N ARG E 739 1.89 -25.95 22.80
CA ARG E 739 2.59 -26.41 24.00
C ARG E 739 4.10 -26.44 23.76
N ASN E 740 4.52 -26.92 22.58
CA ASN E 740 5.94 -27.03 22.26
C ASN E 740 6.43 -25.69 21.73
N ASN E 741 6.28 -24.65 22.57
CA ASN E 741 6.81 -23.33 22.25
C ASN E 741 7.72 -22.80 23.35
N VAL E 742 7.83 -23.49 24.48
CA VAL E 742 8.71 -23.03 25.55
C VAL E 742 10.15 -23.01 25.05
N VAL E 743 10.92 -22.06 25.56
CA VAL E 743 12.33 -21.96 25.19
C VAL E 743 13.10 -23.15 25.75
N GLY E 744 12.56 -23.80 26.78
CA GLY E 744 13.21 -24.95 27.39
C GLY E 744 13.46 -26.10 26.43
N TYR E 745 12.40 -26.78 26.00
CA TYR E 745 12.55 -27.86 25.04
C TYR E 745 11.28 -27.98 24.22
N VAL E 746 11.45 -28.34 22.95
CA VAL E 746 10.35 -28.53 22.02
C VAL E 746 9.91 -29.99 22.12
N LYS E 747 8.84 -30.24 22.87
CA LYS E 747 8.37 -31.59 23.07
C LYS E 747 7.84 -32.17 21.76
N PRO E 748 8.00 -33.47 21.54
CA PRO E 748 7.49 -34.09 20.31
C PRO E 748 5.97 -34.12 20.32
N THR E 749 5.38 -33.38 19.40
CA THR E 749 3.93 -33.28 19.29
C THR E 749 3.52 -33.44 17.84
N SER E 750 2.29 -33.90 17.64
CA SER E 750 1.77 -34.09 16.29
C SER E 750 1.44 -32.76 15.64
N GLY E 751 1.04 -32.83 14.37
CA GLY E 751 0.71 -31.63 13.63
C GLY E 751 0.60 -31.94 12.15
N THR E 752 0.54 -30.87 11.36
CA THR E 752 0.46 -30.98 9.91
C THR E 752 1.28 -29.86 9.27
N PHE E 753 1.70 -30.10 8.03
CA PHE E 753 2.47 -29.12 7.28
C PHE E 753 2.04 -29.18 5.82
N SER E 754 1.88 -28.01 5.20
CA SER E 754 1.45 -27.91 3.81
C SER E 754 2.43 -27.05 3.04
N PHE E 755 2.80 -27.51 1.84
CA PHE E 755 3.64 -26.75 0.93
C PHE E 755 3.06 -26.83 -0.47
N PRO E 756 3.21 -25.79 -1.27
CA PRO E 756 2.65 -25.80 -2.63
C PRO E 756 3.59 -26.42 -3.64
N LEU E 757 2.99 -26.95 -4.71
CA LEU E 757 3.73 -27.62 -5.78
C LEU E 757 3.68 -26.85 -7.09
N ARG E 758 2.49 -26.45 -7.54
CA ARG E 758 2.33 -25.55 -8.69
C ARG E 758 2.94 -26.13 -9.96
N ALA E 759 2.44 -27.31 -10.33
CA ALA E 759 2.81 -27.96 -11.59
C ALA E 759 1.91 -29.17 -11.79
N LEU E 760 2.07 -29.82 -12.93
CA LEU E 760 1.42 -31.09 -13.16
C LEU E 760 2.08 -32.18 -12.31
N SER E 761 1.30 -33.21 -11.99
CA SER E 761 1.83 -34.29 -11.15
C SER E 761 2.98 -35.00 -11.84
N THR E 762 2.88 -35.22 -13.15
CA THR E 762 3.92 -35.91 -13.90
C THR E 762 5.11 -35.02 -14.20
N ASP E 763 5.05 -33.73 -13.89
CA ASP E 763 6.09 -32.80 -14.29
C ASP E 763 7.17 -32.62 -13.24
N VAL E 764 6.82 -32.68 -11.95
CA VAL E 764 7.74 -32.36 -10.87
C VAL E 764 7.73 -33.47 -9.84
N GLU E 765 8.78 -33.49 -9.02
CA GLU E 765 8.89 -34.39 -7.88
C GLU E 765 9.26 -33.58 -6.65
N TYR E 766 8.81 -34.03 -5.49
CA TYR E 766 9.09 -33.38 -4.22
C TYR E 766 9.79 -34.35 -3.30
N ARG E 767 10.92 -33.93 -2.74
CA ARG E 767 11.79 -34.78 -1.95
C ARG E 767 11.84 -34.28 -0.52
N ILE E 768 11.65 -35.17 0.44
CA ILE E 768 11.67 -34.83 1.86
C ILE E 768 13.06 -35.10 2.41
N ILE E 769 13.69 -34.07 2.95
CA ILE E 769 15.04 -34.16 3.51
C ILE E 769 14.99 -33.69 4.96
N SER E 770 15.56 -34.48 5.86
CA SER E 770 15.60 -34.14 7.28
C SER E 770 17.01 -34.37 7.82
N ILE E 771 17.54 -33.36 8.50
CA ILE E 771 18.84 -33.46 9.17
C ILE E 771 18.62 -33.00 10.61
N SER E 772 18.36 -33.96 11.50
CA SER E 772 18.10 -33.66 12.90
C SER E 772 18.18 -34.93 13.73
N PRO E 773 18.71 -34.86 14.95
CA PRO E 773 18.78 -36.07 15.79
C PRO E 773 17.42 -36.58 16.23
N HIS E 774 16.38 -35.75 16.19
CA HIS E 774 15.06 -36.18 16.62
C HIS E 774 14.41 -37.08 15.58
N THR E 775 13.43 -37.87 16.03
CA THR E 775 12.74 -38.78 15.14
C THR E 775 11.85 -38.02 14.16
N PHE E 776 11.62 -38.63 13.00
CA PHE E 776 10.77 -38.06 11.97
C PHE E 776 9.79 -39.14 11.52
N GLN E 777 8.51 -38.98 11.88
CA GLN E 777 7.49 -39.98 11.61
C GLN E 777 6.47 -39.40 10.65
N LEU E 778 6.40 -39.96 9.44
CA LEU E 778 5.48 -39.52 8.41
C LEU E 778 4.32 -40.50 8.34
N ARG E 779 3.10 -40.02 8.59
CA ARG E 779 1.95 -40.90 8.68
C ARG E 779 1.21 -41.03 7.35
N ASP E 780 0.68 -39.92 6.84
CA ASP E 780 -0.09 -39.93 5.60
C ASP E 780 0.29 -38.72 4.76
N ILE E 781 0.04 -38.83 3.46
CA ILE E 781 0.30 -37.76 2.51
C ILE E 781 -0.99 -37.53 1.70
N GLU E 782 -1.43 -36.28 1.63
CA GLU E 782 -2.64 -35.93 0.91
C GLU E 782 -2.35 -34.79 -0.07
N TRP E 783 -2.92 -34.91 -1.27
CA TRP E 783 -2.78 -33.90 -2.32
C TRP E 783 -4.13 -33.29 -2.62
N SER E 784 -4.12 -32.01 -2.95
CA SER E 784 -5.32 -31.28 -3.30
C SER E 784 -5.02 -30.35 -4.47
N GLY E 785 -5.97 -30.25 -5.41
CA GLY E 785 -5.75 -29.44 -6.59
C GLY E 785 -6.96 -29.36 -7.51
N SER E 786 -6.69 -29.25 -8.81
CA SER E 786 -7.75 -29.12 -9.81
C SER E 786 -7.59 -30.18 -10.88
N TYR E 787 -8.72 -30.76 -11.30
CA TYR E 787 -8.76 -31.77 -12.35
C TYR E 787 -9.78 -31.31 -13.39
N ASN E 788 -9.32 -31.12 -14.62
CA ASN E 788 -10.19 -30.69 -15.71
C ASN E 788 -10.24 -31.78 -16.76
N PRO E 789 -11.31 -32.58 -16.81
CA PRO E 789 -11.47 -33.55 -17.90
C PRO E 789 -11.93 -32.85 -19.17
N THR E 790 -11.00 -32.64 -20.10
CA THR E 790 -11.31 -32.03 -21.39
C THR E 790 -12.24 -32.93 -22.22
N ARG E 791 -11.93 -34.23 -22.22
CA ARG E 791 -12.70 -35.23 -22.94
C ARG E 791 -12.85 -36.45 -22.06
N LYS E 792 -14.00 -37.12 -22.18
CA LYS E 792 -14.33 -38.20 -21.27
C LYS E 792 -13.45 -39.43 -21.54
N ARG E 793 -13.32 -40.26 -20.52
CA ARG E 793 -12.59 -41.50 -20.63
C ARG E 793 -13.42 -42.56 -21.34
N VAL E 794 -12.75 -43.60 -21.82
CA VAL E 794 -13.44 -44.71 -22.48
C VAL E 794 -14.30 -45.47 -21.49
N TYR F 3 29.99 2.34 6.37
CA TYR F 3 29.07 1.26 6.70
C TYR F 3 28.08 1.02 5.58
N SER F 4 26.92 1.68 5.67
CA SER F 4 25.87 1.49 4.67
C SER F 4 26.22 2.18 3.37
N TYR F 5 26.46 3.48 3.41
CA TYR F 5 26.73 4.25 2.21
C TYR F 5 28.05 3.80 1.56
N VAL F 6 28.05 3.81 0.24
CA VAL F 6 29.25 3.48 -0.55
C VAL F 6 29.43 4.55 -1.61
N GLU F 7 30.63 5.09 -1.70
CA GLU F 7 30.96 6.12 -2.68
C GLU F 7 31.69 5.49 -3.87
N ARG F 8 31.35 5.96 -5.07
CA ARG F 8 31.93 5.43 -6.29
C ARG F 8 32.10 6.56 -7.30
N THR F 9 33.17 6.46 -8.08
CA THR F 9 33.44 7.42 -9.16
C THR F 9 33.37 6.69 -10.49
N GLY F 10 32.87 7.36 -11.51
CA GLY F 10 32.70 6.76 -12.82
C GLY F 10 33.40 7.57 -13.90
N ASP F 11 33.98 6.83 -14.84
CA ASP F 11 34.67 7.43 -15.98
C ASP F 11 34.92 6.35 -17.01
N GLY F 12 34.70 6.67 -18.27
CA GLY F 12 34.95 5.74 -19.36
C GLY F 12 33.73 4.95 -19.77
N VAL F 13 34.00 3.77 -20.33
CA VAL F 13 32.93 2.93 -20.86
C VAL F 13 32.27 2.13 -19.74
N ALA F 14 32.84 2.19 -18.53
CA ALA F 14 32.32 1.38 -17.42
C ALA F 14 30.86 1.70 -17.15
N THR F 15 30.05 0.64 -17.03
CA THR F 15 28.62 0.78 -16.78
C THR F 15 28.13 -0.04 -15.60
N THR F 16 28.96 -0.90 -15.03
CA THR F 16 28.58 -1.74 -13.91
C THR F 16 29.41 -1.36 -12.69
N PHE F 17 28.75 -1.13 -11.57
CA PHE F 17 29.41 -0.74 -10.33
C PHE F 17 29.04 -1.72 -9.23
N ASN F 18 30.02 -2.08 -8.41
CA ASN F 18 29.83 -3.06 -7.35
C ASN F 18 29.86 -2.35 -6.00
N PHE F 19 28.99 -2.79 -5.09
CA PHE F 19 28.90 -2.23 -3.75
C PHE F 19 28.86 -3.37 -2.74
N ALA F 20 29.42 -3.11 -1.55
CA ALA F 20 29.46 -4.10 -0.48
C ALA F 20 29.01 -3.44 0.82
N PHE F 21 28.01 -4.04 1.46
CA PHE F 21 27.51 -3.58 2.75
C PHE F 21 27.96 -4.52 3.85
N THR F 22 28.02 -4.00 5.07
CA THR F 22 28.36 -4.83 6.22
C THR F 22 27.19 -5.73 6.57
N GLY F 23 27.50 -6.96 6.97
CA GLY F 23 26.51 -7.94 7.34
C GLY F 23 26.68 -9.23 6.57
N LYS F 24 25.82 -10.19 6.90
CA LYS F 24 25.85 -11.49 6.23
C LYS F 24 25.35 -11.37 4.80
N GLY F 25 25.97 -12.17 3.92
CA GLY F 25 25.48 -12.28 2.55
C GLY F 25 25.46 -10.96 1.82
N LYS F 26 24.34 -10.70 1.16
CA LYS F 26 24.20 -9.48 0.36
C LYS F 26 24.21 -8.22 1.21
N GLY F 27 23.96 -8.33 2.51
CA GLY F 27 24.00 -7.20 3.41
C GLY F 27 22.71 -6.45 3.58
N TYR F 28 21.68 -6.77 2.80
CA TYR F 28 20.39 -6.10 2.87
C TYR F 28 19.27 -7.12 2.81
N LEU F 29 18.08 -6.70 3.26
CA LEU F 29 16.93 -7.58 3.31
C LEU F 29 16.03 -7.48 2.08
N LEU F 30 15.74 -6.26 1.63
CA LEU F 30 14.85 -6.04 0.49
C LEU F 30 15.59 -5.30 -0.60
N ALA F 31 15.14 -5.51 -1.84
CA ALA F 31 15.67 -4.74 -2.96
C ALA F 31 15.27 -3.27 -2.86
N ASN F 32 14.15 -2.98 -2.21
CA ASN F 32 13.68 -1.62 -2.02
C ASN F 32 14.61 -0.79 -1.14
N GLN F 33 15.49 -1.44 -0.37
CA GLN F 33 16.39 -0.71 0.50
C GLN F 33 17.49 0.01 -0.26
N ILE F 34 17.79 -0.42 -1.48
CA ILE F 34 18.85 0.19 -2.27
C ILE F 34 18.34 1.49 -2.88
N TYR F 35 19.13 2.55 -2.75
CA TYR F 35 18.79 3.85 -3.30
C TYR F 35 20.06 4.47 -3.87
N VAL F 36 19.92 5.13 -5.01
CA VAL F 36 21.05 5.61 -5.79
C VAL F 36 21.03 7.13 -5.83
N GLU F 37 22.19 7.75 -5.68
CA GLU F 37 22.34 9.20 -5.67
C GLU F 37 23.46 9.59 -6.61
N ARG F 38 23.35 10.78 -7.18
CA ARG F 38 24.35 11.34 -8.08
C ARG F 38 24.83 12.68 -7.56
N TRP F 39 26.14 12.90 -7.62
CA TRP F 39 26.75 14.14 -7.15
C TRP F 39 26.89 15.10 -8.32
N ASP F 40 26.08 16.17 -8.31
CA ASP F 40 26.16 17.20 -9.34
C ASP F 40 27.23 18.25 -9.04
N GLY F 41 27.92 18.12 -7.90
CA GLY F 41 28.90 19.10 -7.49
C GLY F 41 28.35 20.18 -6.57
N ALA F 42 27.04 20.28 -6.41
CA ALA F 42 26.46 21.33 -5.59
C ALA F 42 25.38 20.81 -4.64
N SER F 43 24.72 19.71 -4.99
CA SER F 43 23.54 19.27 -4.25
C SER F 43 23.46 17.75 -4.25
N TRP F 44 22.55 17.24 -3.41
CA TRP F 44 22.36 15.80 -3.24
C TRP F 44 21.25 15.28 -4.19
N GLN F 45 21.47 15.52 -5.48
CA GLN F 45 20.49 15.14 -6.49
C GLN F 45 20.39 13.64 -6.63
N SER F 46 19.16 13.15 -6.83
CA SER F 46 18.94 11.74 -7.09
C SER F 46 19.20 11.41 -8.55
N ALA F 47 19.44 10.14 -8.83
CA ALA F 47 19.76 9.67 -10.17
C ALA F 47 18.66 8.75 -10.69
N THR F 48 18.57 8.69 -12.01
CA THR F 48 17.62 7.83 -12.71
C THR F 48 18.34 7.07 -13.81
N GLY F 49 17.70 6.02 -14.31
CA GLY F 49 18.31 5.19 -15.33
C GLY F 49 19.21 4.09 -14.80
N TRP F 50 19.15 3.80 -13.52
CA TRP F 50 19.92 2.71 -12.94
C TRP F 50 19.05 1.47 -12.79
N SER F 51 19.65 0.30 -13.01
CA SER F 51 18.95 -0.97 -12.88
C SER F 51 19.82 -1.93 -12.07
N LEU F 52 19.17 -2.73 -11.23
CA LEU F 52 19.86 -3.72 -10.40
C LEU F 52 20.02 -4.99 -11.23
N SER F 53 21.23 -5.20 -11.73
CA SER F 53 21.53 -6.36 -12.58
C SER F 53 22.02 -7.56 -11.81
N GLY F 54 22.82 -7.37 -10.76
CA GLY F 54 23.36 -8.45 -9.97
C GLY F 54 22.93 -8.35 -8.52
N THR F 55 23.41 -9.32 -7.73
CA THR F 55 23.07 -9.34 -6.31
C THR F 55 23.65 -8.13 -5.59
N ASN F 56 24.91 -7.80 -5.86
CA ASN F 56 25.58 -6.68 -5.22
C ASN F 56 26.11 -5.67 -6.22
N GLN F 57 25.58 -5.65 -7.45
CA GLN F 57 26.03 -4.73 -8.48
C GLN F 57 24.84 -4.14 -9.20
N ILE F 58 25.04 -2.95 -9.77
CA ILE F 58 24.02 -2.26 -10.54
C ILE F 58 24.58 -1.95 -11.92
N THR F 59 23.68 -1.77 -12.88
CA THR F 59 24.05 -1.52 -14.26
C THR F 59 23.31 -0.28 -14.76
N PHE F 60 24.06 0.68 -15.29
CA PHE F 60 23.46 1.86 -15.89
C PHE F 60 23.14 1.60 -17.36
N LEU F 61 22.27 2.44 -17.92
CA LEU F 61 21.97 2.38 -19.35
C LEU F 61 23.06 3.00 -20.21
N THR F 62 23.68 4.07 -19.72
CA THR F 62 24.74 4.73 -20.47
C THR F 62 25.97 4.88 -19.59
N PRO F 63 27.16 4.87 -20.19
CA PRO F 63 28.38 5.06 -19.40
C PRO F 63 28.41 6.43 -18.75
N LEU F 64 29.00 6.48 -17.55
CA LEU F 64 29.14 7.76 -16.85
C LEU F 64 30.16 8.65 -17.56
N ALA F 65 30.00 9.95 -17.35
CA ALA F 65 30.86 10.94 -18.01
C ALA F 65 32.19 11.03 -17.27
N ASN F 66 32.99 12.03 -17.62
CA ASN F 66 34.31 12.19 -17.01
C ASN F 66 34.18 12.56 -15.53
N GLY F 67 34.70 11.69 -14.67
CA GLY F 67 34.75 11.99 -13.25
C GLY F 67 33.42 12.13 -12.57
N GLN F 68 32.36 11.53 -13.12
CA GLN F 68 31.07 11.57 -12.46
C GLN F 68 31.11 10.79 -11.15
N VAL F 69 30.43 11.31 -10.13
CA VAL F 69 30.45 10.75 -8.80
C VAL F 69 29.05 10.28 -8.43
N ILE F 70 28.94 9.02 -8.02
CA ILE F 70 27.68 8.44 -7.57
C ILE F 70 27.90 7.86 -6.18
N ARG F 71 26.80 7.68 -5.45
CA ARG F 71 26.86 7.17 -4.09
C ARG F 71 25.72 6.18 -3.88
N ILE F 72 26.07 4.93 -3.62
CA ILE F 72 25.11 3.86 -3.40
C ILE F 72 24.94 3.69 -1.90
N ARG F 73 23.76 4.01 -1.40
CA ARG F 73 23.44 3.83 0.01
C ARG F 73 22.27 2.87 0.15
N ARG F 74 21.95 2.54 1.40
CA ARG F 74 20.90 1.58 1.71
C ARG F 74 20.05 2.14 2.84
N ILE F 75 18.76 2.36 2.56
CA ILE F 75 17.82 2.92 3.52
C ILE F 75 16.83 1.82 3.92
N ALA F 76 16.69 1.61 5.22
CA ALA F 76 15.81 0.58 5.75
C ALA F 76 14.45 1.18 6.13
N GLY F 77 13.50 0.30 6.42
CA GLY F 77 12.18 0.72 6.85
C GLY F 77 12.25 1.50 8.15
N LYS F 78 11.70 2.71 8.15
CA LYS F 78 11.86 3.64 9.25
C LYS F 78 10.69 3.62 10.23
N ASP F 79 9.58 2.98 9.88
CA ASP F 79 8.41 3.00 10.78
C ASP F 79 7.88 1.70 11.40
N TYR F 80 8.10 0.57 10.75
CA TYR F 80 7.59 -0.68 11.29
C TYR F 80 8.73 -1.67 11.44
N PRO F 81 8.62 -2.61 12.37
CA PRO F 81 9.58 -3.72 12.39
C PRO F 81 9.43 -4.58 11.16
N PHE F 82 10.53 -5.25 10.80
CA PHE F 82 10.54 -6.05 9.57
C PHE F 82 9.49 -7.16 9.62
N ALA F 83 9.43 -7.88 10.74
CA ALA F 83 8.50 -9.00 10.88
C ALA F 83 7.50 -8.71 11.98
N GLN F 84 6.26 -9.15 11.77
CA GLN F 84 5.19 -9.01 12.74
C GLN F 84 4.80 -10.39 13.22
N PHE F 85 4.87 -10.61 14.52
CA PHE F 85 4.67 -11.92 15.11
C PHE F 85 3.31 -12.00 15.77
N GLU F 86 2.58 -13.06 15.49
CA GLU F 86 1.30 -13.34 16.11
C GLU F 86 1.30 -14.80 16.56
N PRO F 87 0.52 -15.14 17.58
CA PRO F 87 0.37 -16.56 17.91
C PRO F 87 -0.41 -17.29 16.83
N GLY F 88 -0.18 -18.60 16.75
CA GLY F 88 -0.86 -19.44 15.78
C GLY F 88 -0.37 -19.34 14.36
N VAL F 89 0.76 -18.68 14.11
CA VAL F 89 1.30 -18.52 12.77
C VAL F 89 2.44 -19.52 12.60
N MET F 90 2.80 -19.78 11.35
CA MET F 90 3.98 -20.60 11.07
C MET F 90 5.22 -19.88 11.57
N LEU F 91 5.68 -20.24 12.77
CA LEU F 91 6.84 -19.59 13.37
C LEU F 91 8.11 -20.15 12.74
N ASP F 92 8.81 -19.33 11.98
CA ASP F 92 10.09 -19.71 11.40
C ASP F 92 11.21 -18.88 12.02
N MET F 93 12.40 -19.46 12.11
CA MET F 93 13.52 -18.80 12.75
C MET F 93 14.16 -17.74 11.86
N ALA F 94 14.05 -17.86 10.53
CA ALA F 94 14.65 -16.88 9.63
C ALA F 94 14.12 -15.47 9.89
N SER F 95 12.84 -15.35 10.25
CA SER F 95 12.30 -14.04 10.58
C SER F 95 13.01 -13.43 11.78
N LEU F 96 13.33 -14.25 12.79
CA LEU F 96 14.05 -13.75 13.95
C LEU F 96 15.42 -13.22 13.57
N ASN F 97 16.16 -13.97 12.74
CA ASN F 97 17.46 -13.49 12.29
C ASN F 97 17.35 -12.23 11.44
N ASN F 98 16.36 -12.19 10.55
CA ASN F 98 16.17 -11.02 9.70
C ASN F 98 15.73 -9.82 10.53
N THR F 99 14.86 -10.04 11.51
CA THR F 99 14.36 -8.93 12.33
C THR F 99 15.49 -8.26 13.09
N PHE F 100 16.37 -9.05 13.71
CA PHE F 100 17.49 -8.46 14.44
C PHE F 100 18.42 -7.69 13.52
N ILE F 101 18.71 -8.25 12.33
CA ILE F 101 19.52 -7.53 11.36
C ILE F 101 18.83 -6.24 10.93
N HIS F 102 17.52 -6.30 10.66
CA HIS F 102 16.78 -5.11 10.27
C HIS F 102 16.79 -4.06 11.38
N LEU F 103 16.55 -4.49 12.62
CA LEU F 103 16.57 -3.54 13.74
C LEU F 103 17.99 -3.03 13.98
N LEU F 104 18.99 -3.90 13.81
CA LEU F 104 20.36 -3.43 13.80
C LEU F 104 20.63 -2.51 12.62
N GLU F 105 19.96 -2.75 11.49
CA GLU F 105 20.20 -1.96 10.30
C GLU F 105 19.69 -0.53 10.46
N ILE F 106 18.53 -0.35 11.09
CA ILE F 106 17.96 0.99 11.21
C ILE F 106 18.90 1.90 11.99
N THR F 107 19.67 1.34 12.92
CA THR F 107 20.62 2.13 13.68
C THR F 107 21.90 2.36 12.87
N GLN F 108 22.16 1.51 11.88
CA GLN F 108 23.46 1.50 11.21
C GLN F 108 23.75 2.82 10.51
N GLU F 109 22.81 3.28 9.66
CA GLU F 109 23.05 4.54 8.95
C GLU F 109 23.06 5.73 9.90
N LEU F 110 22.39 5.65 11.05
CA LEU F 110 22.48 6.70 12.04
C LEU F 110 23.91 6.87 12.52
N LEU F 111 24.63 5.76 12.70
CA LEU F 111 26.06 5.83 13.01
C LEU F 111 26.82 6.48 11.86
N ASP F 112 26.43 6.18 10.62
CA ASP F 112 27.10 6.80 9.47
C ASP F 112 26.92 8.30 9.43
N GLY F 113 25.72 8.80 9.75
CA GLY F 113 25.47 10.23 9.75
C GLY F 113 24.26 10.69 8.96
N PHE F 114 23.47 9.76 8.42
CA PHE F 114 22.27 10.14 7.69
C PHE F 114 21.10 10.37 8.65
N TYR F 115 20.30 11.38 8.36
CA TYR F 115 19.08 11.67 9.10
C TYR F 115 17.97 11.94 8.10
N PRO F 116 16.72 11.66 8.48
CA PRO F 116 15.60 11.94 7.57
C PRO F 116 15.42 13.44 7.37
N ASP F 117 14.79 13.80 6.25
CA ASP F 117 14.53 15.20 5.94
C ASP F 117 13.54 15.79 6.92
N GLY F 118 13.57 17.11 7.05
CA GLY F 118 12.78 17.79 8.05
C GLY F 118 13.24 17.50 9.46
N PHE F 119 14.56 17.46 9.67
CA PHE F 119 15.15 17.13 10.96
C PHE F 119 15.75 18.38 11.59
N TYR F 120 15.44 18.61 12.87
CA TYR F 120 16.03 19.70 13.62
C TYR F 120 16.12 19.34 15.09
N LEU F 121 17.25 19.67 15.71
CA LEU F 121 17.43 19.48 17.15
C LEU F 121 16.72 20.61 17.88
N LYS F 122 15.54 20.33 18.42
CA LYS F 122 14.75 21.37 19.04
C LYS F 122 15.18 21.68 20.47
N GLN F 123 16.08 20.90 21.04
CA GLN F 123 16.54 21.16 22.40
C GLN F 123 17.91 21.85 22.37
N ASP F 124 18.31 22.36 23.53
CA ASP F 124 19.62 22.98 23.70
C ASP F 124 20.67 21.90 23.77
N LEU F 125 21.42 21.71 22.69
CA LEU F 125 22.46 20.69 22.67
C LEU F 125 23.75 21.23 23.27
N ASN F 126 24.57 20.31 23.77
CA ASN F 126 25.88 20.61 24.31
C ASN F 126 26.87 19.64 23.72
N MET F 127 28.13 20.07 23.58
CA MET F 127 29.19 19.19 23.10
C MET F 127 30.30 19.02 24.12
N GLY F 128 30.13 19.52 25.33
CA GLY F 128 31.12 19.28 26.39
C GLY F 128 32.51 19.73 26.03
N TRP F 129 32.64 20.94 25.50
CA TRP F 129 33.91 21.58 25.12
C TRP F 129 34.59 20.83 23.98
N ASN F 130 33.87 20.45 22.93
CA ASN F 130 34.51 19.87 21.76
C ASN F 130 34.42 20.80 20.56
N LYS F 131 35.30 20.57 19.58
CA LYS F 131 35.38 21.41 18.39
C LYS F 131 34.21 21.18 17.43
N ILE F 132 33.91 22.21 16.65
CA ILE F 132 33.06 22.13 15.47
C ILE F 132 33.90 22.62 14.30
N VAL F 133 34.10 21.76 13.30
CA VAL F 133 35.04 22.04 12.23
C VAL F 133 34.38 21.80 10.88
N ASN F 134 35.07 22.24 9.82
CA ASN F 134 34.69 21.99 8.44
C ASN F 134 33.31 22.60 8.12
N LEU F 135 33.27 23.93 8.16
CA LEU F 135 32.08 24.70 7.82
C LEU F 135 32.34 25.57 6.59
N MET F 136 31.28 25.80 5.80
CA MET F 136 31.40 26.80 4.74
C MET F 136 30.98 28.16 5.27
N PRO F 137 31.40 29.23 4.60
CA PRO F 137 30.85 30.55 4.92
C PRO F 137 29.33 30.56 4.73
N GLY F 138 28.64 31.26 5.64
CA GLY F 138 27.19 31.33 5.59
C GLY F 138 26.73 32.53 4.78
N THR F 139 25.72 32.30 3.93
CA THR F 139 25.18 33.38 3.11
C THR F 139 24.09 34.15 3.84
N ASP F 140 23.04 33.46 4.27
CA ASP F 140 21.96 34.10 4.99
C ASP F 140 22.36 34.34 6.44
N GLY F 141 21.66 35.28 7.09
CA GLY F 141 21.97 35.61 8.46
C GLY F 141 21.74 34.46 9.43
N GLY F 142 20.84 33.53 9.08
CA GLY F 142 20.59 32.40 9.93
C GLY F 142 21.69 31.35 9.94
N HIS F 143 22.55 31.36 8.93
CA HIS F 143 23.63 30.39 8.85
C HIS F 143 24.74 30.72 9.84
N ALA F 144 25.44 29.68 10.29
CA ALA F 144 26.59 29.85 11.14
C ALA F 144 27.81 30.26 10.30
N VAL F 145 28.85 30.73 10.98
CA VAL F 145 30.03 31.28 10.33
C VAL F 145 31.28 30.60 10.89
N ASN F 146 32.18 30.21 10.00
CA ASN F 146 33.52 29.80 10.40
C ASN F 146 34.39 31.04 10.58
N LYS F 147 35.64 30.85 10.96
CA LYS F 147 36.53 31.99 11.16
C LYS F 147 37.21 32.44 9.88
N THR F 148 36.94 31.76 8.76
CA THR F 148 37.39 32.26 7.46
C THR F 148 36.75 33.61 7.17
N GLN F 149 35.45 33.74 7.44
CA GLN F 149 34.81 35.05 7.38
C GLN F 149 35.38 35.99 8.44
N LEU F 150 35.64 35.47 9.64
CA LEU F 150 36.20 36.29 10.70
C LEU F 150 37.57 36.83 10.31
N ASP F 151 38.39 36.00 9.67
CA ASP F 151 39.66 36.47 9.15
C ASP F 151 39.46 37.53 8.07
N THR F 152 38.48 37.33 7.19
CA THR F 152 38.20 38.34 6.17
C THR F 152 37.75 39.65 6.80
N LEU F 153 36.86 39.58 7.80
CA LEU F 153 36.45 40.79 8.50
C LEU F 153 37.62 41.41 9.26
N SER F 154 38.45 40.57 9.89
CA SER F 154 39.64 41.08 10.55
C SER F 154 40.59 41.70 9.54
N SER F 155 40.70 41.09 8.35
CA SER F 155 41.50 41.71 7.29
C SER F 155 40.88 43.03 6.85
N HIS F 156 39.55 43.09 6.80
CA HIS F 156 38.89 44.32 6.35
C HIS F 156 39.14 45.48 7.33
N VAL F 157 39.08 45.21 8.63
CA VAL F 157 39.29 46.28 9.59
C VAL F 157 40.75 46.72 9.58
N ASP F 158 41.66 45.83 9.17
CA ASP F 158 43.08 46.20 9.11
C ASP F 158 43.33 47.21 8.00
N ASP F 159 42.77 46.97 6.81
CA ASP F 159 43.05 47.87 5.68
C ASP F 159 42.42 49.24 5.89
N VAL F 160 41.21 49.28 6.46
CA VAL F 160 40.57 50.57 6.72
C VAL F 160 41.35 51.33 7.79
N ASP F 161 41.90 50.62 8.77
CA ASP F 161 42.71 51.28 9.78
C ASP F 161 44.06 51.74 9.23
N GLN F 162 44.64 50.99 8.30
CA GLN F 162 45.94 51.38 7.76
C GLN F 162 45.81 52.56 6.79
N LYS F 163 44.70 52.66 6.05
CA LYS F 163 44.52 53.85 5.22
C LYS F 163 44.09 55.04 6.06
N HIS F 164 43.53 54.79 7.25
CA HIS F 164 43.36 55.85 8.22
C HIS F 164 44.71 56.42 8.65
N THR F 165 45.69 55.55 8.87
CA THR F 165 47.01 56.00 9.30
C THR F 165 47.69 56.83 8.22
N ILE F 166 47.63 56.38 6.97
CA ILE F 166 48.36 57.07 5.91
C ILE F 166 47.74 58.44 5.65
N TRP F 167 46.44 58.60 5.88
CA TRP F 167 45.82 59.91 5.72
C TRP F 167 46.39 60.92 6.71
N ASN F 168 46.52 60.52 7.97
CA ASN F 168 47.05 61.41 8.98
C ASN F 168 48.56 61.61 8.81
N ASP F 169 49.26 60.59 8.33
CA ASP F 169 50.70 60.70 8.13
C ASP F 169 51.03 61.81 7.13
N ARG F 170 50.30 61.87 6.02
CA ARG F 170 50.53 62.97 5.08
C ARG F 170 49.92 64.26 5.59
N GLN F 171 48.89 64.17 6.43
CA GLN F 171 48.35 65.36 7.07
C GLN F 171 49.35 65.97 8.03
N ASP F 172 50.15 65.14 8.71
CA ASP F 172 51.22 65.63 9.56
C ASP F 172 52.30 66.34 8.76
N GLN F 173 52.48 65.97 7.48
CA GLN F 173 53.37 66.72 6.60
C GLN F 173 52.87 68.15 6.43
N GLN F 174 51.57 68.32 6.30
CA GLN F 174 50.96 69.65 6.24
C GLN F 174 51.17 70.40 7.55
N TYR G 3 7.57 12.15 13.76
CA TYR G 3 7.56 10.76 14.24
C TYR G 3 7.01 10.67 15.65
N SER G 4 7.91 10.81 16.63
CA SER G 4 7.53 10.62 18.03
C SER G 4 6.76 11.82 18.57
N TYR G 5 7.10 13.02 18.12
CA TYR G 5 6.51 14.22 18.70
C TYR G 5 5.42 14.79 17.80
N VAL G 6 4.38 15.32 18.42
CA VAL G 6 3.31 16.02 17.74
C VAL G 6 3.07 17.34 18.45
N GLU G 7 3.16 18.44 17.72
CA GLU G 7 2.97 19.77 18.27
C GLU G 7 1.57 20.30 17.92
N ARG G 8 0.98 21.03 18.85
CA ARG G 8 -0.36 21.58 18.66
C ARG G 8 -0.40 22.99 19.23
N THR G 9 -0.96 23.91 18.47
CA THR G 9 -1.10 25.30 18.90
C THR G 9 -2.57 25.60 19.10
N GLY G 10 -2.97 25.81 20.36
CA GLY G 10 -4.35 26.10 20.69
C GLY G 10 -4.63 27.58 20.60
N ASP G 11 -5.79 27.92 20.04
CA ASP G 11 -6.20 29.32 19.88
C ASP G 11 -7.63 29.46 20.44
N GLY G 12 -7.72 29.64 21.74
CA GLY G 12 -8.99 29.92 22.40
C GLY G 12 -9.97 28.77 22.41
N VAL G 13 -10.87 28.76 23.40
CA VAL G 13 -12.02 27.87 23.45
C VAL G 13 -11.63 26.40 23.47
N ALA G 14 -10.80 25.98 22.53
CA ALA G 14 -10.48 24.57 22.36
C ALA G 14 -9.83 24.01 23.63
N THR G 15 -10.32 22.84 24.06
CA THR G 15 -9.78 22.16 25.21
C THR G 15 -9.30 20.75 24.93
N THR G 16 -9.55 20.21 23.75
CA THR G 16 -9.16 18.85 23.39
C THR G 16 -8.15 18.91 22.25
N PHE G 17 -7.00 18.28 22.45
CA PHE G 17 -5.93 18.25 21.46
C PHE G 17 -5.56 16.81 21.17
N ASN G 18 -5.24 16.54 19.90
CA ASN G 18 -4.95 15.20 19.45
C ASN G 18 -3.49 15.10 19.01
N PHE G 19 -2.93 13.90 19.09
CA PHE G 19 -1.56 13.61 18.70
C PHE G 19 -1.51 12.29 17.94
N ALA G 20 -0.38 12.04 17.29
CA ALA G 20 -0.20 10.81 16.51
C ALA G 20 1.27 10.38 16.56
N PHE G 21 1.57 9.38 17.38
CA PHE G 21 2.88 8.77 17.37
C PHE G 21 2.98 7.76 16.23
N THR G 22 4.19 7.64 15.70
CA THR G 22 4.43 6.70 14.61
C THR G 22 4.34 5.26 15.10
N GLY G 23 3.90 4.37 14.22
CA GLY G 23 3.80 2.96 14.53
C GLY G 23 2.42 2.41 14.19
N LYS G 24 2.34 1.09 14.23
CA LYS G 24 1.08 0.40 13.95
C LYS G 24 0.09 0.60 15.08
N GLY G 25 -1.17 0.88 14.72
CA GLY G 25 -2.21 1.06 15.71
C GLY G 25 -2.12 2.38 16.43
N LYS G 26 -1.85 2.34 17.73
CA LYS G 26 -1.80 3.56 18.52
C LYS G 26 -0.44 4.25 18.44
N GLY G 27 0.64 3.53 18.70
CA GLY G 27 1.98 4.07 18.66
C GLY G 27 2.72 3.99 19.97
N TYR G 28 2.01 3.93 21.10
CA TYR G 28 2.63 3.85 22.42
C TYR G 28 2.12 2.61 23.14
N LEU G 29 3.01 1.91 23.83
CA LEU G 29 2.66 0.64 24.45
C LEU G 29 1.81 0.86 25.70
N LEU G 30 2.18 1.82 26.54
CA LEU G 30 1.51 2.02 27.82
C LEU G 30 1.09 3.48 27.97
N ALA G 31 0.06 3.68 28.79
CA ALA G 31 -0.53 5.01 28.94
C ALA G 31 0.43 5.97 29.64
N ASN G 32 1.41 5.46 30.39
CA ASN G 32 2.36 6.32 31.07
C ASN G 32 3.42 6.91 30.13
N GLN G 33 3.44 6.48 28.86
CA GLN G 33 4.48 6.92 27.94
C GLN G 33 4.23 8.32 27.37
N ILE G 34 3.04 8.88 27.58
CA ILE G 34 2.71 10.19 27.03
C ILE G 34 3.28 11.28 27.93
N TYR G 35 3.92 12.27 27.31
CA TYR G 35 4.45 13.43 28.02
C TYR G 35 3.93 14.70 27.36
N VAL G 36 3.53 15.66 28.17
CA VAL G 36 2.96 16.92 27.71
C VAL G 36 3.85 18.06 28.18
N GLU G 37 4.35 18.86 27.24
CA GLU G 37 5.20 20.00 27.56
C GLU G 37 4.62 21.26 26.94
N ARG G 38 4.79 22.38 27.65
CA ARG G 38 4.27 23.67 27.24
C ARG G 38 5.42 24.67 27.09
N TRP G 39 5.34 25.48 26.04
CA TRP G 39 6.36 26.49 25.76
C TRP G 39 5.90 27.83 26.31
N ASP G 40 6.63 28.35 27.29
CA ASP G 40 6.31 29.62 27.92
C ASP G 40 6.92 30.82 27.21
N GLY G 41 7.58 30.60 26.08
CA GLY G 41 8.26 31.65 25.35
C GLY G 41 9.76 31.67 25.55
N ALA G 42 10.27 31.02 26.60
CA ALA G 42 11.69 30.95 26.86
C ALA G 42 12.22 29.52 26.82
N SER G 43 11.60 28.61 27.56
CA SER G 43 12.03 27.22 27.60
C SER G 43 10.82 26.32 27.79
N TRP G 44 10.98 25.06 27.39
CA TRP G 44 9.87 24.11 27.46
C TRP G 44 9.66 23.68 28.91
N GLN G 45 8.42 23.87 29.39
CA GLN G 45 8.04 23.49 30.75
C GLN G 45 7.06 22.32 30.68
N SER G 46 6.89 21.66 31.82
CA SER G 46 5.98 20.53 31.91
C SER G 46 4.56 21.03 32.23
N ALA G 47 3.61 20.71 31.35
CA ALA G 47 2.24 21.12 31.57
C ALA G 47 1.60 20.32 32.70
N THR G 48 0.52 20.87 33.24
CA THR G 48 -0.20 20.24 34.34
C THR G 48 -1.70 20.34 34.11
N GLY G 49 -2.43 19.41 34.71
CA GLY G 49 -3.88 19.39 34.62
C GLY G 49 -4.43 18.62 33.43
N TRP G 50 -3.59 18.19 32.51
CA TRP G 50 -4.06 17.44 31.36
C TRP G 50 -4.47 16.02 31.77
N SER G 51 -5.47 15.48 31.08
CA SER G 51 -5.95 14.14 31.33
C SER G 51 -6.31 13.48 30.00
N LEU G 52 -6.28 12.15 29.99
CA LEU G 52 -6.55 11.37 28.79
C LEU G 52 -8.06 11.14 28.67
N SER G 53 -8.67 11.76 27.66
CA SER G 53 -10.10 11.63 27.42
C SER G 53 -10.40 11.06 26.04
N GLY G 54 -9.43 10.40 25.42
CA GLY G 54 -9.62 9.83 24.11
C GLY G 54 -8.51 8.85 23.80
N THR G 55 -8.59 8.27 22.60
CA THR G 55 -7.54 7.36 22.16
C THR G 55 -6.21 8.09 22.02
N ASN G 56 -6.23 9.28 21.41
CA ASN G 56 -5.06 10.14 21.37
C ASN G 56 -5.41 11.60 21.61
N GLN G 57 -6.53 11.86 22.27
CA GLN G 57 -6.93 13.23 22.53
C GLN G 57 -6.99 13.46 24.02
N ILE G 58 -6.39 14.57 24.44
CA ILE G 58 -6.24 14.93 25.84
C ILE G 58 -7.07 16.16 26.13
N THR G 59 -7.61 16.21 27.34
CA THR G 59 -8.50 17.28 27.75
C THR G 59 -7.83 18.11 28.84
N PHE G 60 -7.71 19.41 28.59
CA PHE G 60 -7.16 20.33 29.57
C PHE G 60 -8.26 20.84 30.49
N LEU G 61 -7.86 21.19 31.72
CA LEU G 61 -8.82 21.70 32.68
C LEU G 61 -9.43 23.02 32.21
N THR G 62 -8.61 23.90 31.64
CA THR G 62 -9.05 25.19 31.14
C THR G 62 -8.60 25.36 29.69
N PRO G 63 -9.34 26.13 28.90
CA PRO G 63 -8.91 26.38 27.51
C PRO G 63 -7.56 27.08 27.47
N LEU G 64 -6.76 26.73 26.48
CA LEU G 64 -5.45 27.34 26.32
C LEU G 64 -5.58 28.75 25.75
N ALA G 65 -4.60 29.58 26.07
CA ALA G 65 -4.58 30.94 25.55
C ALA G 65 -4.29 30.92 24.05
N ASN G 66 -4.76 31.96 23.37
CA ASN G 66 -4.55 32.08 21.93
C ASN G 66 -3.06 32.18 21.63
N GLY G 67 -2.61 31.39 20.65
CA GLY G 67 -1.21 31.39 20.26
C GLY G 67 -0.31 30.54 21.11
N GLN G 68 -0.83 29.89 22.15
CA GLN G 68 -0.02 29.02 22.98
C GLN G 68 0.42 27.80 22.19
N VAL G 69 1.69 27.42 22.35
CA VAL G 69 2.28 26.31 21.61
C VAL G 69 2.70 25.22 22.58
N ILE G 70 2.18 24.02 22.37
CA ILE G 70 2.54 22.85 23.16
C ILE G 70 2.82 21.70 22.19
N ARG G 71 3.54 20.69 22.68
CA ARG G 71 3.80 19.51 21.89
C ARG G 71 3.68 18.28 22.76
N ILE G 72 3.40 17.14 22.12
CA ILE G 72 3.16 15.87 22.79
C ILE G 72 4.27 14.91 22.42
N ARG G 73 4.88 14.30 23.43
CA ARG G 73 6.00 13.39 23.24
C ARG G 73 5.66 12.00 23.76
N ARG G 74 6.34 11.00 23.22
CA ARG G 74 6.27 9.63 23.70
C ARG G 74 7.59 9.29 24.37
N ILE G 75 7.54 8.92 25.65
CA ILE G 75 8.72 8.61 26.44
C ILE G 75 8.73 7.12 26.73
N ALA G 76 9.81 6.45 26.37
CA ALA G 76 9.96 5.02 26.58
C ALA G 76 11.16 4.75 27.48
N GLY G 77 11.07 3.66 28.24
CA GLY G 77 12.16 3.25 29.12
C GLY G 77 13.45 3.01 28.37
N LYS G 78 14.54 3.62 28.84
CA LYS G 78 15.82 3.56 28.16
C LYS G 78 16.84 2.69 28.87
N ASP G 79 16.42 1.90 29.86
CA ASP G 79 17.35 1.09 30.64
C ASP G 79 17.11 -0.40 30.52
N TYR G 80 15.86 -0.86 30.57
CA TYR G 80 15.59 -2.28 30.65
C TYR G 80 14.83 -2.76 29.41
N PRO G 81 15.05 -4.01 29.00
CA PRO G 81 14.21 -4.59 27.95
C PRO G 81 12.78 -4.78 28.43
N PHE G 82 11.85 -4.76 27.48
CA PHE G 82 10.44 -4.78 27.83
C PHE G 82 10.05 -6.08 28.52
N ALA G 83 10.56 -7.22 28.05
CA ALA G 83 10.19 -8.51 28.60
C ALA G 83 11.42 -9.39 28.73
N GLN G 84 11.34 -10.34 29.67
CA GLN G 84 12.40 -11.30 29.93
C GLN G 84 11.82 -12.72 29.85
N PHE G 85 12.57 -13.63 29.24
CA PHE G 85 12.14 -15.01 29.04
C PHE G 85 12.94 -15.95 29.94
N GLU G 86 12.22 -16.86 30.59
CA GLU G 86 12.72 -17.72 31.66
C GLU G 86 12.24 -19.15 31.43
N PRO G 87 12.87 -20.13 32.08
CA PRO G 87 12.48 -21.53 31.84
C PRO G 87 11.05 -21.83 32.26
N GLY G 88 10.41 -22.71 31.49
CA GLY G 88 9.15 -23.28 31.86
C GLY G 88 7.94 -22.41 31.64
N VAL G 89 8.04 -21.36 30.82
CA VAL G 89 6.95 -20.42 30.61
C VAL G 89 6.54 -20.47 29.15
N MET G 90 5.24 -20.30 28.91
CA MET G 90 4.73 -20.19 27.56
C MET G 90 5.39 -19.01 26.86
N LEU G 91 5.87 -19.25 25.64
CA LEU G 91 6.40 -18.15 24.84
C LEU G 91 5.25 -17.27 24.37
N ASP G 92 5.28 -16.00 24.76
CA ASP G 92 4.16 -15.08 24.54
C ASP G 92 4.50 -14.16 23.37
N MET G 93 3.75 -14.29 22.28
CA MET G 93 3.96 -13.42 21.12
C MET G 93 3.56 -11.98 21.44
N ALA G 94 2.62 -11.79 22.36
CA ALA G 94 2.25 -10.43 22.76
C ALA G 94 3.43 -9.71 23.38
N SER G 95 4.17 -10.39 24.26
CA SER G 95 5.39 -9.81 24.82
C SER G 95 6.46 -9.66 23.74
N LEU G 96 6.58 -10.64 22.85
CA LEU G 96 7.60 -10.59 21.81
C LEU G 96 7.36 -9.41 20.87
N ASN G 97 6.11 -9.19 20.48
CA ASN G 97 5.80 -8.04 19.64
C ASN G 97 6.03 -6.73 20.37
N ASN G 98 5.65 -6.67 21.65
CA ASN G 98 5.80 -5.44 22.41
C ASN G 98 7.28 -5.07 22.59
N THR G 99 8.13 -6.06 22.81
CA THR G 99 9.55 -5.79 22.99
C THR G 99 10.17 -5.16 21.74
N PHE G 100 9.83 -5.70 20.56
CA PHE G 100 10.38 -5.15 19.33
C PHE G 100 9.93 -3.72 19.11
N ILE G 101 8.67 -3.42 19.43
CA ILE G 101 8.20 -2.04 19.36
C ILE G 101 8.94 -1.17 20.36
N HIS G 102 9.21 -1.70 21.55
CA HIS G 102 9.95 -0.94 22.56
C HIS G 102 11.35 -0.62 22.09
N LEU G 103 12.03 -1.58 21.46
CA LEU G 103 13.37 -1.32 20.95
C LEU G 103 13.33 -0.34 19.78
N LEU G 104 12.25 -0.35 19.01
CA LEU G 104 12.12 0.62 17.93
C LEU G 104 11.78 2.00 18.46
N GLU G 105 10.80 2.08 19.38
CA GLU G 105 10.26 3.38 19.77
C GLU G 105 11.32 4.26 20.43
N ILE G 106 12.36 3.66 21.01
CA ILE G 106 13.45 4.46 21.54
C ILE G 106 14.29 5.02 20.41
N THR G 107 14.30 4.35 19.25
CA THR G 107 15.12 4.83 18.14
C THR G 107 14.53 6.08 17.52
N GLN G 108 13.21 6.11 17.28
CA GLN G 108 12.59 7.32 16.75
C GLN G 108 12.76 8.49 17.71
N GLU G 109 12.77 8.21 19.02
CA GLU G 109 13.10 9.25 19.99
C GLU G 109 14.48 9.83 19.68
N LEU G 110 15.48 8.96 19.53
CA LEU G 110 16.82 9.42 19.16
C LEU G 110 16.87 9.90 17.71
N LEU G 111 16.06 9.29 16.83
CA LEU G 111 16.09 9.66 15.42
C LEU G 111 15.56 11.07 15.19
N ASP G 112 14.66 11.53 16.05
CA ASP G 112 14.10 12.87 15.95
C ASP G 112 14.88 13.89 16.79
N GLY G 113 16.05 13.52 17.29
CA GLY G 113 16.89 14.46 18.01
C GLY G 113 16.58 14.62 19.48
N PHE G 114 15.58 13.91 20.00
CA PHE G 114 15.25 14.01 21.41
C PHE G 114 16.38 13.42 22.25
N TYR G 115 17.11 14.29 22.94
CA TYR G 115 18.26 13.88 23.72
C TYR G 115 17.95 14.05 25.21
N PRO G 116 18.45 13.16 26.06
CA PRO G 116 18.18 13.28 27.50
C PRO G 116 18.87 14.51 28.07
N ASP G 117 18.37 14.95 29.23
CA ASP G 117 18.98 16.09 29.91
C ASP G 117 20.40 15.75 30.35
N GLY G 118 21.25 16.77 30.40
CA GLY G 118 22.65 16.54 30.71
C GLY G 118 23.38 15.76 29.65
N PHE G 119 23.16 16.09 28.39
CA PHE G 119 23.74 15.37 27.26
C PHE G 119 24.81 16.23 26.60
N TYR G 120 25.98 15.63 26.37
CA TYR G 120 27.01 16.27 25.55
C TYR G 120 27.91 15.18 24.98
N LEU G 121 28.16 15.25 23.68
CA LEU G 121 29.05 14.28 23.04
C LEU G 121 30.50 14.58 23.40
N LYS G 122 31.24 13.52 23.73
CA LYS G 122 32.57 13.68 24.32
C LYS G 122 33.67 13.90 23.30
N GLN G 123 33.35 13.90 22.01
CA GLN G 123 34.36 13.88 20.96
C GLN G 123 34.06 14.96 19.93
N ASP G 124 35.11 15.36 19.22
CA ASP G 124 34.96 16.32 18.13
C ASP G 124 34.08 15.75 17.03
N LEU G 125 33.15 16.56 16.54
CA LEU G 125 32.27 16.16 15.46
C LEU G 125 32.40 17.13 14.28
N ASN G 126 32.45 16.56 13.08
CA ASN G 126 32.52 17.32 11.85
C ASN G 126 31.35 16.91 10.96
N MET G 127 30.78 17.87 10.24
CA MET G 127 29.66 17.62 9.36
C MET G 127 30.05 17.48 7.90
N GLY G 128 31.36 17.36 7.62
CA GLY G 128 31.82 17.11 6.26
C GLY G 128 31.31 18.07 5.22
N TRP G 129 31.66 19.36 5.36
CA TRP G 129 31.24 20.40 4.43
C TRP G 129 29.73 20.50 4.36
N ASN G 130 29.11 20.78 5.51
CA ASN G 130 27.67 21.00 5.59
C ASN G 130 27.39 22.23 6.43
N LYS G 131 26.30 22.92 6.11
CA LYS G 131 25.99 24.19 6.75
C LYS G 131 25.22 23.99 8.04
N ILE G 132 25.29 24.99 8.90
CA ILE G 132 24.41 25.09 10.07
C ILE G 132 23.42 26.20 9.80
N VAL G 133 22.13 25.93 9.99
CA VAL G 133 21.08 26.86 9.63
C VAL G 133 20.19 27.13 10.84
N ASN G 134 19.47 28.26 10.77
CA ASN G 134 18.40 28.58 11.71
C ASN G 134 18.92 28.66 13.14
N LEU G 135 19.78 29.65 13.38
CA LEU G 135 20.42 29.85 14.67
C LEU G 135 20.41 31.34 15.00
N MET G 136 19.76 31.71 16.11
CA MET G 136 19.74 33.13 16.49
C MET G 136 21.08 33.53 17.11
N PRO G 137 21.33 34.84 17.20
CA PRO G 137 22.56 35.31 17.85
C PRO G 137 22.77 34.69 19.22
N GLY G 138 24.04 34.42 19.53
CA GLY G 138 24.37 33.85 20.82
C GLY G 138 24.32 34.88 21.93
N THR G 139 24.34 34.38 23.17
CA THR G 139 24.26 35.22 24.36
C THR G 139 25.53 35.20 25.19
N ASP G 140 26.06 34.03 25.49
CA ASP G 140 27.28 33.90 26.29
C ASP G 140 28.51 34.00 25.39
N GLY G 141 29.63 34.36 26.00
CA GLY G 141 30.88 34.43 25.26
C GLY G 141 31.29 33.09 24.69
N GLY G 142 30.95 31.99 25.37
CA GLY G 142 31.20 30.66 24.89
C GLY G 142 30.19 30.14 23.89
N HIS G 143 29.19 30.95 23.55
CA HIS G 143 28.19 30.56 22.57
C HIS G 143 28.62 30.96 21.17
N ALA G 144 28.16 30.19 20.19
CA ALA G 144 28.52 30.47 18.80
C ALA G 144 27.76 31.69 18.28
N VAL G 145 28.25 32.23 17.17
CA VAL G 145 27.67 33.40 16.53
C VAL G 145 27.40 33.05 15.07
N ASN G 146 26.31 33.61 14.54
CA ASN G 146 25.91 33.36 13.16
C ASN G 146 26.25 34.57 12.29
N LYS G 147 25.79 34.55 11.04
CA LYS G 147 26.06 35.62 10.10
C LYS G 147 25.43 36.94 10.51
N THR G 148 24.28 36.91 11.19
CA THR G 148 23.61 38.15 11.56
C THR G 148 24.47 39.00 12.49
N GLN G 149 25.12 38.38 13.48
CA GLN G 149 26.03 39.11 14.33
C GLN G 149 27.22 39.62 13.54
N LEU G 150 27.74 38.80 12.62
CA LEU G 150 28.85 39.24 11.77
C LEU G 150 28.43 40.42 10.90
N ASP G 151 27.20 40.39 10.39
CA ASP G 151 26.70 41.52 9.62
C ASP G 151 26.61 42.77 10.50
N THR G 152 26.16 42.61 11.74
CA THR G 152 26.07 43.75 12.65
C THR G 152 27.44 44.37 12.90
N LEU G 153 28.43 43.53 13.18
CA LEU G 153 29.79 44.04 13.41
C LEU G 153 30.36 44.66 12.14
N SER G 154 30.13 44.02 10.99
CA SER G 154 30.63 44.56 9.73
C SER G 154 30.01 45.91 9.41
N SER G 155 28.71 46.06 9.68
CA SER G 155 28.05 47.35 9.46
C SER G 155 28.64 48.41 10.38
N HIS G 156 28.95 48.04 11.63
CA HIS G 156 29.56 48.99 12.56
C HIS G 156 30.93 49.43 12.09
N VAL G 157 31.71 48.50 11.51
CA VAL G 157 33.00 48.87 10.95
C VAL G 157 32.82 49.84 9.79
N ASP G 158 31.78 49.64 8.99
CA ASP G 158 31.45 50.62 7.96
C ASP G 158 31.05 51.95 8.57
N ASP G 159 30.34 51.92 9.69
CA ASP G 159 29.90 53.15 10.34
C ASP G 159 31.10 53.95 10.85
N VAL G 160 32.06 53.29 11.50
CA VAL G 160 33.25 54.01 11.95
C VAL G 160 34.10 54.43 10.75
N ASP G 161 34.09 53.64 9.67
CA ASP G 161 34.79 54.03 8.45
C ASP G 161 34.20 55.31 7.87
N GLN G 162 32.86 55.37 7.74
CA GLN G 162 32.25 56.51 7.09
C GLN G 162 32.35 57.77 7.95
N LYS G 163 32.23 57.65 9.26
CA LYS G 163 32.33 58.85 10.09
C LYS G 163 33.78 59.30 10.20
N HIS G 164 34.74 58.40 9.98
CA HIS G 164 36.12 58.81 9.77
C HIS G 164 36.25 59.67 8.53
N THR G 165 35.57 59.27 7.45
CA THR G 165 35.67 60.00 6.19
C THR G 165 35.09 61.40 6.32
N ILE G 166 33.94 61.55 6.97
CA ILE G 166 33.38 62.88 7.14
C ILE G 166 34.22 63.70 8.09
N TRP G 167 34.79 63.05 9.13
CA TRP G 167 35.62 63.77 10.09
C TRP G 167 36.94 64.20 9.47
N ASN G 168 37.55 63.34 8.66
CA ASN G 168 38.86 63.67 8.12
C ASN G 168 38.76 64.63 6.93
N ASP G 169 37.64 64.59 6.20
CA ASP G 169 37.54 65.39 4.98
C ASP G 169 37.38 66.87 5.28
N ARG G 170 36.52 67.25 6.23
CA ARG G 170 36.33 68.68 6.42
C ARG G 170 37.50 69.34 7.12
N GLN G 171 38.36 68.54 7.77
CA GLN G 171 39.63 69.07 8.25
C GLN G 171 40.58 69.35 7.10
N ASP G 172 40.46 68.58 6.02
CA ASP G 172 41.38 68.72 4.89
C ASP G 172 41.29 70.10 4.25
N GLN G 173 40.17 70.79 4.42
CA GLN G 173 40.03 72.14 3.89
C GLN G 173 40.85 73.17 4.67
N GLN G 174 41.39 72.81 5.84
CA GLN G 174 42.27 73.71 6.56
C GLN G 174 43.54 72.98 6.98
N TYR H 3 25.07 6.46 32.62
CA TYR H 3 24.72 5.41 31.68
C TYR H 3 25.89 4.48 31.41
N SER H 4 26.33 4.42 30.15
CA SER H 4 27.41 3.52 29.77
C SER H 4 28.75 4.00 30.31
N TYR H 5 29.03 5.29 30.18
CA TYR H 5 30.32 5.81 30.62
C TYR H 5 30.29 6.11 32.11
N VAL H 6 31.46 6.02 32.74
CA VAL H 6 31.62 6.39 34.14
C VAL H 6 32.87 7.27 34.25
N GLU H 7 32.70 8.48 34.76
CA GLU H 7 33.81 9.39 35.00
C GLU H 7 34.38 9.12 36.38
N ARG H 8 35.67 8.78 36.44
CA ARG H 8 36.33 8.44 37.68
C ARG H 8 37.60 9.26 37.83
N THR H 9 37.76 9.89 38.99
CA THR H 9 38.93 10.69 39.32
C THR H 9 39.59 10.05 40.54
N GLY H 10 40.45 9.05 40.28
CA GLY H 10 41.21 8.41 41.33
C GLY H 10 42.68 8.70 41.20
N ASP H 11 43.25 9.39 42.18
CA ASP H 11 44.64 9.83 42.11
C ASP H 11 45.30 9.70 43.47
N GLY H 12 46.52 9.19 43.46
CA GLY H 12 47.29 9.06 44.69
C GLY H 12 47.07 7.74 45.39
N VAL H 13 48.14 6.95 45.53
CA VAL H 13 48.15 5.72 46.30
C VAL H 13 47.19 4.67 45.70
N ALA H 14 45.92 5.04 45.59
CA ALA H 14 44.90 4.09 45.13
C ALA H 14 45.22 3.56 43.75
N THR H 15 45.11 2.23 43.60
CA THR H 15 45.37 1.56 42.33
C THR H 15 44.15 0.87 41.75
N THR H 16 43.06 0.74 42.49
CA THR H 16 41.87 0.04 42.03
C THR H 16 40.67 0.97 42.06
N PHE H 17 39.78 0.80 41.09
CA PHE H 17 38.57 1.61 40.97
C PHE H 17 37.39 0.69 40.70
N ASN H 18 36.22 1.11 41.19
CA ASN H 18 34.99 0.34 41.03
C ASN H 18 34.02 1.11 40.15
N PHE H 19 33.37 0.40 39.22
CA PHE H 19 32.46 1.01 38.26
C PHE H 19 31.16 0.22 38.22
N ALA H 20 30.06 0.94 38.01
CA ALA H 20 28.74 0.35 37.89
C ALA H 20 28.10 0.82 36.59
N PHE H 21 27.48 -0.10 35.87
CA PHE H 21 26.88 0.17 34.57
C PHE H 21 25.38 -0.07 34.62
N THR H 22 24.65 0.68 33.80
CA THR H 22 23.21 0.50 33.71
C THR H 22 22.88 -0.78 32.97
N GLY H 23 22.03 -1.61 33.58
CA GLY H 23 21.67 -2.88 32.98
C GLY H 23 21.49 -4.00 33.98
N LYS H 24 21.76 -5.23 33.56
CA LYS H 24 21.58 -6.40 34.39
C LYS H 24 22.94 -6.94 34.84
N GLY H 25 23.09 -7.17 36.13
CA GLY H 25 24.32 -7.75 36.65
C GLY H 25 25.52 -6.88 36.34
N LYS H 26 26.56 -7.51 35.79
CA LYS H 26 27.78 -6.80 35.44
C LYS H 26 27.57 -5.76 34.36
N GLY H 27 26.48 -5.85 33.60
CA GLY H 27 26.12 -4.82 32.66
C GLY H 27 26.86 -4.84 31.33
N TYR H 28 27.73 -5.82 31.09
CA TYR H 28 28.43 -5.92 29.83
C TYR H 28 28.34 -7.35 29.30
N LEU H 29 28.35 -7.47 27.97
CA LEU H 29 28.21 -8.78 27.35
C LEU H 29 29.47 -9.61 27.53
N LEU H 30 30.63 -9.02 27.26
CA LEU H 30 31.90 -9.74 27.29
C LEU H 30 32.97 -8.85 27.90
N ALA H 31 34.09 -9.48 28.26
CA ALA H 31 35.18 -8.75 28.91
C ALA H 31 35.78 -7.71 27.97
N ASN H 32 35.90 -8.03 26.68
CA ASN H 32 36.53 -7.13 25.73
C ASN H 32 35.73 -5.84 25.50
N GLN H 33 34.47 -5.79 25.95
CA GLN H 33 33.68 -4.58 25.78
C GLN H 33 34.25 -3.42 26.58
N ILE H 34 34.73 -3.69 27.80
CA ILE H 34 35.24 -2.64 28.65
C ILE H 34 36.48 -2.01 28.02
N TYR H 35 36.52 -0.68 28.02
CA TYR H 35 37.63 0.05 27.45
C TYR H 35 37.88 1.29 28.30
N VAL H 36 39.16 1.63 28.46
CA VAL H 36 39.58 2.66 29.41
C VAL H 36 40.18 3.82 28.62
N GLU H 37 39.86 5.04 29.03
CA GLU H 37 40.38 6.25 28.42
C GLU H 37 41.00 7.13 29.49
N ARG H 38 42.15 7.73 29.16
CA ARG H 38 42.84 8.64 30.05
C ARG H 38 42.99 10.00 29.36
N TRP H 39 42.74 11.07 30.12
CA TRP H 39 42.80 12.43 29.60
C TRP H 39 44.06 13.11 30.13
N ASP H 40 44.91 13.58 29.23
CA ASP H 40 46.20 14.15 29.59
C ASP H 40 46.15 15.67 29.73
N GLY H 41 44.96 16.25 29.78
CA GLY H 41 44.79 17.69 29.84
C GLY H 41 44.51 18.34 28.50
N ALA H 42 44.78 17.65 27.40
CA ALA H 42 44.48 18.15 26.06
C ALA H 42 43.46 17.29 25.34
N SER H 43 43.69 15.99 25.26
CA SER H 43 42.81 15.09 24.54
C SER H 43 42.79 13.74 25.24
N TRP H 44 41.84 12.89 24.83
CA TRP H 44 41.70 11.56 25.39
C TRP H 44 42.46 10.53 24.56
N GLN H 45 43.04 9.54 25.23
CA GLN H 45 43.77 8.49 24.56
C GLN H 45 43.65 7.20 25.38
N SER H 46 43.94 6.08 24.73
CA SER H 46 43.80 4.78 25.38
C SER H 46 44.76 4.65 26.55
N ALA H 47 44.27 4.06 27.64
CA ALA H 47 45.10 3.83 28.81
C ALA H 47 45.95 2.57 28.64
N THR H 48 47.01 2.48 29.43
CA THR H 48 47.93 1.36 29.40
C THR H 48 48.10 0.79 30.81
N GLY H 49 48.37 -0.52 30.87
CA GLY H 49 48.64 -1.19 32.12
C GLY H 49 47.42 -1.60 32.91
N TRP H 50 46.22 -1.21 32.49
CA TRP H 50 45.01 -1.58 33.21
C TRP H 50 44.68 -3.06 32.97
N SER H 51 43.97 -3.65 33.94
CA SER H 51 43.54 -5.02 33.84
C SER H 51 42.18 -5.18 34.50
N LEU H 52 41.44 -6.20 34.08
CA LEU H 52 40.12 -6.48 34.62
C LEU H 52 40.27 -7.41 35.81
N SER H 53 40.00 -6.90 37.01
CA SER H 53 40.20 -7.69 38.22
C SER H 53 39.17 -8.81 38.33
N GLY H 54 37.89 -8.49 38.12
CA GLY H 54 36.84 -9.48 38.23
C GLY H 54 35.62 -9.14 37.40
N THR H 55 34.44 -9.54 37.88
CA THR H 55 33.20 -9.19 37.18
C THR H 55 33.00 -7.68 37.16
N ASN H 56 33.36 -7.00 38.24
CA ASN H 56 33.36 -5.55 38.31
C ASN H 56 34.70 -5.10 38.87
N GLN H 57 34.89 -3.77 38.89
CA GLN H 57 36.05 -3.04 39.40
C GLN H 57 37.38 -3.49 38.81
N ILE H 58 38.22 -2.52 38.45
CA ILE H 58 39.51 -2.79 37.82
C ILE H 58 40.62 -2.24 38.69
N THR H 59 41.81 -2.81 38.56
CA THR H 59 42.97 -2.44 39.33
C THR H 59 44.11 -2.09 38.40
N PHE H 60 44.77 -0.96 38.67
CA PHE H 60 45.93 -0.53 37.89
C PHE H 60 47.21 -1.06 38.54
N LEU H 61 48.24 -1.23 37.71
CA LEU H 61 49.50 -1.76 38.20
C LEU H 61 50.22 -0.76 39.09
N THR H 62 50.07 0.53 38.82
CA THR H 62 50.69 1.58 39.61
C THR H 62 49.65 2.61 40.02
N PRO H 63 49.85 3.29 41.14
CA PRO H 63 48.92 4.36 41.53
C PRO H 63 48.91 5.48 40.48
N LEU H 64 47.73 6.03 40.25
CA LEU H 64 47.60 7.12 39.28
C LEU H 64 48.19 8.40 39.85
N ALA H 65 48.77 9.22 38.98
CA ALA H 65 49.35 10.47 39.39
C ALA H 65 48.27 11.42 39.92
N ASN H 66 48.69 12.34 40.79
CA ASN H 66 47.76 13.28 41.40
C ASN H 66 47.05 14.10 40.33
N GLY H 67 45.73 14.21 40.47
CA GLY H 67 44.93 14.96 39.52
C GLY H 67 44.56 14.23 38.26
N GLN H 68 44.85 12.94 38.16
CA GLN H 68 44.55 12.17 36.95
C GLN H 68 43.06 11.85 36.89
N VAL H 69 42.51 11.89 35.68
CA VAL H 69 41.11 11.61 35.42
C VAL H 69 41.01 10.55 34.34
N ILE H 70 40.17 9.54 34.56
CA ILE H 70 39.94 8.48 33.59
C ILE H 70 38.44 8.24 33.50
N ARG H 71 38.03 7.59 32.40
CA ARG H 71 36.64 7.21 32.20
C ARG H 71 36.58 5.74 31.79
N ILE H 72 35.52 5.06 32.23
CA ILE H 72 35.29 3.67 31.87
C ILE H 72 34.08 3.63 30.95
N ARG H 73 34.29 3.17 29.72
CA ARG H 73 33.25 3.15 28.70
C ARG H 73 32.91 1.72 28.32
N ARG H 74 31.75 1.54 27.70
CA ARG H 74 31.28 0.26 27.23
C ARG H 74 31.04 0.35 25.73
N ILE H 75 31.90 -0.31 24.95
CA ILE H 75 31.80 -0.33 23.49
C ILE H 75 31.49 -1.75 23.05
N ALA H 76 30.55 -1.88 22.13
CA ALA H 76 30.11 -3.17 21.63
C ALA H 76 30.14 -3.17 20.11
N GLY H 77 30.28 -4.36 19.53
CA GLY H 77 30.26 -4.50 18.08
C GLY H 77 28.97 -4.01 17.47
N LYS H 78 29.08 -3.15 16.45
CA LYS H 78 27.92 -2.54 15.84
C LYS H 78 27.53 -3.17 14.51
N ASP H 79 28.47 -3.78 13.80
CA ASP H 79 28.19 -4.33 12.48
C ASP H 79 27.41 -5.65 12.54
N TYR H 80 27.62 -6.44 13.60
CA TYR H 80 27.09 -7.79 13.63
C TYR H 80 26.14 -7.98 14.81
N PRO H 81 25.07 -8.74 14.63
CA PRO H 81 24.24 -9.13 15.78
C PRO H 81 25.01 -10.05 16.71
N PHE H 82 24.66 -9.97 18.00
CA PHE H 82 25.41 -10.72 19.01
C PHE H 82 25.31 -12.23 18.80
N ALA H 83 24.11 -12.73 18.50
CA ALA H 83 23.89 -14.16 18.35
C ALA H 83 23.15 -14.43 17.05
N GLN H 84 23.68 -15.38 16.27
CA GLN H 84 23.06 -15.83 15.03
C GLN H 84 22.53 -17.23 15.24
N PHE H 85 21.31 -17.48 14.75
CA PHE H 85 20.60 -18.73 14.98
C PHE H 85 20.71 -19.62 13.75
N GLU H 86 20.68 -20.95 13.97
CA GLU H 86 20.82 -21.97 12.94
C GLU H 86 19.66 -22.95 12.98
N PRO H 87 19.32 -23.58 11.87
CA PRO H 87 18.27 -24.62 11.91
C PRO H 87 18.70 -25.80 12.77
N GLY H 88 17.72 -26.39 13.44
CA GLY H 88 17.95 -27.58 14.23
C GLY H 88 18.87 -27.41 15.42
N VAL H 89 18.90 -26.21 16.00
CA VAL H 89 19.62 -25.96 17.24
C VAL H 89 18.57 -25.52 18.26
N MET H 90 18.98 -25.47 19.52
CA MET H 90 18.05 -25.05 20.56
C MET H 90 18.30 -23.61 20.97
N LEU H 91 17.22 -22.88 21.22
CA LEU H 91 17.27 -21.50 21.70
C LEU H 91 17.50 -21.52 23.21
N ASP H 92 18.52 -20.81 23.67
CA ASP H 92 18.77 -20.66 25.09
C ASP H 92 18.49 -19.23 25.52
N MET H 93 18.20 -19.08 26.80
CA MET H 93 17.77 -17.80 27.33
C MET H 93 18.92 -16.82 27.39
N ALA H 94 20.14 -17.32 27.48
CA ALA H 94 21.30 -16.44 27.48
C ALA H 94 21.37 -15.63 26.18
N SER H 95 21.30 -16.31 25.03
CA SER H 95 21.42 -15.62 23.77
C SER H 95 20.20 -14.74 23.48
N LEU H 96 19.01 -15.24 23.81
CA LEU H 96 17.79 -14.50 23.51
C LEU H 96 17.73 -13.20 24.30
N ASN H 97 18.01 -13.25 25.60
CA ASN H 97 17.98 -12.04 26.42
C ASN H 97 19.12 -11.10 26.05
N ASN H 98 20.30 -11.67 25.77
CA ASN H 98 21.47 -10.84 25.45
C ASN H 98 21.28 -10.06 24.16
N THR H 99 20.63 -10.68 23.17
CA THR H 99 20.42 -10.00 21.89
C THR H 99 19.59 -8.74 22.06
N PHE H 100 18.52 -8.81 22.86
CA PHE H 100 17.78 -7.61 23.22
C PHE H 100 18.65 -6.67 24.03
N ILE H 101 19.44 -7.21 24.96
CA ILE H 101 20.33 -6.38 25.76
C ILE H 101 21.36 -5.68 24.87
N HIS H 102 21.96 -6.42 23.94
CA HIS H 102 22.92 -5.82 23.02
C HIS H 102 22.27 -4.72 22.18
N LEU H 103 21.09 -5.00 21.62
CA LEU H 103 20.42 -4.01 20.80
C LEU H 103 20.00 -2.80 21.64
N LEU H 104 19.59 -3.04 22.88
CA LEU H 104 19.33 -1.93 23.78
C LEU H 104 20.62 -1.21 24.17
N GLU H 105 21.73 -1.94 24.28
CA GLU H 105 22.99 -1.34 24.71
C GLU H 105 23.53 -0.39 23.66
N ILE H 106 23.49 -0.79 22.38
CA ILE H 106 24.06 0.04 21.33
C ILE H 106 23.28 1.35 21.19
N THR H 107 21.97 1.29 21.38
CA THR H 107 21.17 2.52 21.36
C THR H 107 21.57 3.45 22.50
N GLN H 108 21.83 2.88 23.69
CA GLN H 108 22.20 3.71 24.84
C GLN H 108 23.53 4.41 24.60
N GLU H 109 24.44 3.78 23.86
CA GLU H 109 25.74 4.39 23.60
C GLU H 109 25.58 5.70 22.83
N LEU H 110 24.69 5.72 21.83
CA LEU H 110 24.42 6.96 21.11
C LEU H 110 23.72 7.99 21.99
N LEU H 111 23.02 7.55 23.03
CA LEU H 111 22.36 8.48 23.94
C LEU H 111 23.35 9.20 24.85
N ASP H 112 24.58 8.71 24.94
CA ASP H 112 25.63 9.33 25.74
C ASP H 112 26.53 10.24 24.93
N GLY H 113 26.26 10.41 23.64
CA GLY H 113 27.09 11.21 22.78
C GLY H 113 28.29 10.50 22.20
N PHE H 114 28.46 9.21 22.48
CA PHE H 114 29.58 8.47 21.91
C PHE H 114 29.33 8.24 20.42
N TYR H 115 30.37 8.42 19.62
CA TYR H 115 30.30 8.22 18.19
C TYR H 115 31.55 7.51 17.71
N PRO H 116 31.46 6.74 16.64
CA PRO H 116 32.64 6.03 16.14
C PRO H 116 33.55 6.96 15.36
N ASP H 117 34.80 6.52 15.19
CA ASP H 117 35.77 7.29 14.42
C ASP H 117 35.39 7.28 12.94
N GLY H 118 35.82 8.33 12.24
CA GLY H 118 35.41 8.50 10.86
C GLY H 118 33.93 8.79 10.69
N PHE H 119 33.37 9.60 11.58
CA PHE H 119 31.96 9.98 11.55
C PHE H 119 31.85 11.42 11.06
N TYR H 120 31.12 11.61 9.97
CA TYR H 120 30.82 12.96 9.49
C TYR H 120 29.43 12.97 8.88
N LEU H 121 28.71 14.08 9.08
CA LEU H 121 27.38 14.21 8.53
C LEU H 121 27.44 14.40 7.03
N LYS H 122 26.41 13.90 6.33
CA LYS H 122 26.34 14.08 4.89
C LYS H 122 25.49 15.29 4.51
N GLN H 123 24.38 15.50 5.19
CA GLN H 123 23.50 16.63 4.90
C GLN H 123 23.56 17.65 6.03
N ASP H 124 23.23 18.89 5.69
CA ASP H 124 23.15 19.93 6.70
C ASP H 124 22.02 19.64 7.67
N LEU H 125 22.22 20.03 8.93
CA LEU H 125 21.23 19.82 9.98
C LEU H 125 20.65 21.16 10.40
N ASN H 126 19.35 21.16 10.66
CA ASN H 126 18.62 22.36 11.05
C ASN H 126 18.70 22.53 12.56
N MET H 127 19.09 23.73 13.01
CA MET H 127 19.17 23.97 14.44
C MET H 127 17.80 24.20 15.06
N GLY H 128 16.84 24.69 14.29
CA GLY H 128 15.50 24.90 14.82
C GLY H 128 15.43 25.91 15.95
N TRP H 129 16.15 27.02 15.82
CA TRP H 129 16.12 28.12 16.80
C TRP H 129 16.53 27.63 18.18
N ASN H 130 17.80 27.25 18.30
CA ASN H 130 18.39 26.83 19.56
C ASN H 130 19.77 27.46 19.69
N LYS H 131 20.54 27.02 20.68
CA LYS H 131 21.82 27.63 21.01
C LYS H 131 22.97 26.64 20.84
N ILE H 132 24.18 27.18 20.81
CA ILE H 132 25.43 26.42 20.91
C ILE H 132 26.15 26.93 22.15
N VAL H 133 26.72 26.02 22.93
CA VAL H 133 27.29 26.37 24.22
C VAL H 133 28.74 25.89 24.30
N ASN H 134 29.47 26.47 25.26
CA ASN H 134 30.78 25.99 25.75
C ASN H 134 31.67 25.44 24.63
N LEU H 135 31.99 26.31 23.68
CA LEU H 135 32.87 25.98 22.56
C LEU H 135 34.13 26.83 22.64
N MET H 136 35.28 26.19 22.45
CA MET H 136 36.55 26.92 22.48
C MET H 136 36.70 27.72 21.19
N PRO H 137 37.58 28.72 21.15
CA PRO H 137 37.85 29.38 19.87
C PRO H 137 38.56 28.44 18.91
N GLY H 138 38.23 28.60 17.62
CA GLY H 138 38.72 27.68 16.63
C GLY H 138 40.20 27.84 16.33
N THR H 139 40.76 26.81 15.69
CA THR H 139 42.18 26.78 15.33
C THR H 139 42.41 27.00 13.85
N ASP H 140 41.66 26.31 13.00
CA ASP H 140 41.81 26.44 11.55
C ASP H 140 40.56 27.12 11.00
N GLY H 141 40.70 27.66 9.78
CA GLY H 141 39.58 28.39 9.19
C GLY H 141 38.32 27.58 9.04
N GLY H 142 38.45 26.25 8.97
CA GLY H 142 37.29 25.39 8.89
C GLY H 142 36.55 25.21 10.20
N HIS H 143 37.14 25.65 11.31
CA HIS H 143 36.51 25.51 12.62
C HIS H 143 35.40 26.54 12.79
N ALA H 144 34.54 26.29 13.78
CA ALA H 144 33.49 27.22 14.13
C ALA H 144 34.03 28.29 15.07
N VAL H 145 33.17 29.24 15.42
CA VAL H 145 33.57 30.38 16.24
C VAL H 145 32.57 30.56 17.37
N ASN H 146 33.08 30.93 18.55
CA ASN H 146 32.25 31.36 19.65
C ASN H 146 32.26 32.90 19.70
N LYS H 147 31.43 33.47 20.56
CA LYS H 147 31.38 34.92 20.66
C LYS H 147 32.64 35.50 21.28
N THR H 148 33.45 34.68 21.96
CA THR H 148 34.68 35.18 22.56
C THR H 148 35.60 35.76 21.49
N GLN H 149 35.76 35.05 20.36
CA GLN H 149 36.53 35.62 19.26
C GLN H 149 35.88 36.89 18.73
N LEU H 150 34.55 36.88 18.59
CA LEU H 150 33.85 38.08 18.13
C LEU H 150 34.01 39.22 19.13
N ASP H 151 33.93 38.91 20.42
CA ASP H 151 34.11 39.94 21.45
C ASP H 151 35.52 40.54 21.39
N THR H 152 36.54 39.69 21.23
CA THR H 152 37.91 40.19 21.15
C THR H 152 38.09 41.04 19.90
N LEU H 153 37.55 40.59 18.77
CA LEU H 153 37.65 41.39 17.54
C LEU H 153 36.93 42.72 17.69
N SER H 154 35.74 42.71 18.30
CA SER H 154 35.02 43.95 18.52
C SER H 154 35.80 44.87 19.47
N SER H 155 36.36 44.31 20.54
CA SER H 155 37.17 45.10 21.46
C SER H 155 38.41 45.65 20.77
N HIS H 156 39.07 44.82 19.95
CA HIS H 156 40.22 45.29 19.19
C HIS H 156 39.82 46.39 18.21
N VAL H 157 38.65 46.25 17.58
CA VAL H 157 38.13 47.30 16.72
C VAL H 157 37.90 48.57 17.51
N ASP H 158 37.31 48.45 18.70
CA ASP H 158 37.08 49.61 19.54
C ASP H 158 38.38 50.28 19.96
N ASP H 159 39.40 49.49 20.28
CA ASP H 159 40.67 50.05 20.71
C ASP H 159 41.30 50.92 19.63
N VAL H 160 41.27 50.45 18.38
CA VAL H 160 41.78 51.26 17.28
C VAL H 160 40.88 52.46 17.05
N ASP H 161 39.56 52.28 17.20
CA ASP H 161 38.64 53.40 17.01
C ASP H 161 38.91 54.52 18.02
N GLN H 162 39.19 54.15 19.27
CA GLN H 162 39.59 55.15 20.25
C GLN H 162 40.89 55.84 19.85
N LYS H 163 41.85 55.08 19.33
CA LYS H 163 43.06 55.67 18.80
C LYS H 163 42.74 56.55 17.60
N HIS H 164 41.80 56.11 16.75
CA HIS H 164 41.34 56.93 15.64
C HIS H 164 40.82 58.27 16.11
N THR H 165 40.11 58.28 17.25
CA THR H 165 39.58 59.53 17.77
C THR H 165 40.68 60.43 18.29
N ILE H 166 41.42 59.98 19.30
CA ILE H 166 42.36 60.83 20.01
C ILE H 166 43.48 61.30 19.08
N TRP H 167 43.93 60.42 18.18
CA TRP H 167 45.03 60.80 17.30
C TRP H 167 44.54 61.66 16.15
N ASN H 168 43.21 61.71 15.94
CA ASN H 168 42.61 62.73 15.11
C ASN H 168 42.14 63.94 15.92
N ASP H 169 41.94 63.77 17.23
CA ASP H 169 41.54 64.91 18.06
C ASP H 169 42.63 65.98 18.08
N ARG H 170 43.88 65.58 18.34
CA ARG H 170 44.97 66.55 18.39
C ARG H 170 45.15 67.25 17.05
N GLN H 171 44.66 66.65 15.97
CA GLN H 171 44.67 67.31 14.67
C GLN H 171 43.72 68.50 14.65
N ASP H 172 42.61 68.40 15.37
CA ASP H 172 41.60 69.45 15.34
C ASP H 172 42.13 70.76 15.91
N GLN H 173 42.83 70.70 17.05
CA GLN H 173 43.41 71.91 17.61
C GLN H 173 44.58 72.42 16.79
N GLN H 174 45.16 71.59 15.93
CA GLN H 174 46.30 71.99 15.12
C GLN H 174 45.85 72.87 13.95
#